data_1TH4
#
_entry.id   1TH4
#
_cell.length_a   85.030
_cell.length_b   141.090
_cell.length_c   231.000
_cell.angle_alpha   90.00
_cell.angle_beta   90.00
_cell.angle_gamma   90.00
#
_symmetry.space_group_name_H-M   'P 21 21 21'
#
loop_
_entity.id
_entity.type
_entity.pdbx_description
1 polymer Catalase
2 non-polymer 'PROTOPORPHYRIN IX CONTAINING FE'
3 non-polymer 3-AMINO-1,2,4-TRIAZOLE
4 water water
#
_entity_poly.entity_id   1
_entity_poly.type   'polypeptide(L)'
_entity_poly.pdbx_seq_one_letter_code
;ADNRDPASDQMKHWKEQRAAQKPDVLTTGGGNPVGDKLNSLTVGPRGPLLVQDVVFTDEMAHFDRERIPERVVHAKGAGA
FGYFEVTHDITRYSKAKVFEHIGKRTPIAVRFSTVAGESGSADTVRDPRGFAVKFYTEDGNWDLVGNNTPIFFIRDALLF
PSFIHSQKRNPQTHLKDPDMVWDFWSLRPESLHQVSFLFSDRGIPDGHRHMDGYGSHTFKLVNADGEAVYCKFHYKTDQG
IKNLSVEDAARLAHEDPDYGLRDLFNAIATGNYPSWTLYIQVMTFSEAEIFPFNPFDLTKVWPHGDYPLIPVGKLVLNRN
PVNYFAEVEQLAFDPSNMPPGIEPSPDKMLQGRLFAYPDTHRHRLGPNYLQIPVNCPYRARVANYQRDGPMCMMDNQGGA
PNYYPNSFSAPEHQPSALEHRTHFSGDVQRFNSANDDNVTQVRTFYLKVLNEEQRKRLCENIAGHLKDAQLFIQKKAVKN
FSDVHPEYGSRIQALLDKYNEEKPKN
;
_entity_poly.pdbx_strand_id   A,B,C,D
#
# COMPACT_ATOMS: atom_id res chain seq x y z
N ASN A 3 9.69 18.42 -39.90
CA ASN A 3 9.59 16.97 -39.59
C ASN A 3 10.94 16.47 -39.04
N ARG A 4 10.98 16.18 -37.73
CA ARG A 4 12.21 15.75 -37.10
C ARG A 4 12.29 14.24 -36.90
N ASP A 5 12.94 13.84 -35.82
CA ASP A 5 13.06 12.41 -35.48
C ASP A 5 11.68 11.92 -35.05
N PRO A 6 11.32 10.70 -35.44
CA PRO A 6 10.03 10.09 -35.09
C PRO A 6 9.63 10.20 -33.62
N ALA A 7 10.62 10.30 -32.74
CA ALA A 7 10.36 10.40 -31.30
C ALA A 7 9.74 11.74 -30.94
N SER A 8 10.24 12.81 -31.55
CA SER A 8 9.75 14.14 -31.28
C SER A 8 8.32 14.36 -31.72
N ASP A 9 8.03 13.92 -32.95
CA ASP A 9 6.72 14.08 -33.55
C ASP A 9 5.64 13.13 -32.95
N GLN A 10 5.93 12.48 -31.83
CA GLN A 10 4.97 11.55 -31.21
C GLN A 10 3.49 11.98 -31.24
N MET A 11 3.20 13.15 -30.72
CA MET A 11 1.84 13.68 -30.70
C MET A 11 1.31 13.97 -32.10
N LYS A 12 2.22 14.25 -33.03
CA LYS A 12 1.88 14.54 -34.40
C LYS A 12 1.22 13.33 -35.03
N HIS A 13 1.98 12.26 -35.18
CA HIS A 13 1.46 11.04 -35.76
C HIS A 13 0.21 10.57 -35.04
N TRP A 14 0.01 11.07 -33.84
CA TRP A 14 -1.16 10.66 -33.08
C TRP A 14 -2.35 11.36 -33.71
N LYS A 15 -2.44 12.67 -33.48
CA LYS A 15 -3.50 13.45 -34.06
C LYS A 15 -3.70 12.90 -35.46
N GLU A 16 -2.60 12.75 -36.18
CA GLU A 16 -2.62 12.23 -37.54
C GLU A 16 -3.29 10.88 -37.61
N GLN A 17 -2.81 9.95 -36.78
CA GLN A 17 -3.34 8.60 -36.72
C GLN A 17 -4.86 8.56 -36.69
N ARG A 18 -5.47 9.37 -35.82
CA ARG A 18 -6.90 9.43 -35.74
C ARG A 18 -7.37 10.78 -36.27
N ALA A 19 -7.31 10.92 -37.59
CA ALA A 19 -7.66 12.14 -38.29
C ALA A 19 -9.16 12.46 -38.32
N ALA A 20 -9.88 11.88 -39.27
CA ALA A 20 -11.31 12.11 -39.42
C ALA A 20 -12.13 11.80 -38.17
N GLN A 21 -11.64 10.88 -37.34
CA GLN A 21 -12.31 10.48 -36.10
C GLN A 21 -12.40 11.61 -35.07
N LYS A 22 -13.61 12.06 -34.79
CA LYS A 22 -13.83 13.16 -33.83
C LYS A 22 -13.42 12.80 -32.40
N PRO A 23 -12.93 13.80 -31.64
CA PRO A 23 -12.50 13.61 -30.26
C PRO A 23 -13.57 12.91 -29.41
N ASP A 24 -13.10 12.14 -28.42
CA ASP A 24 -14.01 11.43 -27.53
C ASP A 24 -14.42 12.38 -26.40
N VAL A 25 -15.50 12.05 -25.70
CA VAL A 25 -15.93 12.91 -24.62
C VAL A 25 -15.03 12.76 -23.39
N LEU A 26 -14.72 13.88 -22.75
CA LEU A 26 -13.90 13.87 -21.55
C LEU A 26 -14.76 13.40 -20.38
N THR A 27 -14.22 12.47 -19.60
CA THR A 27 -15.00 11.95 -18.48
C THR A 27 -14.16 11.80 -17.22
N THR A 28 -14.85 11.78 -16.09
CA THR A 28 -14.20 11.59 -14.82
C THR A 28 -13.84 10.11 -14.78
N GLY A 29 -13.27 9.66 -13.68
CA GLY A 29 -12.94 8.24 -13.56
C GLY A 29 -14.20 7.40 -13.71
N GLY A 30 -15.28 7.89 -13.09
CA GLY A 30 -16.57 7.20 -13.17
C GLY A 30 -17.21 7.11 -14.55
N GLY A 31 -16.74 7.94 -15.50
CA GLY A 31 -17.30 7.91 -16.83
C GLY A 31 -18.27 9.04 -17.12
N ASN A 32 -18.73 9.70 -16.06
CA ASN A 32 -19.66 10.82 -16.19
C ASN A 32 -18.98 11.87 -17.08
N PRO A 33 -19.70 12.42 -18.06
CA PRO A 33 -19.16 13.44 -18.96
C PRO A 33 -18.82 14.73 -18.21
N VAL A 34 -17.77 15.40 -18.65
CA VAL A 34 -17.33 16.64 -18.01
C VAL A 34 -17.69 17.93 -18.77
N GLY A 35 -18.46 18.79 -18.12
CA GLY A 35 -18.89 20.04 -18.72
C GLY A 35 -17.75 20.99 -18.99
N ASP A 36 -17.31 21.71 -17.96
CA ASP A 36 -16.22 22.67 -18.09
C ASP A 36 -15.04 22.22 -17.26
N LYS A 37 -13.98 21.72 -17.89
CA LYS A 37 -12.83 21.24 -17.10
C LYS A 37 -11.74 22.27 -16.84
N LEU A 38 -12.06 23.56 -17.00
CA LEU A 38 -11.04 24.59 -16.80
C LEU A 38 -11.19 25.42 -15.52
N ASN A 39 -12.42 25.70 -15.10
CA ASN A 39 -12.59 26.51 -13.91
C ASN A 39 -13.36 25.79 -12.83
N SER A 40 -12.70 25.59 -11.70
CA SER A 40 -13.31 24.92 -10.58
C SER A 40 -14.58 25.63 -10.15
N LEU A 41 -15.40 24.90 -9.39
CA LEU A 41 -16.68 25.42 -8.89
C LEU A 41 -16.49 26.23 -7.61
N THR A 42 -16.39 27.55 -7.76
CA THR A 42 -16.23 28.43 -6.62
C THR A 42 -17.45 29.29 -6.40
N VAL A 43 -17.87 29.35 -5.14
CA VAL A 43 -19.02 30.16 -4.76
C VAL A 43 -18.64 31.62 -4.94
N GLY A 44 -19.07 32.20 -6.05
CA GLY A 44 -18.74 33.60 -6.31
C GLY A 44 -17.44 33.61 -7.11
N PRO A 45 -17.33 34.49 -8.11
CA PRO A 45 -16.15 34.64 -8.97
C PRO A 45 -14.83 34.89 -8.24
N ARG A 46 -14.89 34.89 -6.92
CA ARG A 46 -13.69 35.10 -6.12
C ARG A 46 -13.91 34.48 -4.74
N GLY A 47 -14.74 33.45 -4.71
CA GLY A 47 -15.06 32.75 -3.47
C GLY A 47 -14.32 31.42 -3.35
N PRO A 48 -14.55 30.65 -2.27
CA PRO A 48 -13.92 29.35 -2.04
C PRO A 48 -14.22 28.25 -3.06
N LEU A 49 -13.65 27.06 -2.80
CA LEU A 49 -13.85 25.91 -3.69
C LEU A 49 -14.72 24.85 -3.01
N LEU A 50 -15.89 24.60 -3.59
CA LEU A 50 -16.85 23.64 -3.08
C LEU A 50 -16.37 22.19 -3.13
N VAL A 51 -16.44 21.52 -2.00
CA VAL A 51 -16.05 20.11 -1.90
C VAL A 51 -17.03 19.35 -2.75
N GLN A 52 -18.01 20.12 -3.26
CA GLN A 52 -19.05 19.56 -4.11
C GLN A 52 -18.54 19.39 -5.55
N ASP A 53 -17.41 20.02 -5.86
CA ASP A 53 -16.87 19.89 -7.20
C ASP A 53 -16.14 18.55 -7.29
N VAL A 54 -16.73 17.62 -8.04
CA VAL A 54 -16.16 16.30 -8.18
C VAL A 54 -15.17 16.18 -9.33
N VAL A 55 -15.40 16.93 -10.40
CA VAL A 55 -14.48 16.88 -11.53
C VAL A 55 -13.09 17.12 -11.01
N PHE A 56 -12.92 18.22 -10.25
CA PHE A 56 -11.63 18.53 -9.68
C PHE A 56 -11.16 17.32 -8.88
N THR A 57 -11.65 17.24 -7.65
CA THR A 57 -11.28 16.18 -6.75
C THR A 57 -10.93 14.86 -7.45
N ASP A 58 -11.82 14.37 -8.29
CA ASP A 58 -11.58 13.12 -9.03
C ASP A 58 -10.21 13.18 -9.70
N GLU A 59 -10.09 14.07 -10.70
CA GLU A 59 -8.87 14.24 -11.46
C GLU A 59 -7.66 14.53 -10.55
N MET A 60 -7.85 15.42 -9.58
CA MET A 60 -6.76 15.79 -8.68
C MET A 60 -6.29 14.64 -7.81
N ALA A 61 -7.22 13.93 -7.20
CA ALA A 61 -6.88 12.82 -6.33
C ALA A 61 -6.07 11.79 -7.09
N HIS A 62 -6.41 11.59 -8.36
CA HIS A 62 -5.67 10.60 -9.14
C HIS A 62 -4.30 11.14 -9.46
N PHE A 63 -4.25 12.40 -9.87
CA PHE A 63 -2.96 13.01 -10.17
C PHE A 63 -2.05 12.75 -8.98
N ASP A 64 -2.60 12.94 -7.77
CA ASP A 64 -1.87 12.75 -6.52
C ASP A 64 -1.32 11.34 -6.24
N ARG A 65 -1.69 10.33 -7.03
CA ARG A 65 -1.23 8.97 -6.79
C ARG A 65 -0.55 8.36 -8.01
N GLU A 66 -0.19 9.19 -8.98
CA GLU A 66 0.44 8.69 -10.18
C GLU A 66 1.77 7.96 -9.96
N ARG A 67 2.52 8.40 -8.96
CA ARG A 67 3.84 7.82 -8.68
C ARG A 67 3.96 6.59 -7.78
N ILE A 68 4.59 5.56 -8.33
CA ILE A 68 4.84 4.31 -7.63
C ILE A 68 6.35 4.22 -7.41
N PRO A 69 6.80 3.36 -6.49
CA PRO A 69 8.28 3.30 -6.29
C PRO A 69 8.98 2.92 -7.59
N GLU A 70 10.22 3.34 -7.71
CA GLU A 70 11.00 3.03 -8.90
C GLU A 70 11.81 1.79 -8.55
N ARG A 71 12.04 0.93 -9.52
CA ARG A 71 12.82 -0.28 -9.26
C ARG A 71 13.93 0.01 -8.26
N VAL A 72 14.17 -0.93 -7.35
CA VAL A 72 15.20 -0.77 -6.32
C VAL A 72 16.53 -0.27 -6.94
N VAL A 73 17.04 -1.02 -7.93
CA VAL A 73 18.24 -0.66 -8.68
C VAL A 73 17.84 -0.76 -10.14
N HIS A 74 18.51 0.00 -11.00
CA HIS A 74 18.18 0.00 -12.43
C HIS A 74 16.91 0.82 -12.61
N ALA A 75 16.82 1.93 -11.91
CA ALA A 75 15.64 2.80 -11.97
C ALA A 75 15.38 3.40 -13.35
N LYS A 76 16.43 3.75 -14.07
CA LYS A 76 16.30 4.37 -15.39
C LYS A 76 16.53 3.35 -16.50
N GLY A 77 15.55 3.20 -17.36
CA GLY A 77 15.67 2.24 -18.46
C GLY A 77 14.85 2.54 -19.70
N ALA A 78 14.87 1.61 -20.66
CA ALA A 78 14.16 1.68 -21.93
C ALA A 78 13.50 0.33 -22.22
N GLY A 79 12.33 0.35 -22.86
CA GLY A 79 11.68 -0.91 -23.13
C GLY A 79 11.02 -1.03 -24.50
N ALA A 80 11.14 -2.21 -25.10
CA ALA A 80 10.56 -2.49 -26.39
C ALA A 80 10.10 -3.93 -26.46
N PHE A 81 9.19 -4.20 -27.40
CA PHE A 81 8.65 -5.53 -27.57
C PHE A 81 9.00 -6.03 -28.96
N GLY A 82 9.24 -7.33 -29.07
CA GLY A 82 9.58 -7.91 -30.34
C GLY A 82 9.33 -9.40 -30.27
N TYR A 83 10.18 -10.20 -30.90
CA TYR A 83 9.97 -11.65 -30.87
C TYR A 83 11.27 -12.42 -30.90
N PHE A 84 11.17 -13.73 -30.72
CA PHE A 84 12.33 -14.58 -30.79
C PHE A 84 12.02 -15.71 -31.75
N GLU A 85 13.00 -16.05 -32.60
CA GLU A 85 12.83 -17.10 -33.59
C GLU A 85 13.95 -18.12 -33.48
N VAL A 86 13.56 -19.36 -33.17
CA VAL A 86 14.50 -20.47 -33.04
C VAL A 86 15.10 -20.77 -34.42
N THR A 87 16.37 -21.13 -34.45
CA THR A 87 17.03 -21.43 -35.72
C THR A 87 18.06 -22.54 -35.61
N HIS A 88 18.05 -23.26 -34.52
CA HIS A 88 19.01 -24.35 -34.33
C HIS A 88 18.42 -25.33 -33.34
N ASP A 89 18.43 -26.61 -33.68
CA ASP A 89 17.88 -27.60 -32.78
C ASP A 89 18.86 -27.87 -31.65
N ILE A 90 18.56 -27.36 -30.46
CA ILE A 90 19.42 -27.60 -29.30
C ILE A 90 18.60 -28.45 -28.32
N THR A 91 17.42 -28.85 -28.78
CA THR A 91 16.52 -29.64 -27.97
C THR A 91 17.19 -30.81 -27.25
N ARG A 92 18.35 -31.22 -27.69
CA ARG A 92 19.03 -32.32 -27.03
C ARG A 92 19.63 -31.85 -25.71
N TYR A 93 19.39 -30.60 -25.37
CA TYR A 93 19.91 -30.01 -24.12
C TYR A 93 18.81 -29.49 -23.23
N SER A 94 17.68 -29.10 -23.82
CA SER A 94 16.55 -28.58 -23.06
C SER A 94 15.24 -28.87 -23.77
N LYS A 95 14.28 -29.39 -23.03
CA LYS A 95 12.98 -29.70 -23.56
C LYS A 95 12.10 -28.48 -23.49
N ALA A 96 12.72 -27.32 -23.26
CA ALA A 96 11.98 -26.07 -23.16
C ALA A 96 11.12 -25.86 -24.41
N LYS A 97 9.82 -25.65 -24.19
CA LYS A 97 8.87 -25.47 -25.29
C LYS A 97 9.16 -24.18 -26.09
N VAL A 98 10.19 -23.47 -25.70
CA VAL A 98 10.53 -22.23 -26.40
C VAL A 98 11.46 -22.49 -27.59
N PHE A 99 12.40 -23.42 -27.43
CA PHE A 99 13.33 -23.76 -28.51
C PHE A 99 12.73 -24.91 -29.32
N GLU A 100 11.50 -25.27 -28.94
CA GLU A 100 10.72 -26.37 -29.52
C GLU A 100 11.03 -26.81 -30.96
N HIS A 101 11.41 -25.88 -31.84
CA HIS A 101 11.69 -26.28 -33.22
C HIS A 101 11.92 -25.13 -34.20
N ILE A 102 12.84 -25.37 -35.13
CA ILE A 102 13.21 -24.38 -36.15
C ILE A 102 12.03 -23.53 -36.59
N GLY A 103 12.26 -22.23 -36.70
CA GLY A 103 11.24 -21.29 -37.12
C GLY A 103 10.30 -20.88 -36.02
N LYS A 104 10.38 -21.55 -34.89
CA LYS A 104 9.51 -21.24 -33.74
C LYS A 104 9.56 -19.76 -33.36
N ARG A 105 8.40 -19.18 -33.13
CA ARG A 105 8.29 -17.77 -32.79
C ARG A 105 7.63 -17.57 -31.41
N THR A 106 8.33 -16.87 -30.53
CA THR A 106 7.84 -16.58 -29.21
C THR A 106 7.93 -15.09 -28.94
N PRO A 107 6.80 -14.48 -28.56
CA PRO A 107 6.83 -13.02 -28.29
C PRO A 107 7.77 -12.74 -27.13
N ILE A 108 8.45 -11.60 -27.22
CA ILE A 108 9.35 -11.22 -26.16
C ILE A 108 9.11 -9.77 -25.77
N ALA A 109 9.64 -9.38 -24.63
CA ALA A 109 9.55 -8.02 -24.13
C ALA A 109 10.85 -7.79 -23.38
N VAL A 110 11.62 -6.77 -23.79
CA VAL A 110 12.88 -6.50 -23.14
C VAL A 110 12.96 -5.12 -22.55
N ARG A 111 13.87 -4.94 -21.62
CA ARG A 111 14.11 -3.63 -21.02
C ARG A 111 15.59 -3.43 -20.78
N PHE A 112 16.10 -2.27 -21.19
CA PHE A 112 17.51 -1.93 -21.00
C PHE A 112 17.60 -0.98 -19.83
N SER A 113 18.73 -0.97 -19.12
CA SER A 113 18.82 -0.10 -17.97
C SER A 113 20.23 0.21 -17.47
N THR A 114 20.30 1.20 -16.59
CA THR A 114 21.55 1.54 -15.94
C THR A 114 21.35 0.84 -14.61
N VAL A 115 22.17 1.18 -13.63
CA VAL A 115 22.04 0.51 -12.35
C VAL A 115 21.80 1.42 -11.15
N ALA A 116 22.75 2.30 -10.89
CA ALA A 116 22.70 3.19 -9.73
C ALA A 116 21.80 4.41 -9.76
N GLY A 117 21.70 5.06 -10.92
CA GLY A 117 20.88 6.24 -11.02
C GLY A 117 19.41 6.01 -10.78
N GLU A 118 18.74 7.06 -10.33
CA GLU A 118 17.31 7.00 -10.07
C GLU A 118 16.59 7.40 -11.38
N SER A 119 15.30 7.68 -11.30
CA SER A 119 14.53 8.01 -12.48
C SER A 119 15.01 9.20 -13.31
N GLY A 120 15.55 10.21 -12.67
CA GLY A 120 16.01 11.35 -13.44
C GLY A 120 17.40 11.17 -14.02
N SER A 121 18.06 10.10 -13.59
CA SER A 121 19.43 9.78 -14.01
C SER A 121 19.72 9.73 -15.51
N ALA A 122 20.92 10.15 -15.88
CA ALA A 122 21.39 10.19 -17.27
C ALA A 122 21.79 8.80 -17.77
N ASP A 123 21.56 8.56 -19.06
CA ASP A 123 21.85 7.28 -19.69
C ASP A 123 23.31 6.97 -19.96
N THR A 124 24.02 7.95 -20.49
CA THR A 124 25.42 7.79 -20.89
C THR A 124 26.43 7.94 -19.77
N VAL A 125 26.36 7.05 -18.78
CA VAL A 125 27.27 7.07 -17.65
C VAL A 125 27.92 5.68 -17.49
N ARG A 126 29.11 5.62 -16.90
CA ARG A 126 29.76 4.33 -16.67
C ARG A 126 28.86 3.61 -15.68
N ASP A 127 28.44 2.39 -16.01
CA ASP A 127 27.55 1.59 -15.16
C ASP A 127 27.23 0.30 -15.89
N PRO A 128 27.03 -0.81 -15.17
CA PRO A 128 26.72 -2.01 -15.96
C PRO A 128 25.41 -1.65 -16.66
N ARG A 129 24.88 -2.57 -17.45
CA ARG A 129 23.63 -2.31 -18.15
C ARG A 129 22.72 -3.53 -18.03
N GLY A 130 21.45 -3.27 -17.74
CA GLY A 130 20.51 -4.35 -17.63
C GLY A 130 19.92 -4.71 -18.97
N PHE A 131 19.81 -6.01 -19.25
CA PHE A 131 19.27 -6.51 -20.50
C PHE A 131 18.32 -7.65 -20.18
N ALA A 132 17.20 -7.32 -19.57
CA ALA A 132 16.18 -8.28 -19.16
C ALA A 132 15.14 -8.63 -20.21
N VAL A 133 15.17 -9.88 -20.66
CA VAL A 133 14.21 -10.34 -21.65
C VAL A 133 13.06 -11.10 -20.99
N LYS A 134 11.91 -11.09 -21.65
CA LYS A 134 10.74 -11.78 -21.18
C LYS A 134 10.16 -12.48 -22.40
N PHE A 135 9.95 -13.80 -22.29
CA PHE A 135 9.37 -14.60 -23.36
C PHE A 135 8.00 -15.09 -22.88
N TYR A 136 6.99 -15.02 -23.75
CA TYR A 136 5.67 -15.48 -23.40
C TYR A 136 5.48 -16.85 -24.05
N THR A 137 6.19 -17.84 -23.52
CA THR A 137 6.14 -19.20 -24.05
C THR A 137 4.87 -19.96 -23.67
N GLU A 138 4.51 -20.93 -24.51
CA GLU A 138 3.34 -21.76 -24.33
C GLU A 138 3.29 -22.44 -22.97
N ASP A 139 4.45 -22.52 -22.31
CA ASP A 139 4.55 -23.15 -21.00
C ASP A 139 4.62 -22.12 -19.88
N GLY A 140 4.32 -20.87 -20.20
CA GLY A 140 4.38 -19.85 -19.19
C GLY A 140 5.56 -18.94 -19.47
N ASN A 141 5.55 -17.75 -18.92
CA ASN A 141 6.62 -16.81 -19.14
C ASN A 141 7.98 -17.30 -18.67
N TRP A 142 8.99 -17.07 -19.48
CA TRP A 142 10.36 -17.43 -19.16
C TRP A 142 11.17 -16.15 -19.21
N ASP A 143 11.55 -15.63 -18.06
CA ASP A 143 12.35 -14.43 -17.98
C ASP A 143 13.84 -14.77 -17.89
N LEU A 144 14.67 -14.15 -18.74
CA LEU A 144 16.11 -14.38 -18.70
C LEU A 144 16.66 -12.97 -18.51
N VAL A 145 16.95 -12.62 -17.27
CA VAL A 145 17.42 -11.27 -16.95
C VAL A 145 18.90 -11.00 -17.23
N GLY A 146 19.19 -10.66 -18.46
CA GLY A 146 20.57 -10.39 -18.86
C GLY A 146 21.19 -9.05 -18.47
N ASN A 147 22.51 -9.06 -18.40
CA ASN A 147 23.32 -7.91 -18.06
C ASN A 147 24.29 -7.69 -19.22
N ASN A 148 24.68 -6.45 -19.43
CA ASN A 148 25.63 -6.13 -20.51
C ASN A 148 27.04 -6.72 -20.25
N THR A 149 27.16 -7.47 -19.17
CA THR A 149 28.40 -8.13 -18.77
C THR A 149 28.05 -9.54 -18.31
N PRO A 150 28.87 -10.56 -18.67
CA PRO A 150 28.57 -11.93 -18.23
C PRO A 150 29.08 -12.28 -16.84
N ILE A 151 29.32 -11.28 -16.02
CA ILE A 151 29.83 -11.51 -14.68
C ILE A 151 29.39 -10.39 -13.75
N PHE A 152 29.55 -10.61 -12.45
CA PHE A 152 29.16 -9.60 -11.49
C PHE A 152 30.25 -9.39 -10.45
N PHE A 153 30.13 -8.35 -9.64
CA PHE A 153 31.12 -8.02 -8.63
C PHE A 153 31.27 -9.07 -7.51
N ILE A 154 30.21 -9.32 -6.75
CA ILE A 154 30.26 -10.26 -5.64
C ILE A 154 29.82 -11.65 -6.04
N ARG A 155 30.13 -12.64 -5.22
CA ARG A 155 29.73 -14.00 -5.54
C ARG A 155 28.76 -14.62 -4.56
N ASP A 156 28.28 -13.84 -3.61
CA ASP A 156 27.30 -14.31 -2.63
C ASP A 156 26.19 -13.26 -2.50
N ALA A 157 24.95 -13.71 -2.66
CA ALA A 157 23.77 -12.83 -2.58
C ALA A 157 23.61 -11.99 -1.33
N LEU A 158 24.25 -12.38 -0.23
CA LEU A 158 24.13 -11.62 1.01
C LEU A 158 24.86 -10.28 1.01
N LEU A 159 26.00 -10.24 0.34
CA LEU A 159 26.81 -9.02 0.25
C LEU A 159 26.33 -8.08 -0.85
N PHE A 160 25.12 -8.33 -1.33
CA PHE A 160 24.56 -7.55 -2.40
C PHE A 160 23.87 -6.24 -1.98
N PRO A 161 22.95 -6.33 -1.02
CA PRO A 161 22.31 -5.09 -0.63
C PRO A 161 23.39 -4.08 -0.25
N SER A 162 24.47 -4.59 0.34
CA SER A 162 25.59 -3.75 0.72
C SER A 162 26.26 -3.12 -0.47
N PHE A 163 26.50 -3.93 -1.50
CA PHE A 163 27.11 -3.42 -2.72
C PHE A 163 26.36 -2.22 -3.26
N ILE A 164 25.09 -2.42 -3.60
CA ILE A 164 24.26 -1.37 -4.12
C ILE A 164 24.25 -0.15 -3.23
N HIS A 165 24.22 -0.38 -1.91
CA HIS A 165 24.23 0.75 -1.03
C HIS A 165 25.46 1.60 -1.29
N SER A 166 26.63 0.97 -1.31
CA SER A 166 27.88 1.69 -1.53
C SER A 166 27.82 2.56 -2.75
N GLN A 167 27.14 2.05 -3.77
CA GLN A 167 27.00 2.77 -5.05
C GLN A 167 26.09 3.98 -4.99
N LYS A 168 24.89 3.81 -4.40
CA LYS A 168 23.92 4.89 -4.31
C LYS A 168 24.27 6.04 -3.37
N ARG A 169 23.33 6.92 -3.06
CA ARG A 169 23.66 8.05 -2.20
C ARG A 169 24.06 7.70 -0.78
N ASN A 170 24.75 8.61 -0.13
CA ASN A 170 25.17 8.38 1.23
C ASN A 170 23.98 8.60 2.14
N PRO A 171 23.82 7.76 3.17
CA PRO A 171 22.73 7.85 4.13
C PRO A 171 22.50 9.22 4.72
N GLN A 172 23.56 10.03 4.72
CA GLN A 172 23.45 11.35 5.28
C GLN A 172 23.40 12.46 4.26
N THR A 173 24.53 12.75 3.63
CA THR A 173 24.57 13.85 2.66
C THR A 173 23.64 13.63 1.47
N HIS A 174 23.53 12.37 1.04
CA HIS A 174 22.68 12.00 -0.08
C HIS A 174 23.45 12.17 -1.38
N LEU A 175 24.77 12.33 -1.27
CA LEU A 175 25.63 12.48 -2.45
C LEU A 175 26.36 11.16 -2.65
N LYS A 176 26.76 10.88 -3.89
CA LYS A 176 27.50 9.64 -4.16
C LYS A 176 28.79 9.77 -3.37
N ASP A 177 29.18 8.69 -2.70
CA ASP A 177 30.35 8.68 -1.86
C ASP A 177 31.44 7.74 -2.35
N PRO A 178 32.48 8.29 -3.03
CA PRO A 178 33.57 7.44 -3.52
C PRO A 178 34.26 6.69 -2.38
N ASP A 179 34.28 7.27 -1.19
CA ASP A 179 34.86 6.62 -0.02
C ASP A 179 34.06 5.34 0.19
N MET A 180 32.73 5.44 0.06
CA MET A 180 31.83 4.31 0.22
C MET A 180 32.13 3.27 -0.85
N VAL A 181 32.02 3.66 -2.11
CA VAL A 181 32.26 2.77 -3.22
C VAL A 181 33.56 1.97 -3.16
N TRP A 182 34.69 2.66 -3.21
CA TRP A 182 35.97 1.98 -3.20
C TRP A 182 36.32 1.27 -1.90
N ASP A 183 35.84 1.81 -0.78
CA ASP A 183 36.10 1.15 0.49
C ASP A 183 35.54 -0.25 0.36
N PHE A 184 34.40 -0.34 -0.32
CA PHE A 184 33.74 -1.61 -0.51
C PHE A 184 34.53 -2.51 -1.44
N TRP A 185 34.70 -2.06 -2.67
CA TRP A 185 35.45 -2.84 -3.63
C TRP A 185 36.81 -3.28 -3.09
N SER A 186 37.47 -2.40 -2.34
CA SER A 186 38.77 -2.68 -1.77
C SER A 186 38.73 -3.86 -0.79
N LEU A 187 37.61 -3.97 -0.07
CA LEU A 187 37.43 -5.04 0.91
C LEU A 187 36.95 -6.36 0.30
N ARG A 188 36.48 -6.34 -0.93
CA ARG A 188 35.99 -7.56 -1.57
C ARG A 188 36.57 -7.71 -2.97
N PRO A 189 37.81 -8.17 -3.07
CA PRO A 189 38.54 -8.37 -4.33
C PRO A 189 37.86 -9.23 -5.39
N GLU A 190 36.80 -9.93 -5.03
CA GLU A 190 36.12 -10.76 -6.00
C GLU A 190 35.63 -9.87 -7.15
N SER A 191 35.44 -8.59 -6.84
CA SER A 191 34.95 -7.63 -7.83
C SER A 191 35.93 -7.27 -8.94
N LEU A 192 37.22 -7.47 -8.69
CA LEU A 192 38.28 -7.16 -9.63
C LEU A 192 37.88 -7.42 -11.07
N HIS A 193 37.48 -8.64 -11.36
CA HIS A 193 37.10 -9.03 -12.70
C HIS A 193 36.06 -8.06 -13.29
N GLN A 194 34.86 -8.08 -12.74
CA GLN A 194 33.82 -7.20 -13.23
C GLN A 194 34.20 -5.74 -13.14
N VAL A 195 34.77 -5.34 -12.02
CA VAL A 195 35.17 -3.97 -11.80
C VAL A 195 36.08 -3.51 -12.95
N SER A 196 36.92 -4.41 -13.44
CA SER A 196 37.83 -4.14 -14.52
C SER A 196 37.10 -3.95 -15.82
N PHE A 197 36.08 -4.76 -16.04
CA PHE A 197 35.29 -4.69 -17.24
C PHE A 197 34.60 -3.32 -17.17
N LEU A 198 33.91 -3.07 -16.06
CA LEU A 198 33.18 -1.84 -15.88
C LEU A 198 33.96 -0.61 -16.29
N PHE A 199 35.16 -0.43 -15.77
CA PHE A 199 35.94 0.74 -16.12
C PHE A 199 36.62 0.69 -17.47
N SER A 200 36.20 -0.27 -18.30
CA SER A 200 36.76 -0.41 -19.63
C SER A 200 35.74 0.23 -20.57
N ASP A 201 36.12 0.48 -21.82
CA ASP A 201 35.22 1.10 -22.76
C ASP A 201 33.81 0.58 -22.74
N ARG A 202 33.67 -0.67 -22.38
CA ARG A 202 32.37 -1.33 -22.31
C ARG A 202 31.44 -0.78 -21.22
N GLY A 203 31.99 -0.01 -20.30
CA GLY A 203 31.16 0.55 -19.23
C GLY A 203 30.22 1.65 -19.65
N ILE A 204 30.33 2.11 -20.89
CA ILE A 204 29.44 3.17 -21.35
C ILE A 204 29.07 2.92 -22.81
N PRO A 205 28.22 1.91 -23.05
CA PRO A 205 27.80 1.62 -24.44
C PRO A 205 27.02 2.74 -25.11
N ASP A 206 27.32 2.99 -26.40
CA ASP A 206 26.62 4.00 -27.15
C ASP A 206 25.24 3.41 -27.43
N GLY A 207 24.25 3.85 -26.66
CA GLY A 207 22.90 3.37 -26.81
C GLY A 207 22.78 1.91 -26.43
N HIS A 208 21.54 1.41 -26.42
CA HIS A 208 21.31 0.02 -26.04
C HIS A 208 21.56 -0.94 -27.19
N ARG A 209 21.56 -0.42 -28.40
CA ARG A 209 21.74 -1.25 -29.57
C ARG A 209 23.15 -1.78 -29.81
N HIS A 210 24.09 -1.40 -28.96
CA HIS A 210 25.48 -1.82 -29.14
C HIS A 210 26.11 -2.49 -27.93
N MET A 211 25.32 -3.30 -27.23
CA MET A 211 25.82 -4.00 -26.06
C MET A 211 25.24 -5.41 -25.99
N ASP A 212 26.14 -6.37 -25.77
CA ASP A 212 25.75 -7.75 -25.67
C ASP A 212 24.96 -7.96 -24.40
N GLY A 213 24.12 -8.97 -24.38
CA GLY A 213 23.35 -9.30 -23.22
C GLY A 213 23.83 -10.67 -22.77
N TYR A 214 23.84 -10.95 -21.47
CA TYR A 214 24.31 -12.23 -20.99
C TYR A 214 23.42 -12.76 -19.86
N GLY A 215 23.49 -14.05 -19.59
CA GLY A 215 22.73 -14.59 -18.50
C GLY A 215 23.64 -14.58 -17.28
N SER A 216 24.94 -14.52 -17.53
CA SER A 216 25.98 -14.52 -16.50
C SER A 216 25.97 -15.80 -15.69
N HIS A 217 24.89 -16.01 -14.94
CA HIS A 217 24.72 -17.19 -14.12
C HIS A 217 24.75 -18.43 -14.93
N THR A 218 25.16 -19.52 -14.29
CA THR A 218 25.16 -20.82 -14.92
C THR A 218 23.75 -21.30 -14.64
N PHE A 219 23.12 -21.91 -15.62
CA PHE A 219 21.78 -22.44 -15.44
C PHE A 219 21.85 -23.90 -15.76
N LYS A 220 20.80 -24.63 -15.40
CA LYS A 220 20.75 -26.04 -15.66
C LYS A 220 19.67 -26.29 -16.68
N LEU A 221 20.05 -26.94 -17.78
CA LEU A 221 19.10 -27.27 -18.84
C LEU A 221 18.69 -28.72 -18.63
N VAL A 222 17.46 -29.05 -18.99
CA VAL A 222 16.95 -30.40 -18.85
C VAL A 222 16.12 -30.86 -20.06
N ASN A 223 16.63 -31.87 -20.77
CA ASN A 223 15.94 -32.36 -21.95
C ASN A 223 14.83 -33.37 -21.64
N ALA A 224 14.34 -34.02 -22.68
CA ALA A 224 13.26 -34.98 -22.58
C ALA A 224 13.55 -36.22 -21.74
N ASP A 225 14.79 -36.58 -21.63
CA ASP A 225 15.13 -37.76 -20.82
C ASP A 225 15.67 -37.32 -19.47
N GLY A 226 15.15 -36.19 -18.98
CA GLY A 226 15.59 -35.69 -17.71
C GLY A 226 17.10 -35.57 -17.68
N GLU A 227 17.71 -35.47 -18.86
CA GLU A 227 19.16 -35.34 -18.98
C GLU A 227 19.53 -33.86 -18.84
N ALA A 228 20.37 -33.58 -17.87
CA ALA A 228 20.80 -32.22 -17.59
C ALA A 228 22.13 -31.78 -18.19
N VAL A 229 22.44 -30.50 -17.97
CA VAL A 229 23.67 -29.90 -18.46
C VAL A 229 23.62 -28.43 -18.10
N TYR A 230 24.67 -27.96 -17.43
CA TYR A 230 24.75 -26.57 -17.04
C TYR A 230 24.97 -25.73 -18.28
N CYS A 231 24.76 -24.43 -18.18
CA CYS A 231 24.93 -23.58 -19.33
C CYS A 231 25.03 -22.10 -19.01
N LYS A 232 25.53 -21.36 -19.99
CA LYS A 232 25.70 -19.92 -19.89
C LYS A 232 24.91 -19.35 -21.06
N PHE A 233 24.20 -18.23 -20.81
CA PHE A 233 23.41 -17.57 -21.84
C PHE A 233 24.08 -16.32 -22.40
N HIS A 234 24.32 -16.34 -23.70
CA HIS A 234 24.94 -15.18 -24.36
C HIS A 234 24.08 -14.83 -25.58
N TYR A 235 23.94 -13.55 -25.85
CA TYR A 235 23.22 -13.09 -27.03
C TYR A 235 23.87 -11.78 -27.49
N LYS A 236 24.81 -11.90 -28.44
CA LYS A 236 25.55 -10.77 -28.95
C LYS A 236 24.78 -9.88 -29.90
N THR A 237 25.07 -8.59 -29.87
CA THR A 237 24.39 -7.64 -30.72
C THR A 237 24.66 -7.90 -32.18
N ASP A 238 23.66 -7.68 -33.02
CA ASP A 238 23.83 -7.89 -34.44
C ASP A 238 24.06 -6.53 -35.06
N GLN A 239 24.16 -5.53 -34.19
CA GLN A 239 24.37 -4.15 -34.64
C GLN A 239 25.84 -3.73 -34.44
N GLY A 240 26.66 -4.63 -33.93
CA GLY A 240 28.06 -4.31 -33.71
C GLY A 240 28.30 -3.62 -32.38
N ILE A 241 29.37 -4.04 -31.71
CA ILE A 241 29.74 -3.46 -30.42
C ILE A 241 30.23 -2.03 -30.64
N LYS A 242 29.57 -1.08 -29.98
CA LYS A 242 29.93 0.33 -30.11
C LYS A 242 29.80 1.02 -28.74
N ASN A 243 30.72 1.93 -28.41
CA ASN A 243 30.49 2.65 -27.09
C ASN A 243 31.03 4.04 -27.08
N LEU A 244 30.34 4.85 -26.29
CA LEU A 244 30.62 6.29 -26.21
C LEU A 244 31.86 6.55 -25.37
N SER A 245 32.75 7.38 -25.91
CA SER A 245 33.97 7.71 -25.20
C SER A 245 33.58 8.43 -23.90
N VAL A 246 34.56 8.66 -23.02
CA VAL A 246 34.27 9.33 -21.77
C VAL A 246 33.91 10.79 -22.02
N GLU A 247 34.26 11.29 -23.19
CA GLU A 247 34.00 12.67 -23.55
C GLU A 247 32.62 12.88 -24.14
N ASP A 248 32.21 11.97 -24.99
CA ASP A 248 30.88 12.08 -25.62
C ASP A 248 29.84 11.79 -24.59
N ALA A 249 30.15 10.87 -23.69
CA ALA A 249 29.26 10.46 -22.63
C ALA A 249 28.91 11.58 -21.66
N ALA A 250 29.90 12.39 -21.30
CA ALA A 250 29.65 13.49 -20.38
C ALA A 250 28.84 14.57 -21.07
N ARG A 251 29.20 14.84 -22.32
CA ARG A 251 28.49 15.85 -23.06
C ARG A 251 27.03 15.40 -23.10
N LEU A 252 26.81 14.24 -23.70
CA LEU A 252 25.46 13.70 -23.78
C LEU A 252 24.77 13.68 -22.43
N ALA A 253 25.53 13.35 -21.39
CA ALA A 253 24.98 13.30 -20.03
C ALA A 253 24.08 14.47 -19.70
N HIS A 254 24.48 15.69 -20.08
CA HIS A 254 23.62 16.83 -19.77
C HIS A 254 22.82 17.25 -21.00
N GLU A 255 23.38 16.99 -22.20
CA GLU A 255 22.70 17.35 -23.43
C GLU A 255 21.46 16.50 -23.63
N ASP A 256 21.64 15.18 -23.60
CA ASP A 256 20.54 14.25 -23.78
C ASP A 256 20.53 13.15 -22.73
N PRO A 257 20.01 13.46 -21.53
CA PRO A 257 19.99 12.44 -20.46
C PRO A 257 19.26 11.17 -20.87
N ASP A 258 18.27 11.30 -21.77
CA ASP A 258 17.52 10.15 -22.24
C ASP A 258 17.97 9.64 -23.60
N TYR A 259 19.29 9.68 -23.82
CA TYR A 259 19.90 9.25 -25.08
C TYR A 259 19.58 7.79 -25.47
N GLY A 260 19.62 6.87 -24.51
CA GLY A 260 19.33 5.49 -24.79
C GLY A 260 17.90 5.30 -25.23
N LEU A 261 17.00 5.91 -24.50
CA LEU A 261 15.57 5.88 -24.80
C LEU A 261 15.39 6.32 -26.24
N ARG A 262 15.76 7.59 -26.50
CA ARG A 262 15.61 8.19 -27.82
C ARG A 262 16.17 7.34 -28.95
N ASP A 263 17.36 6.78 -28.72
CA ASP A 263 18.02 5.97 -29.73
C ASP A 263 17.26 4.68 -30.02
N LEU A 264 16.81 4.01 -28.98
CA LEU A 264 16.09 2.77 -29.14
C LEU A 264 14.73 2.99 -29.79
N PHE A 265 14.03 4.03 -29.36
CA PHE A 265 12.72 4.33 -29.91
C PHE A 265 12.79 4.58 -31.39
N ASN A 266 13.60 5.56 -31.75
CA ASN A 266 13.79 5.94 -33.13
C ASN A 266 14.08 4.74 -34.04
N ALA A 267 15.13 3.99 -33.76
CA ALA A 267 15.46 2.83 -34.55
C ALA A 267 14.21 2.08 -34.99
N ILE A 268 13.57 1.42 -34.04
CA ILE A 268 12.36 0.68 -34.34
C ILE A 268 11.41 1.55 -35.13
N ALA A 269 10.99 2.67 -34.56
CA ALA A 269 10.07 3.58 -35.22
C ALA A 269 10.36 3.70 -36.70
N THR A 270 11.62 3.57 -37.08
CA THR A 270 12.02 3.67 -38.49
C THR A 270 12.46 2.34 -39.09
N GLY A 271 11.80 1.25 -38.71
CA GLY A 271 12.13 -0.05 -39.25
C GLY A 271 13.55 -0.55 -39.02
N ASN A 272 14.43 0.29 -38.53
CA ASN A 272 15.80 -0.12 -38.26
C ASN A 272 15.83 -0.93 -36.97
N TYR A 273 15.39 -2.16 -37.06
CA TYR A 273 15.30 -3.06 -35.93
C TYR A 273 16.59 -3.68 -35.47
N PRO A 274 16.85 -3.62 -34.16
CA PRO A 274 18.06 -4.22 -33.60
C PRO A 274 17.79 -5.69 -33.38
N SER A 275 18.84 -6.50 -33.42
CA SER A 275 18.67 -7.93 -33.22
C SER A 275 19.85 -8.48 -32.44
N TRP A 276 19.68 -9.68 -31.91
CA TRP A 276 20.73 -10.33 -31.16
C TRP A 276 20.63 -11.80 -31.44
N THR A 277 21.79 -12.45 -31.58
CA THR A 277 21.83 -13.87 -31.81
C THR A 277 22.07 -14.48 -30.46
N LEU A 278 21.34 -15.54 -30.16
CA LEU A 278 21.53 -16.18 -28.85
C LEU A 278 22.21 -17.55 -28.93
N TYR A 279 23.35 -17.66 -28.28
CA TYR A 279 24.11 -18.90 -28.22
C TYR A 279 24.07 -19.37 -26.78
N ILE A 280 24.86 -20.38 -26.48
CA ILE A 280 24.94 -20.90 -25.14
C ILE A 280 26.11 -21.86 -25.07
N GLN A 281 26.83 -21.81 -23.97
CA GLN A 281 27.95 -22.69 -23.78
C GLN A 281 27.36 -23.88 -23.07
N VAL A 282 27.92 -25.07 -23.30
CA VAL A 282 27.41 -26.26 -22.66
C VAL A 282 28.45 -27.01 -21.86
N MET A 283 28.26 -27.01 -20.55
CA MET A 283 29.14 -27.69 -19.62
C MET A 283 28.34 -28.85 -19.03
N THR A 284 28.92 -30.05 -19.03
CA THR A 284 28.27 -31.22 -18.50
C THR A 284 28.65 -31.39 -17.04
N PHE A 285 27.78 -32.05 -16.28
CA PHE A 285 28.06 -32.28 -14.87
C PHE A 285 29.46 -32.80 -14.61
N SER A 286 29.95 -33.65 -15.52
CA SER A 286 31.29 -34.21 -15.38
C SER A 286 32.34 -33.11 -15.51
N GLU A 287 32.09 -32.17 -16.42
CA GLU A 287 33.01 -31.07 -16.66
C GLU A 287 33.00 -30.06 -15.54
N ALA A 288 31.82 -29.60 -15.17
CA ALA A 288 31.71 -28.62 -14.08
C ALA A 288 32.42 -29.16 -12.84
N GLU A 289 32.65 -30.47 -12.82
CA GLU A 289 33.32 -31.12 -11.70
C GLU A 289 34.80 -30.74 -11.63
N ILE A 290 35.56 -31.10 -12.68
CA ILE A 290 36.99 -30.83 -12.70
C ILE A 290 37.37 -29.42 -13.15
N PHE A 291 36.37 -28.57 -13.32
CA PHE A 291 36.61 -27.19 -13.73
C PHE A 291 37.54 -26.54 -12.69
N PRO A 292 38.61 -25.87 -13.16
CA PRO A 292 39.63 -25.19 -12.33
C PRO A 292 39.11 -24.14 -11.36
N PHE A 293 37.83 -23.82 -11.46
CA PHE A 293 37.21 -22.85 -10.57
C PHE A 293 35.82 -23.35 -10.23
N ASN A 294 35.13 -22.67 -9.33
CA ASN A 294 33.77 -23.04 -8.98
C ASN A 294 32.95 -22.62 -10.20
N PRO A 295 32.27 -23.56 -10.86
CA PRO A 295 31.46 -23.25 -12.05
C PRO A 295 30.19 -22.45 -11.82
N PHE A 296 29.94 -22.05 -10.57
CA PHE A 296 28.73 -21.31 -10.25
C PHE A 296 29.13 -20.00 -9.56
N ASP A 297 30.37 -19.57 -9.82
CA ASP A 297 30.90 -18.33 -9.25
C ASP A 297 30.65 -17.18 -10.22
N LEU A 298 29.67 -16.34 -9.92
CA LEU A 298 29.32 -15.21 -10.78
C LEU A 298 30.47 -14.33 -11.26
N THR A 299 31.63 -14.44 -10.64
CA THR A 299 32.76 -13.60 -11.07
C THR A 299 33.71 -14.37 -11.98
N LYS A 300 33.24 -15.46 -12.59
CA LYS A 300 34.08 -16.27 -13.47
C LYS A 300 33.37 -16.55 -14.79
N VAL A 301 34.13 -16.92 -15.83
CA VAL A 301 33.56 -17.25 -17.15
C VAL A 301 34.21 -18.49 -17.75
N TRP A 302 33.42 -19.27 -18.47
CA TRP A 302 33.91 -20.49 -19.14
C TRP A 302 34.54 -20.07 -20.46
N PRO A 303 35.88 -20.12 -20.54
CA PRO A 303 36.55 -19.70 -21.78
C PRO A 303 35.98 -20.33 -23.05
N HIS A 304 35.79 -19.47 -24.05
CA HIS A 304 35.27 -19.89 -25.35
C HIS A 304 36.04 -21.12 -25.79
N GLY A 305 37.35 -21.10 -25.52
CA GLY A 305 38.23 -22.19 -25.89
C GLY A 305 37.75 -23.57 -25.48
N ASP A 306 37.53 -23.79 -24.17
CA ASP A 306 37.10 -25.10 -23.69
C ASP A 306 35.57 -25.29 -23.73
N TYR A 307 34.84 -24.20 -23.93
CA TYR A 307 33.39 -24.26 -23.99
C TYR A 307 32.84 -23.30 -25.03
N PRO A 308 32.67 -23.79 -26.26
CA PRO A 308 32.17 -23.01 -27.39
C PRO A 308 30.81 -22.32 -27.17
N LEU A 309 30.20 -21.90 -28.26
CA LEU A 309 28.90 -21.26 -28.24
C LEU A 309 28.04 -21.87 -29.33
N ILE A 310 26.95 -22.51 -28.95
CA ILE A 310 26.05 -23.12 -29.92
C ILE A 310 24.91 -22.16 -30.26
N PRO A 311 24.78 -21.76 -31.53
CA PRO A 311 23.72 -20.85 -31.96
C PRO A 311 22.35 -21.42 -31.68
N VAL A 312 21.43 -20.55 -31.29
CA VAL A 312 20.08 -20.95 -30.98
C VAL A 312 19.14 -20.32 -31.98
N GLY A 313 18.93 -19.00 -31.85
CA GLY A 313 18.04 -18.29 -32.77
C GLY A 313 18.37 -16.81 -32.78
N LYS A 314 17.35 -15.97 -32.76
CA LYS A 314 17.56 -14.54 -32.80
C LYS A 314 16.60 -13.71 -31.97
N LEU A 315 17.06 -12.58 -31.45
CA LEU A 315 16.20 -11.70 -30.68
C LEU A 315 15.97 -10.47 -31.56
N VAL A 316 14.71 -10.17 -31.84
CA VAL A 316 14.40 -9.03 -32.68
C VAL A 316 13.39 -8.07 -32.04
N LEU A 317 13.72 -6.80 -32.05
CA LEU A 317 12.84 -5.77 -31.49
C LEU A 317 12.26 -4.93 -32.63
N ASN A 318 10.94 -4.93 -32.73
CA ASN A 318 10.28 -4.19 -33.81
C ASN A 318 8.97 -3.53 -33.37
N ARG A 319 8.83 -3.23 -32.08
CA ARG A 319 7.60 -2.63 -31.59
C ARG A 319 7.80 -1.72 -30.38
N ASN A 320 7.78 -0.42 -30.61
CA ASN A 320 7.96 0.56 -29.54
C ASN A 320 6.82 0.50 -28.54
N PRO A 321 7.07 0.97 -27.31
CA PRO A 321 5.95 0.93 -26.36
C PRO A 321 5.00 2.04 -26.73
N VAL A 322 3.73 1.85 -26.49
CA VAL A 322 2.72 2.85 -26.80
C VAL A 322 2.53 3.74 -25.57
N ASN A 323 2.48 3.10 -24.41
CA ASN A 323 2.37 3.79 -23.13
C ASN A 323 3.54 3.30 -22.29
N TYR A 324 4.51 4.16 -22.01
CA TYR A 324 5.68 3.77 -21.24
C TYR A 324 5.37 3.23 -19.85
N PHE A 325 4.57 3.97 -19.09
CA PHE A 325 4.21 3.56 -17.74
C PHE A 325 3.63 2.18 -17.71
N ALA A 326 2.53 2.02 -18.42
CA ALA A 326 1.80 0.76 -18.46
C ALA A 326 2.56 -0.42 -19.06
N GLU A 327 3.49 -0.13 -19.98
CA GLU A 327 4.22 -1.17 -20.69
C GLU A 327 5.72 -1.34 -20.38
N VAL A 328 6.43 -0.27 -20.12
CA VAL A 328 7.85 -0.40 -19.81
C VAL A 328 8.12 -0.26 -18.31
N GLU A 329 7.36 0.59 -17.66
CA GLU A 329 7.51 0.80 -16.23
C GLU A 329 7.04 -0.42 -15.43
N GLN A 330 5.71 -0.61 -15.35
CA GLN A 330 5.15 -1.73 -14.61
C GLN A 330 5.78 -3.05 -14.99
N LEU A 331 6.63 -3.03 -16.00
CA LEU A 331 7.30 -4.24 -16.49
C LEU A 331 8.16 -4.86 -15.40
N ALA A 332 7.86 -6.11 -15.04
CA ALA A 332 8.62 -6.81 -14.01
C ALA A 332 9.07 -8.20 -14.45
N PHE A 333 10.35 -8.46 -14.33
CA PHE A 333 10.90 -9.77 -14.71
C PHE A 333 11.35 -10.53 -13.46
N ASP A 334 11.03 -11.81 -13.43
CA ASP A 334 11.38 -12.67 -12.30
C ASP A 334 12.26 -13.80 -12.81
N PRO A 335 13.53 -13.84 -12.40
CA PRO A 335 14.43 -14.93 -12.86
C PRO A 335 13.83 -16.28 -12.46
N SER A 336 12.95 -16.25 -11.45
CA SER A 336 12.26 -17.44 -10.97
C SER A 336 11.35 -18.03 -12.03
N ASN A 337 10.94 -17.21 -13.00
CA ASN A 337 10.07 -17.72 -14.05
C ASN A 337 10.89 -18.47 -15.07
N MET A 338 10.82 -19.78 -15.03
CA MET A 338 11.53 -20.62 -15.96
C MET A 338 10.59 -21.78 -16.23
N PRO A 339 10.36 -22.07 -17.50
CA PRO A 339 9.49 -23.19 -17.82
C PRO A 339 10.25 -24.48 -17.92
N PRO A 340 9.54 -25.61 -17.96
CA PRO A 340 10.12 -26.96 -18.04
C PRO A 340 11.26 -27.10 -19.06
N GLY A 341 12.48 -27.27 -18.55
CA GLY A 341 13.64 -27.43 -19.42
C GLY A 341 14.74 -26.42 -19.10
N ILE A 342 14.35 -25.32 -18.49
CA ILE A 342 15.26 -24.26 -18.10
C ILE A 342 15.25 -24.09 -16.58
N GLU A 343 16.26 -24.63 -15.91
CA GLU A 343 16.31 -24.55 -14.45
C GLU A 343 17.51 -23.82 -13.90
N PRO A 344 17.55 -23.59 -12.59
CA PRO A 344 18.69 -22.90 -11.98
C PRO A 344 19.87 -23.81 -11.64
N SER A 345 20.98 -23.19 -11.26
CA SER A 345 22.20 -23.89 -10.87
C SER A 345 22.36 -23.54 -9.39
N PRO A 346 23.37 -24.12 -8.71
CA PRO A 346 23.51 -23.78 -7.28
C PRO A 346 24.20 -22.42 -7.08
N ASP A 347 24.45 -21.73 -8.16
CA ASP A 347 25.09 -20.40 -8.12
C ASP A 347 24.42 -19.57 -7.03
N LYS A 348 25.04 -19.51 -5.84
CA LYS A 348 24.48 -18.77 -4.72
C LYS A 348 23.95 -17.41 -5.14
N MET A 349 24.70 -16.74 -5.98
CA MET A 349 24.28 -15.41 -6.44
C MET A 349 22.95 -15.50 -7.16
N LEU A 350 22.70 -16.61 -7.87
CA LEU A 350 21.45 -16.80 -8.59
C LEU A 350 20.33 -17.11 -7.60
N GLN A 351 20.52 -18.15 -6.82
CA GLN A 351 19.54 -18.58 -5.83
C GLN A 351 18.84 -17.41 -5.14
N GLY A 352 19.60 -16.44 -4.65
CA GLY A 352 18.98 -15.32 -3.98
C GLY A 352 17.94 -14.66 -4.86
N ARG A 353 18.27 -14.45 -6.11
CA ARG A 353 17.38 -13.82 -7.07
C ARG A 353 16.05 -14.53 -7.22
N LEU A 354 16.03 -15.82 -6.95
CA LEU A 354 14.79 -16.57 -7.02
C LEU A 354 13.82 -15.99 -6.02
N PHE A 355 14.34 -15.42 -4.95
CA PHE A 355 13.49 -14.84 -3.91
C PHE A 355 13.11 -13.37 -4.11
N ALA A 356 14.12 -12.53 -4.31
CA ALA A 356 13.94 -11.10 -4.43
C ALA A 356 13.10 -10.48 -5.54
N TYR A 357 13.18 -10.99 -6.77
CA TYR A 357 12.40 -10.39 -7.82
C TYR A 357 10.91 -10.47 -7.57
N PRO A 358 10.35 -11.68 -7.41
CA PRO A 358 8.90 -11.73 -7.15
C PRO A 358 8.59 -10.89 -5.90
N ASP A 359 9.42 -11.05 -4.89
CA ASP A 359 9.24 -10.31 -3.66
C ASP A 359 9.08 -8.83 -3.90
N THR A 360 10.16 -8.16 -4.23
CA THR A 360 10.11 -6.73 -4.44
C THR A 360 8.93 -6.32 -5.32
N HIS A 361 8.66 -7.08 -6.36
CA HIS A 361 7.54 -6.81 -7.24
C HIS A 361 6.23 -6.74 -6.47
N ARG A 362 6.08 -7.64 -5.48
CA ARG A 362 4.88 -7.67 -4.64
C ARG A 362 4.74 -6.38 -3.85
N HIS A 363 5.78 -5.53 -3.94
CA HIS A 363 5.82 -4.27 -3.22
C HIS A 363 5.76 -3.06 -4.14
N ARG A 364 6.59 -3.10 -5.19
CA ARG A 364 6.63 -2.00 -6.15
C ARG A 364 5.34 -1.93 -6.98
N LEU A 365 5.01 -3.03 -7.63
CA LEU A 365 3.81 -3.11 -8.45
C LEU A 365 2.59 -3.51 -7.66
N GLY A 366 2.75 -4.44 -6.71
CA GLY A 366 1.63 -4.86 -5.90
C GLY A 366 1.39 -6.35 -5.91
N PRO A 367 0.67 -6.89 -4.91
CA PRO A 367 0.43 -8.32 -4.87
C PRO A 367 -0.01 -8.96 -6.21
N ASN A 368 -0.99 -8.37 -6.89
CA ASN A 368 -1.48 -8.95 -8.15
C ASN A 368 -0.84 -8.42 -9.44
N TYR A 369 0.42 -8.01 -9.35
CA TYR A 369 1.14 -7.48 -10.50
C TYR A 369 1.30 -8.47 -11.66
N LEU A 370 1.19 -9.77 -11.39
CA LEU A 370 1.33 -10.73 -12.45
C LEU A 370 0.18 -10.65 -13.43
N GLN A 371 -0.81 -9.86 -13.07
CA GLN A 371 -1.97 -9.69 -13.92
C GLN A 371 -1.85 -8.43 -14.78
N ILE A 372 -0.95 -7.53 -14.42
CA ILE A 372 -0.74 -6.35 -15.20
C ILE A 372 -0.52 -6.91 -16.59
N PRO A 373 -1.25 -6.37 -17.60
CA PRO A 373 -1.14 -6.84 -19.00
C PRO A 373 0.26 -7.21 -19.46
N VAL A 374 1.17 -6.23 -19.45
CA VAL A 374 2.53 -6.44 -19.90
C VAL A 374 3.25 -7.57 -19.17
N ASN A 375 2.77 -7.94 -17.99
CA ASN A 375 3.37 -9.01 -17.19
C ASN A 375 2.66 -10.36 -17.25
N CYS A 376 1.38 -10.37 -17.61
CA CYS A 376 0.62 -11.62 -17.70
C CYS A 376 1.21 -12.57 -18.74
N PRO A 377 1.19 -13.89 -18.47
CA PRO A 377 1.73 -14.87 -19.45
C PRO A 377 0.57 -15.17 -20.39
N TYR A 378 0.20 -14.16 -21.16
CA TYR A 378 -0.93 -14.24 -22.08
C TYR A 378 -0.87 -15.39 -23.06
N ARG A 379 0.31 -15.90 -23.33
CA ARG A 379 0.46 -17.01 -24.24
C ARG A 379 0.34 -18.35 -23.53
N ALA A 380 0.03 -18.28 -22.23
CA ALA A 380 -0.14 -19.48 -21.41
C ALA A 380 -1.51 -19.36 -20.78
N ARG A 381 -1.96 -20.40 -20.07
CA ARG A 381 -3.24 -20.33 -19.41
C ARG A 381 -3.09 -20.63 -17.94
N VAL A 382 -3.11 -19.59 -17.11
CA VAL A 382 -2.98 -19.78 -15.68
C VAL A 382 -4.19 -20.53 -15.13
N ALA A 383 -3.94 -21.37 -14.15
CA ALA A 383 -4.98 -22.14 -13.51
C ALA A 383 -4.34 -22.69 -12.24
N ASN A 384 -4.63 -22.03 -11.12
CA ASN A 384 -4.07 -22.45 -9.85
C ASN A 384 -5.02 -22.12 -8.71
N TYR A 385 -4.64 -22.48 -7.51
CA TYR A 385 -5.46 -22.25 -6.33
C TYR A 385 -5.16 -20.92 -5.65
N GLN A 386 -4.62 -20.00 -6.43
CA GLN A 386 -4.30 -18.67 -5.95
C GLN A 386 -5.53 -17.77 -6.10
N ARG A 387 -5.83 -16.94 -5.12
CA ARG A 387 -7.01 -16.07 -5.15
C ARG A 387 -6.85 -14.77 -4.37
N ASP A 388 -7.77 -13.86 -4.65
CA ASP A 388 -7.86 -12.57 -3.97
C ASP A 388 -6.64 -11.63 -4.03
N GLY A 389 -6.44 -10.88 -2.96
CA GLY A 389 -5.35 -9.91 -2.93
C GLY A 389 -5.84 -8.60 -3.52
N PRO A 390 -5.25 -7.46 -3.19
CA PRO A 390 -5.75 -6.21 -3.78
C PRO A 390 -5.55 -6.06 -5.28
N MET A 391 -6.44 -5.32 -5.90
CA MET A 391 -6.42 -5.07 -7.33
C MET A 391 -6.36 -6.39 -8.08
N CYS A 392 -7.40 -7.18 -7.87
CA CYS A 392 -7.56 -8.48 -8.50
C CYS A 392 -8.46 -8.36 -9.74
N MET A 393 -7.91 -8.58 -10.92
CA MET A 393 -8.70 -8.50 -12.16
C MET A 393 -9.13 -9.86 -12.67
N MET A 394 -9.26 -9.99 -13.99
CA MET A 394 -9.72 -11.22 -14.61
C MET A 394 -10.93 -11.69 -13.80
N ASP A 395 -11.23 -12.98 -13.78
CA ASP A 395 -12.39 -13.47 -13.04
C ASP A 395 -12.06 -14.16 -11.71
N ASN A 396 -10.85 -13.94 -11.21
CA ASN A 396 -10.39 -14.57 -9.99
C ASN A 396 -10.78 -16.05 -10.07
N GLN A 397 -10.60 -16.62 -11.26
CA GLN A 397 -10.93 -18.02 -11.50
C GLN A 397 -12.34 -18.35 -11.04
N GLY A 398 -13.10 -17.29 -10.74
CA GLY A 398 -14.48 -17.44 -10.33
C GLY A 398 -14.84 -18.52 -9.34
N GLY A 399 -16.00 -19.12 -9.56
CA GLY A 399 -16.48 -20.17 -8.68
C GLY A 399 -15.51 -21.31 -8.53
N ALA A 400 -14.69 -21.51 -9.55
CA ALA A 400 -13.67 -22.56 -9.53
C ALA A 400 -13.26 -22.94 -8.11
N PRO A 401 -13.08 -24.25 -7.86
CA PRO A 401 -12.68 -24.75 -6.54
C PRO A 401 -11.40 -24.05 -6.12
N ASN A 402 -11.20 -23.89 -4.82
CA ASN A 402 -10.01 -23.20 -4.33
C ASN A 402 -9.06 -24.04 -3.47
N TYR A 403 -9.36 -25.33 -3.28
CA TYR A 403 -8.47 -26.15 -2.49
C TYR A 403 -7.94 -27.31 -3.31
N TYR A 404 -6.74 -27.76 -2.91
CA TYR A 404 -6.06 -28.84 -3.60
C TYR A 404 -5.51 -29.84 -2.59
N PRO A 405 -5.76 -31.14 -2.82
CA PRO A 405 -6.54 -31.66 -3.95
C PRO A 405 -8.04 -31.56 -3.74
N ASN A 406 -8.79 -31.67 -4.83
CA ASN A 406 -10.25 -31.63 -4.79
C ASN A 406 -10.78 -32.63 -5.79
N SER A 407 -12.00 -33.14 -5.56
CA SER A 407 -12.61 -34.10 -6.48
C SER A 407 -13.60 -33.44 -7.40
N PHE A 408 -13.41 -32.15 -7.66
CA PHE A 408 -14.35 -31.41 -8.50
C PHE A 408 -13.87 -30.93 -9.86
N SER A 409 -12.82 -31.58 -10.37
CA SER A 409 -12.29 -31.27 -11.70
C SER A 409 -11.51 -29.99 -11.88
N ALA A 410 -10.95 -29.45 -10.81
CA ALA A 410 -10.13 -28.23 -10.93
C ALA A 410 -8.75 -28.64 -11.50
N PRO A 411 -7.88 -27.69 -11.79
CA PRO A 411 -6.54 -28.03 -12.36
C PRO A 411 -5.73 -29.09 -11.61
N GLU A 412 -4.88 -29.78 -12.33
CA GLU A 412 -4.05 -30.86 -11.75
C GLU A 412 -2.57 -30.62 -12.00
N HIS A 413 -1.72 -31.50 -11.50
CA HIS A 413 -0.28 -31.33 -11.72
C HIS A 413 0.24 -32.25 -12.80
N GLN A 414 0.95 -31.69 -13.75
CA GLN A 414 1.53 -32.43 -14.87
C GLN A 414 2.86 -33.06 -14.40
N PRO A 415 2.84 -34.36 -14.02
CA PRO A 415 4.01 -35.07 -13.53
C PRO A 415 5.17 -35.18 -14.52
N SER A 416 5.06 -34.52 -15.66
CA SER A 416 6.12 -34.57 -16.67
C SER A 416 7.02 -33.34 -16.62
N ALA A 417 6.57 -32.31 -15.91
CA ALA A 417 7.36 -31.06 -15.75
C ALA A 417 8.02 -31.04 -14.38
N LEU A 418 8.12 -32.21 -13.76
CA LEU A 418 8.71 -32.31 -12.45
C LEU A 418 10.18 -32.02 -12.56
N GLU A 419 10.63 -31.03 -11.81
CA GLU A 419 12.03 -30.59 -11.81
C GLU A 419 13.02 -31.74 -11.76
N HIS A 420 14.16 -31.53 -12.43
CA HIS A 420 15.24 -32.51 -12.46
C HIS A 420 15.73 -32.67 -11.03
N ARG A 421 16.43 -33.77 -10.76
CA ARG A 421 16.92 -34.05 -9.42
C ARG A 421 18.42 -34.34 -9.38
N THR A 422 19.13 -33.53 -8.61
CA THR A 422 20.58 -33.68 -8.46
C THR A 422 20.88 -34.04 -7.02
N HIS A 423 22.06 -34.63 -6.79
CA HIS A 423 22.46 -35.04 -5.45
C HIS A 423 23.54 -34.12 -4.91
N PHE A 424 23.32 -33.64 -3.68
CA PHE A 424 24.28 -32.78 -3.00
C PHE A 424 24.45 -33.37 -1.61
N SER A 425 25.71 -33.51 -1.17
CA SER A 425 25.96 -34.07 0.12
C SER A 425 26.99 -33.25 0.86
N GLY A 426 27.00 -33.34 2.19
CA GLY A 426 27.96 -32.58 2.96
C GLY A 426 27.22 -31.95 4.10
N ASP A 427 27.93 -31.12 4.84
CA ASP A 427 27.30 -30.44 5.95
C ASP A 427 26.61 -29.23 5.35
N VAL A 428 25.60 -28.74 6.02
CA VAL A 428 24.88 -27.57 5.58
C VAL A 428 25.34 -26.43 6.45
N GLN A 429 25.86 -25.39 5.83
CA GLN A 429 26.31 -24.24 6.61
C GLN A 429 26.71 -23.05 5.72
N ARG A 430 27.40 -22.11 6.34
CA ARG A 430 27.84 -20.90 5.65
C ARG A 430 29.25 -21.03 5.10
N PHE A 431 29.37 -21.75 3.97
CA PHE A 431 30.67 -21.93 3.33
C PHE A 431 31.23 -20.62 2.78
N ASN A 432 32.39 -20.20 3.31
CA ASN A 432 33.04 -18.97 2.90
C ASN A 432 33.72 -19.08 1.54
N SER A 433 33.09 -18.49 0.53
CA SER A 433 33.61 -18.54 -0.84
C SER A 433 34.23 -17.21 -1.27
N ALA A 434 34.83 -16.50 -0.33
CA ALA A 434 35.45 -15.22 -0.62
C ALA A 434 36.87 -15.30 -1.17
N ASN A 435 37.43 -16.51 -1.20
CA ASN A 435 38.81 -16.68 -1.65
C ASN A 435 38.98 -17.59 -2.89
N ASP A 436 37.89 -17.90 -3.58
CA ASP A 436 37.98 -18.75 -4.76
C ASP A 436 38.64 -18.11 -5.97
N ASP A 437 39.85 -17.61 -5.79
CA ASP A 437 40.61 -16.96 -6.85
C ASP A 437 39.96 -15.70 -7.41
N ASN A 438 40.38 -14.54 -6.89
CA ASN A 438 39.84 -13.28 -7.35
C ASN A 438 40.75 -12.56 -8.33
N VAL A 439 41.52 -13.30 -9.11
CA VAL A 439 42.44 -12.65 -10.04
C VAL A 439 42.74 -13.39 -11.33
N THR A 440 43.05 -14.67 -11.25
CA THR A 440 43.34 -15.39 -12.47
C THR A 440 42.69 -14.78 -13.70
N GLN A 441 41.41 -15.00 -13.85
CA GLN A 441 40.65 -14.49 -14.98
C GLN A 441 40.83 -12.99 -15.17
N VAL A 442 40.95 -12.27 -14.07
CA VAL A 442 41.13 -10.81 -14.14
C VAL A 442 42.39 -10.52 -14.94
N ARG A 443 43.50 -11.18 -14.57
CA ARG A 443 44.78 -11.01 -15.27
C ARG A 443 44.63 -11.30 -16.76
N THR A 444 43.95 -12.42 -17.09
CA THR A 444 43.75 -12.75 -18.49
C THR A 444 43.08 -11.63 -19.23
N PHE A 445 42.17 -10.94 -18.57
CA PHE A 445 41.45 -9.83 -19.16
C PHE A 445 42.37 -8.64 -19.35
N TYR A 446 43.13 -8.34 -18.30
CA TYR A 446 44.04 -7.22 -18.33
C TYR A 446 45.15 -7.39 -19.36
N LEU A 447 45.70 -8.61 -19.43
CA LEU A 447 46.82 -8.83 -20.34
C LEU A 447 46.50 -9.32 -21.75
N LYS A 448 45.61 -10.30 -21.89
CA LYS A 448 45.29 -10.85 -23.19
C LYS A 448 44.08 -10.26 -23.90
N VAL A 449 43.13 -9.73 -23.15
CA VAL A 449 41.91 -9.15 -23.72
C VAL A 449 42.05 -7.67 -24.07
N LEU A 450 42.96 -6.95 -23.38
CA LEU A 450 43.18 -5.54 -23.65
C LEU A 450 44.56 -5.26 -24.23
N ASN A 451 44.69 -4.14 -24.95
CA ASN A 451 45.96 -3.76 -25.51
C ASN A 451 46.36 -2.47 -24.79
N GLU A 452 47.63 -2.07 -24.90
CA GLU A 452 48.08 -0.89 -24.23
C GLU A 452 47.12 0.29 -24.33
N GLU A 453 46.69 0.62 -25.54
CA GLU A 453 45.76 1.74 -25.72
C GLU A 453 44.68 1.65 -24.64
N GLN A 454 44.10 0.47 -24.51
CA GLN A 454 43.02 0.18 -23.56
C GLN A 454 43.41 0.19 -22.09
N ARG A 455 44.43 -0.60 -21.73
CA ARG A 455 44.90 -0.62 -20.35
C ARG A 455 45.11 0.80 -19.87
N LYS A 456 45.48 1.67 -20.80
CA LYS A 456 45.76 3.08 -20.48
C LYS A 456 44.50 3.82 -20.04
N ARG A 457 43.43 3.67 -20.81
CA ARG A 457 42.19 4.35 -20.48
C ARG A 457 41.63 3.78 -19.19
N LEU A 458 41.64 2.47 -19.08
CA LEU A 458 41.15 1.79 -17.89
C LEU A 458 41.73 2.38 -16.58
N CYS A 459 43.02 2.25 -16.39
CA CYS A 459 43.67 2.79 -15.18
C CYS A 459 43.36 4.26 -15.02
N GLU A 460 43.34 4.98 -16.12
CA GLU A 460 43.04 6.40 -16.09
C GLU A 460 41.65 6.54 -15.48
N ASN A 461 40.72 5.79 -16.05
CA ASN A 461 39.32 5.80 -15.60
C ASN A 461 39.22 5.42 -14.14
N ILE A 462 39.80 4.29 -13.80
CA ILE A 462 39.77 3.87 -12.41
C ILE A 462 40.27 5.01 -11.54
N ALA A 463 41.41 5.57 -11.90
CA ALA A 463 42.00 6.65 -11.14
C ALA A 463 41.12 7.89 -11.12
N GLY A 464 40.36 8.09 -12.19
CA GLY A 464 39.49 9.25 -12.27
C GLY A 464 38.56 9.34 -11.09
N HIS A 465 38.00 8.19 -10.72
CA HIS A 465 37.05 8.15 -9.62
C HIS A 465 37.76 7.92 -8.27
N LEU A 466 38.50 6.82 -8.21
CA LEU A 466 39.22 6.42 -7.02
C LEU A 466 40.02 7.53 -6.36
N LYS A 467 40.63 8.38 -7.19
CA LYS A 467 41.43 9.47 -6.69
C LYS A 467 40.77 10.16 -5.47
N ASP A 468 39.45 10.22 -5.48
CA ASP A 468 38.76 10.89 -4.39
C ASP A 468 38.62 10.08 -3.11
N ALA A 469 38.86 8.78 -3.17
CA ALA A 469 38.73 7.97 -1.97
C ALA A 469 39.90 8.24 -1.02
N GLN A 470 39.59 8.35 0.27
CA GLN A 470 40.62 8.59 1.26
C GLN A 470 41.87 7.80 0.90
N LEU A 471 43.02 8.34 1.31
CA LEU A 471 44.29 7.70 1.02
C LEU A 471 44.34 6.21 1.37
N PHE A 472 44.08 5.89 2.64
CA PHE A 472 44.13 4.51 3.08
C PHE A 472 43.32 3.58 2.17
N ILE A 473 42.26 4.13 1.60
CA ILE A 473 41.40 3.37 0.68
C ILE A 473 42.11 3.16 -0.66
N GLN A 474 42.65 4.24 -1.23
CA GLN A 474 43.36 4.11 -2.49
C GLN A 474 44.47 3.07 -2.34
N LYS A 475 45.22 3.16 -1.23
CA LYS A 475 46.31 2.22 -0.95
C LYS A 475 45.80 0.81 -1.17
N LYS A 476 44.86 0.44 -0.33
CA LYS A 476 44.26 -0.88 -0.35
C LYS A 476 43.81 -1.28 -1.76
N ALA A 477 43.33 -0.31 -2.52
CA ALA A 477 42.86 -0.55 -3.87
C ALA A 477 43.97 -0.89 -4.86
N VAL A 478 45.03 -0.10 -4.86
CA VAL A 478 46.12 -0.36 -5.77
C VAL A 478 46.66 -1.73 -5.43
N LYS A 479 46.78 -2.01 -4.14
CA LYS A 479 47.26 -3.31 -3.69
C LYS A 479 46.61 -4.44 -4.47
N ASN A 480 45.28 -4.51 -4.41
CA ASN A 480 44.55 -5.54 -5.12
C ASN A 480 44.89 -5.63 -6.58
N PHE A 481 44.79 -4.50 -7.27
CA PHE A 481 45.12 -4.46 -8.68
C PHE A 481 46.49 -5.11 -8.92
N SER A 482 47.45 -4.78 -8.07
CA SER A 482 48.78 -5.36 -8.18
C SER A 482 48.65 -6.86 -8.10
N ASP A 483 47.73 -7.34 -7.26
CA ASP A 483 47.54 -8.78 -7.12
C ASP A 483 47.12 -9.41 -8.45
N VAL A 484 46.64 -8.59 -9.38
CA VAL A 484 46.24 -9.06 -10.69
C VAL A 484 47.48 -8.94 -11.57
N HIS A 485 48.16 -7.80 -11.41
CA HIS A 485 49.38 -7.55 -12.15
C HIS A 485 50.11 -6.33 -11.63
N PRO A 486 51.41 -6.49 -11.39
CA PRO A 486 52.23 -5.37 -10.87
C PRO A 486 51.96 -4.09 -11.68
N GLU A 487 51.98 -4.21 -13.01
CA GLU A 487 51.75 -3.09 -13.87
C GLU A 487 50.44 -2.39 -13.54
N TYR A 488 49.37 -3.17 -13.45
CA TYR A 488 48.04 -2.66 -13.16
C TYR A 488 48.06 -1.69 -11.97
N GLY A 489 48.36 -2.19 -10.78
CA GLY A 489 48.40 -1.34 -9.60
C GLY A 489 49.27 -0.11 -9.76
N SER A 490 50.46 -0.29 -10.32
CA SER A 490 51.37 0.82 -10.50
C SER A 490 50.79 1.88 -11.45
N ARG A 491 50.56 1.49 -12.70
CA ARG A 491 50.03 2.42 -13.69
C ARG A 491 48.99 3.35 -13.07
N ILE A 492 48.22 2.81 -12.15
CA ILE A 492 47.22 3.61 -11.46
C ILE A 492 47.89 4.49 -10.43
N GLN A 493 48.57 3.85 -9.48
CA GLN A 493 49.26 4.57 -8.42
C GLN A 493 49.82 5.89 -8.93
N ALA A 494 50.67 5.81 -9.95
CA ALA A 494 51.28 6.99 -10.54
C ALA A 494 50.16 8.02 -10.72
N LEU A 495 49.19 7.66 -11.55
CA LEU A 495 48.05 8.52 -11.84
C LEU A 495 47.47 9.12 -10.56
N LEU A 496 47.40 8.28 -9.53
CA LEU A 496 46.88 8.73 -8.23
C LEU A 496 47.75 9.88 -7.75
N ASP A 497 48.99 9.54 -7.38
CA ASP A 497 49.94 10.53 -6.92
C ASP A 497 49.89 11.73 -7.83
N LYS A 498 49.65 11.46 -9.11
CA LYS A 498 49.55 12.53 -10.09
C LYS A 498 48.36 13.40 -9.72
N TYR A 499 47.21 12.77 -9.55
CA TYR A 499 46.00 13.50 -9.19
C TYR A 499 46.15 14.34 -7.95
N ASN A 500 46.75 13.78 -6.92
CA ASN A 500 46.96 14.51 -5.67
C ASN A 500 48.01 15.63 -5.90
N GLU A 501 47.62 16.61 -6.73
CA GLU A 501 48.45 17.73 -7.09
C GLU A 501 49.76 17.34 -7.75
N ASN B 3 -23.13 -1.44 40.53
CA ASN B 3 -21.99 -1.26 39.58
C ASN B 3 -21.81 -2.49 38.68
N ARG B 4 -21.19 -2.27 37.52
CA ARG B 4 -20.97 -3.33 36.52
C ARG B 4 -19.60 -4.00 36.73
N ASP B 5 -19.10 -4.65 35.68
CA ASP B 5 -17.78 -5.32 35.74
C ASP B 5 -16.66 -4.37 35.28
N PRO B 6 -15.40 -4.69 35.61
CA PRO B 6 -14.28 -3.82 35.21
C PRO B 6 -14.33 -3.55 33.74
N ALA B 7 -14.84 -4.51 32.99
CA ALA B 7 -14.96 -4.41 31.53
C ALA B 7 -15.82 -3.20 31.12
N SER B 8 -17.13 -3.33 31.23
CA SER B 8 -18.02 -2.23 30.82
C SER B 8 -17.62 -0.89 31.44
N ASP B 9 -17.17 -0.91 32.70
CA ASP B 9 -16.76 0.29 33.40
C ASP B 9 -15.44 0.86 32.88
N GLN B 10 -15.13 0.57 31.62
CA GLN B 10 -13.89 1.04 31.01
C GLN B 10 -13.83 2.56 30.86
N MET B 11 -14.67 3.13 30.01
CA MET B 11 -14.69 4.57 29.81
C MET B 11 -14.91 5.24 31.15
N LYS B 12 -15.56 4.51 32.05
CA LYS B 12 -15.85 4.97 33.41
C LYS B 12 -14.56 5.13 34.18
N HIS B 13 -13.81 4.06 34.28
CA HIS B 13 -12.53 4.02 35.01
C HIS B 13 -11.47 4.88 34.31
N TRP B 14 -11.86 5.52 33.21
CA TRP B 14 -10.92 6.35 32.48
C TRP B 14 -11.09 7.80 32.87
N LYS B 15 -12.31 8.33 32.78
CA LYS B 15 -12.57 9.71 33.16
C LYS B 15 -12.20 9.93 34.62
N GLU B 16 -12.48 8.93 35.47
CA GLU B 16 -12.17 9.05 36.88
C GLU B 16 -10.69 9.41 37.07
N GLN B 17 -9.83 8.42 36.85
CA GLN B 17 -8.38 8.61 37.01
C GLN B 17 -7.88 9.92 36.36
N ARG B 18 -8.66 10.44 35.40
CA ARG B 18 -8.30 11.67 34.74
C ARG B 18 -8.53 12.83 35.71
N ALA B 19 -8.51 12.53 37.03
CA ALA B 19 -8.70 13.51 38.08
C ALA B 19 -9.53 14.71 37.61
N ALA B 20 -9.11 15.91 38.03
CA ALA B 20 -9.81 17.14 37.65
C ALA B 20 -9.00 17.89 36.61
N GLN B 21 -7.94 17.22 36.12
CA GLN B 21 -7.07 17.83 35.10
C GLN B 21 -8.01 18.10 33.93
N LYS B 22 -7.99 19.33 33.43
CA LYS B 22 -8.83 19.72 32.32
C LYS B 22 -8.65 18.70 31.19
N PRO B 23 -9.47 18.80 30.15
CA PRO B 23 -9.35 17.85 29.02
C PRO B 23 -8.37 18.43 28.01
N ASP B 24 -7.72 17.55 27.25
CA ASP B 24 -6.80 18.02 26.23
C ASP B 24 -7.58 18.86 25.23
N VAL B 25 -6.91 19.66 24.43
CA VAL B 25 -7.60 20.47 23.43
C VAL B 25 -7.73 19.76 22.10
N LEU B 26 -8.96 19.44 21.73
CA LEU B 26 -9.23 18.77 20.47
C LEU B 26 -8.33 19.42 19.41
N THR B 27 -7.70 18.61 18.58
CA THR B 27 -6.85 19.15 17.54
C THR B 27 -6.89 18.26 16.32
N THR B 28 -6.38 18.80 15.21
CA THR B 28 -6.31 18.08 13.95
C THR B 28 -5.02 17.29 14.04
N GLY B 29 -4.70 16.55 13.00
CA GLY B 29 -3.48 15.78 13.01
C GLY B 29 -2.28 16.72 13.07
N GLY B 30 -2.41 17.87 12.40
CA GLY B 30 -1.34 18.85 12.41
C GLY B 30 -1.17 19.55 13.74
N GLY B 31 -2.09 19.28 14.67
CA GLY B 31 -1.99 19.90 15.98
C GLY B 31 -2.66 21.28 16.04
N ASN B 32 -3.51 21.58 15.07
CA ASN B 32 -4.20 22.85 15.06
C ASN B 32 -5.44 22.72 15.93
N PRO B 33 -5.59 23.59 16.93
CA PRO B 33 -6.75 23.54 17.83
C PRO B 33 -8.07 23.77 17.08
N VAL B 34 -8.94 22.76 17.17
CA VAL B 34 -10.23 22.81 16.51
C VAL B 34 -11.25 23.67 17.31
N GLY B 35 -11.75 24.73 16.67
CA GLY B 35 -12.70 25.57 17.37
C GLY B 35 -14.08 24.98 17.46
N ASP B 36 -14.56 24.49 16.32
CA ASP B 36 -15.89 23.88 16.20
C ASP B 36 -15.79 22.64 15.31
N LYS B 37 -15.88 21.47 15.92
CA LYS B 37 -15.79 20.23 15.15
C LYS B 37 -17.13 19.47 15.14
N LEU B 38 -18.22 20.22 15.17
CA LEU B 38 -19.56 19.63 15.16
C LEU B 38 -20.41 20.14 14.00
N ASN B 39 -20.09 21.34 13.53
CA ASN B 39 -20.82 21.94 12.41
C ASN B 39 -19.88 22.35 11.29
N SER B 40 -19.93 21.61 10.19
CA SER B 40 -19.08 21.85 9.03
C SER B 40 -19.24 23.27 8.48
N LEU B 41 -18.21 23.74 7.78
CA LEU B 41 -18.24 25.08 7.19
C LEU B 41 -19.14 25.01 5.98
N THR B 42 -20.05 25.96 5.88
CA THR B 42 -20.99 25.97 4.77
C THR B 42 -21.36 27.37 4.34
N VAL B 43 -21.46 27.55 3.03
CA VAL B 43 -21.85 28.83 2.44
C VAL B 43 -23.35 28.96 2.64
N GLY B 44 -23.74 29.56 3.75
CA GLY B 44 -25.17 29.71 4.01
C GLY B 44 -25.61 28.53 4.86
N PRO B 45 -26.72 28.65 5.59
CA PRO B 45 -27.19 27.54 6.42
C PRO B 45 -27.80 26.40 5.60
N ARG B 46 -27.94 26.62 4.31
CA ARG B 46 -28.50 25.62 3.42
C ARG B 46 -27.66 25.51 2.16
N GLY B 47 -26.41 26.01 2.26
CA GLY B 47 -25.49 25.98 1.14
C GLY B 47 -24.51 24.82 1.23
N PRO B 48 -23.70 24.59 0.18
CA PRO B 48 -22.72 23.51 0.15
C PRO B 48 -21.53 23.70 1.10
N LEU B 49 -20.66 22.68 1.08
CA LEU B 49 -19.45 22.62 1.91
C LEU B 49 -18.19 23.07 1.18
N LEU B 50 -17.31 23.75 1.91
CA LEU B 50 -16.09 24.25 1.35
C LEU B 50 -14.90 23.33 1.59
N VAL B 51 -14.05 23.18 0.57
CA VAL B 51 -12.85 22.34 0.70
C VAL B 51 -12.08 22.95 1.86
N GLN B 52 -12.38 24.22 2.12
CA GLN B 52 -11.75 24.97 3.20
C GLN B 52 -11.90 24.31 4.57
N ASP B 53 -13.01 23.60 4.80
CA ASP B 53 -13.16 22.96 6.11
C ASP B 53 -12.15 21.83 6.13
N VAL B 54 -10.95 22.19 6.57
CA VAL B 54 -9.86 21.23 6.63
C VAL B 54 -9.99 20.40 7.90
N VAL B 55 -10.64 20.97 8.90
CA VAL B 55 -10.85 20.24 10.16
C VAL B 55 -11.55 18.97 9.72
N PHE B 56 -12.67 19.16 9.02
CA PHE B 56 -13.46 18.06 8.51
C PHE B 56 -12.61 17.15 7.66
N THR B 57 -12.12 17.70 6.54
CA THR B 57 -11.29 16.93 5.62
C THR B 57 -10.23 16.13 6.36
N ASP B 58 -9.53 16.78 7.28
CA ASP B 58 -8.48 16.12 8.03
C ASP B 58 -8.94 14.88 8.79
N GLU B 59 -10.14 14.94 9.33
CA GLU B 59 -10.69 13.82 10.10
C GLU B 59 -11.28 12.74 9.23
N MET B 60 -12.14 13.12 8.31
CA MET B 60 -12.79 12.16 7.41
C MET B 60 -11.71 11.36 6.70
N ALA B 61 -10.70 12.07 6.24
CA ALA B 61 -9.57 11.49 5.54
C ALA B 61 -8.93 10.43 6.40
N HIS B 62 -8.75 10.72 7.68
CA HIS B 62 -8.14 9.74 8.55
C HIS B 62 -9.10 8.62 8.81
N PHE B 63 -10.37 8.97 8.98
CA PHE B 63 -11.39 7.98 9.24
C PHE B 63 -11.50 6.97 8.10
N ASP B 64 -11.41 7.45 6.86
CA ASP B 64 -11.52 6.58 5.70
C ASP B 64 -10.42 5.54 5.56
N ARG B 65 -9.43 5.60 6.43
CA ARG B 65 -8.30 4.65 6.30
C ARG B 65 -7.92 3.86 7.54
N GLU B 66 -8.89 3.57 8.42
CA GLU B 66 -8.60 2.82 9.63
C GLU B 66 -8.34 1.35 9.40
N ARG B 67 -9.31 0.68 8.78
CA ARG B 67 -9.22 -0.76 8.50
C ARG B 67 -8.02 -1.17 7.65
N ILE B 68 -7.33 -2.21 8.11
CA ILE B 68 -6.18 -2.74 7.37
C ILE B 68 -6.51 -4.22 7.17
N PRO B 69 -5.78 -4.92 6.29
CA PRO B 69 -6.12 -6.34 6.13
C PRO B 69 -6.02 -7.13 7.42
N GLU B 70 -7.05 -7.91 7.69
CA GLU B 70 -7.07 -8.73 8.90
C GLU B 70 -6.17 -9.94 8.67
N ARG B 71 -5.75 -10.57 9.77
CA ARG B 71 -4.90 -11.75 9.65
C ARG B 71 -5.46 -12.69 8.55
N VAL B 72 -4.57 -13.21 7.72
CA VAL B 72 -4.98 -14.12 6.64
C VAL B 72 -5.65 -15.34 7.29
N VAL B 73 -5.27 -15.58 8.54
CA VAL B 73 -5.82 -16.65 9.36
C VAL B 73 -5.74 -16.18 10.82
N HIS B 74 -6.61 -16.71 11.68
CA HIS B 74 -6.65 -16.32 13.10
C HIS B 74 -6.98 -14.86 13.30
N ALA B 75 -7.88 -14.33 12.48
CA ALA B 75 -8.25 -12.92 12.58
C ALA B 75 -8.80 -12.51 13.94
N LYS B 76 -9.71 -13.29 14.49
CA LYS B 76 -10.35 -12.98 15.77
C LYS B 76 -9.62 -13.50 16.99
N GLY B 77 -9.17 -12.60 17.85
CA GLY B 77 -8.47 -13.01 19.04
C GLY B 77 -8.31 -11.99 20.15
N ALA B 78 -7.72 -12.44 21.25
CA ALA B 78 -7.50 -11.58 22.40
C ALA B 78 -6.02 -11.43 22.65
N GLY B 79 -5.67 -10.43 23.44
CA GLY B 79 -4.30 -10.19 23.74
C GLY B 79 -4.09 -9.60 25.11
N ALA B 80 -2.86 -9.73 25.59
CA ALA B 80 -2.49 -9.21 26.88
C ALA B 80 -1.01 -9.48 27.07
N PHE B 81 -0.42 -8.70 27.97
CA PHE B 81 0.99 -8.84 28.24
C PHE B 81 1.26 -9.27 29.65
N GLY B 82 2.50 -9.63 29.90
CA GLY B 82 2.90 -10.06 31.22
C GLY B 82 4.38 -10.39 31.20
N TYR B 83 4.71 -11.63 31.51
CA TYR B 83 6.10 -12.05 31.53
C TYR B 83 6.28 -13.55 31.69
N PHE B 84 7.54 -13.92 31.65
CA PHE B 84 7.96 -15.30 31.82
C PHE B 84 9.02 -15.28 32.93
N GLU B 85 9.03 -16.31 33.76
CA GLU B 85 9.99 -16.41 34.84
C GLU B 85 10.58 -17.80 34.89
N VAL B 86 11.87 -17.88 35.21
CA VAL B 86 12.53 -19.19 35.28
C VAL B 86 12.40 -19.83 36.66
N THR B 87 12.18 -21.14 36.65
CA THR B 87 12.05 -21.91 37.89
C THR B 87 12.81 -23.22 37.75
N HIS B 88 13.52 -23.36 36.64
CA HIS B 88 14.33 -24.54 36.37
C HIS B 88 15.52 -24.19 35.48
N ASP B 89 16.58 -24.98 35.57
CA ASP B 89 17.77 -24.71 34.78
C ASP B 89 17.90 -25.73 33.67
N ILE B 90 17.92 -25.24 32.45
CA ILE B 90 18.05 -26.12 31.29
C ILE B 90 19.20 -25.65 30.38
N THR B 91 20.09 -24.87 30.97
CA THR B 91 21.24 -24.33 30.25
C THR B 91 22.12 -25.45 29.70
N ARG B 92 21.83 -26.66 30.12
CA ARG B 92 22.58 -27.82 29.66
C ARG B 92 22.11 -28.10 28.25
N TYR B 93 20.85 -27.79 28.01
CA TYR B 93 20.22 -28.02 26.70
C TYR B 93 20.33 -26.81 25.73
N SER B 94 19.89 -25.63 26.18
CA SER B 94 19.96 -24.44 25.39
C SER B 94 20.68 -23.33 26.17
N LYS B 95 21.43 -22.50 25.47
CA LYS B 95 22.16 -21.41 26.08
C LYS B 95 21.52 -20.05 25.88
N ALA B 96 20.23 -20.03 25.56
CA ALA B 96 19.49 -18.79 25.34
C ALA B 96 19.52 -17.87 26.55
N LYS B 97 19.47 -16.58 26.32
CA LYS B 97 19.49 -15.59 27.38
C LYS B 97 18.20 -15.54 28.17
N VAL B 98 17.14 -16.07 27.62
CA VAL B 98 15.84 -16.06 28.31
C VAL B 98 15.82 -17.10 29.43
N PHE B 99 16.70 -18.10 29.30
CA PHE B 99 16.82 -19.17 30.29
C PHE B 99 18.09 -19.02 31.14
N GLU B 100 18.77 -17.90 30.97
CA GLU B 100 20.02 -17.56 31.66
C GLU B 100 20.14 -18.24 33.02
N HIS B 101 19.76 -17.49 34.08
CA HIS B 101 19.80 -17.98 35.44
C HIS B 101 18.38 -18.17 35.91
N ILE B 102 18.18 -18.78 37.07
CA ILE B 102 16.83 -19.00 37.57
C ILE B 102 16.24 -17.71 38.12
N GLY B 103 14.98 -17.48 37.80
CA GLY B 103 14.31 -16.26 38.24
C GLY B 103 14.41 -15.21 37.15
N LYS B 104 15.01 -15.60 36.02
CA LYS B 104 15.19 -14.72 34.85
C LYS B 104 13.86 -14.40 34.17
N ARG B 105 13.21 -13.33 34.59
CA ARG B 105 11.94 -12.93 34.01
C ARG B 105 12.06 -12.05 32.77
N THR B 106 11.59 -12.57 31.64
CA THR B 106 11.58 -11.90 30.34
C THR B 106 10.16 -11.40 30.08
N PRO B 107 9.98 -10.11 29.68
CA PRO B 107 8.61 -9.64 29.42
C PRO B 107 8.02 -10.32 28.20
N ILE B 108 6.76 -10.71 28.28
CA ILE B 108 6.15 -11.35 27.13
C ILE B 108 4.92 -10.60 26.62
N ALA B 109 4.38 -11.10 25.52
CA ALA B 109 3.19 -10.55 24.91
C ALA B 109 2.56 -11.78 24.26
N VAL B 110 1.29 -12.00 24.52
CA VAL B 110 0.64 -13.16 23.95
C VAL B 110 -0.68 -12.79 23.31
N ARG B 111 -1.08 -13.55 22.28
CA ARG B 111 -2.35 -13.33 21.64
C ARG B 111 -3.04 -14.64 21.34
N PHE B 112 -4.28 -14.73 21.80
CA PHE B 112 -5.12 -15.89 21.60
C PHE B 112 -5.97 -15.51 20.39
N SER B 113 -6.62 -16.49 19.80
CA SER B 113 -7.41 -16.22 18.62
C SER B 113 -8.02 -17.52 18.09
N THR B 114 -8.92 -17.38 17.10
CA THR B 114 -9.51 -18.54 16.47
C THR B 114 -8.64 -18.81 15.24
N VAL B 115 -9.27 -19.21 14.16
CA VAL B 115 -8.54 -19.51 12.96
C VAL B 115 -9.32 -19.21 11.69
N ALA B 116 -10.24 -20.10 11.34
CA ALA B 116 -11.07 -20.01 10.15
C ALA B 116 -12.00 -18.80 10.03
N GLY B 117 -12.50 -18.28 11.14
CA GLY B 117 -13.40 -17.16 11.09
C GLY B 117 -12.79 -15.80 10.85
N GLU B 118 -13.62 -14.83 10.44
CA GLU B 118 -13.20 -13.47 10.17
C GLU B 118 -13.16 -12.65 11.43
N SER B 119 -12.95 -11.34 11.28
CA SER B 119 -12.88 -10.44 12.43
C SER B 119 -14.22 -10.27 13.14
N GLY B 120 -15.32 -10.35 12.42
CA GLY B 120 -16.61 -10.19 13.03
C GLY B 120 -17.13 -11.42 13.75
N SER B 121 -16.45 -12.55 13.56
CA SER B 121 -16.83 -13.82 14.16
C SER B 121 -16.74 -13.84 15.69
N ALA B 122 -17.41 -14.80 16.32
CA ALA B 122 -17.42 -14.93 17.77
C ALA B 122 -16.33 -15.91 18.24
N ASP B 123 -15.97 -15.80 19.53
CA ASP B 123 -14.92 -16.63 20.11
C ASP B 123 -15.31 -18.09 20.29
N THR B 124 -16.40 -18.29 20.97
CA THR B 124 -16.97 -19.62 21.31
C THR B 124 -17.37 -20.57 20.18
N VAL B 125 -16.41 -21.21 19.51
CA VAL B 125 -16.75 -22.12 18.43
C VAL B 125 -15.66 -23.15 18.10
N ARG B 126 -16.07 -24.30 17.55
CA ARG B 126 -15.13 -25.37 17.22
C ARG B 126 -14.07 -24.94 16.24
N ASP B 127 -12.84 -24.82 16.74
CA ASP B 127 -11.71 -24.42 15.92
C ASP B 127 -10.47 -24.50 16.80
N PRO B 128 -9.30 -24.67 16.20
CA PRO B 128 -8.12 -24.74 17.06
C PRO B 128 -7.95 -23.32 17.61
N ARG B 129 -7.03 -23.13 18.55
CA ARG B 129 -6.84 -21.80 19.12
C ARG B 129 -5.42 -21.25 18.97
N GLY B 130 -5.30 -19.97 18.65
CA GLY B 130 -4.01 -19.35 18.49
C GLY B 130 -3.41 -18.90 19.81
N PHE B 131 -2.27 -19.48 20.16
CA PHE B 131 -1.58 -19.14 21.39
C PHE B 131 -0.13 -18.82 21.00
N ALA B 132 0.14 -17.55 20.79
CA ALA B 132 1.46 -17.12 20.39
C ALA B 132 2.12 -16.18 21.39
N VAL B 133 3.32 -16.58 21.83
CA VAL B 133 4.07 -15.77 22.79
C VAL B 133 5.20 -15.01 22.13
N LYS B 134 5.39 -13.78 22.60
CA LYS B 134 6.43 -12.91 22.11
C LYS B 134 7.38 -12.65 23.27
N PHE B 135 8.57 -13.24 23.19
CA PHE B 135 9.57 -13.06 24.22
C PHE B 135 10.53 -11.96 23.84
N TYR B 136 10.71 -10.99 24.71
CA TYR B 136 11.65 -9.91 24.46
C TYR B 136 12.95 -10.21 25.18
N THR B 137 13.93 -10.74 24.44
CA THR B 137 15.23 -11.08 25.04
C THR B 137 16.38 -10.21 24.56
N GLU B 138 17.40 -10.11 25.41
CA GLU B 138 18.59 -9.31 25.13
C GLU B 138 19.20 -9.68 23.77
N ASP B 139 18.90 -10.87 23.29
CA ASP B 139 19.41 -11.35 22.01
C ASP B 139 18.43 -10.95 20.93
N GLY B 140 17.24 -10.53 21.33
CA GLY B 140 16.23 -10.17 20.36
C GLY B 140 14.90 -10.78 20.75
N ASN B 141 13.93 -10.77 19.86
CA ASN B 141 12.62 -11.34 20.16
C ASN B 141 12.55 -12.79 19.81
N TRP B 142 11.73 -13.53 20.54
CA TRP B 142 11.54 -14.94 20.31
C TRP B 142 10.05 -15.19 20.28
N ASP B 143 9.56 -15.63 19.13
CA ASP B 143 8.14 -15.90 19.00
C ASP B 143 7.83 -17.37 18.97
N LEU B 144 6.92 -17.75 19.86
CA LEU B 144 6.48 -19.14 19.94
C LEU B 144 5.06 -19.04 19.43
N VAL B 145 4.92 -19.18 18.12
CA VAL B 145 3.62 -19.09 17.49
C VAL B 145 3.02 -20.50 17.55
N GLY B 146 2.30 -20.73 18.62
CA GLY B 146 1.70 -22.05 18.82
C GLY B 146 0.20 -22.11 19.02
N ASN B 147 -0.32 -23.30 18.83
CA ASN B 147 -1.73 -23.61 18.95
C ASN B 147 -2.05 -24.24 20.31
N ASN B 148 -3.30 -24.68 20.46
CA ASN B 148 -3.74 -25.32 21.69
C ASN B 148 -3.51 -26.84 21.59
N THR B 149 -2.62 -27.25 20.71
CA THR B 149 -2.32 -28.65 20.53
C THR B 149 -0.91 -28.78 19.95
N PRO B 150 -0.27 -29.92 20.17
CA PRO B 150 1.10 -30.19 19.68
C PRO B 150 1.11 -30.70 18.25
N ILE B 151 -0.07 -30.83 17.66
CA ILE B 151 -0.17 -31.33 16.31
C ILE B 151 -1.16 -30.51 15.47
N PHE B 152 -0.93 -30.53 14.15
CA PHE B 152 -1.78 -29.82 13.21
C PHE B 152 -2.41 -30.85 12.29
N PHE B 153 -3.08 -30.38 11.24
CA PHE B 153 -3.77 -31.26 10.29
C PHE B 153 -2.88 -31.78 9.16
N ILE B 154 -2.02 -30.94 8.60
CA ILE B 154 -1.17 -31.32 7.49
C ILE B 154 0.31 -31.32 7.81
N ARG B 155 1.11 -32.04 7.01
CA ARG B 155 2.57 -32.07 7.26
C ARG B 155 3.47 -31.45 6.20
N ASP B 156 2.89 -30.96 5.11
CA ASP B 156 3.66 -30.29 4.05
C ASP B 156 3.03 -28.91 3.84
N ALA B 157 3.84 -27.87 4.02
CA ALA B 157 3.37 -26.51 3.90
C ALA B 157 2.50 -26.24 2.67
N LEU B 158 2.85 -26.84 1.54
CA LEU B 158 2.14 -26.65 0.30
C LEU B 158 0.62 -26.88 0.41
N LEU B 159 0.18 -27.84 1.24
CA LEU B 159 -1.22 -28.11 1.37
C LEU B 159 -1.90 -27.25 2.41
N PHE B 160 -1.23 -26.20 2.84
CA PHE B 160 -1.82 -25.33 3.86
C PHE B 160 -2.76 -24.27 3.27
N PRO B 161 -2.30 -23.55 2.24
CA PRO B 161 -3.17 -22.55 1.65
C PRO B 161 -4.46 -23.19 1.18
N SER B 162 -4.32 -24.34 0.52
CA SER B 162 -5.46 -25.09 0.04
C SER B 162 -6.35 -25.47 1.23
N PHE B 163 -5.75 -25.75 2.34
CA PHE B 163 -6.48 -26.12 3.56
C PHE B 163 -7.27 -24.96 4.10
N ILE B 164 -6.59 -23.87 4.40
CA ILE B 164 -7.25 -22.68 4.95
C ILE B 164 -8.42 -22.29 4.07
N HIS B 165 -8.29 -22.56 2.78
CA HIS B 165 -9.37 -22.25 1.88
C HIS B 165 -10.49 -23.23 2.19
N SER B 166 -10.14 -24.52 2.19
CA SER B 166 -11.13 -25.57 2.45
C SER B 166 -11.96 -25.28 3.70
N GLN B 167 -11.42 -24.48 4.62
CA GLN B 167 -12.15 -24.16 5.86
C GLN B 167 -12.92 -22.85 5.79
N LYS B 168 -12.43 -21.91 5.00
CA LYS B 168 -13.08 -20.62 4.88
C LYS B 168 -14.13 -20.61 3.79
N ARG B 169 -14.88 -19.51 3.66
CA ARG B 169 -15.95 -19.40 2.69
C ARG B 169 -15.72 -19.94 1.29
N ASN B 170 -16.82 -20.07 0.56
CA ASN B 170 -16.82 -20.54 -0.81
C ASN B 170 -16.50 -19.36 -1.69
N PRO B 171 -15.64 -19.57 -2.71
CA PRO B 171 -15.27 -18.46 -3.62
C PRO B 171 -16.47 -17.74 -4.24
N GLN B 172 -17.56 -18.50 -4.43
CA GLN B 172 -18.77 -17.91 -5.01
C GLN B 172 -19.82 -17.51 -4.01
N THR B 173 -20.26 -18.44 -3.19
CA THR B 173 -21.33 -18.14 -2.23
C THR B 173 -20.91 -17.34 -1.01
N HIS B 174 -19.63 -17.41 -0.64
CA HIS B 174 -19.14 -16.71 0.55
C HIS B 174 -19.69 -17.31 1.83
N LEU B 175 -20.21 -18.54 1.72
CA LEU B 175 -20.76 -19.24 2.86
C LEU B 175 -19.78 -20.31 3.26
N LYS B 176 -19.99 -20.91 4.42
CA LYS B 176 -19.06 -21.99 4.85
C LYS B 176 -19.47 -23.22 4.02
N ASP B 177 -18.52 -23.95 3.48
CA ASP B 177 -18.88 -25.07 2.64
C ASP B 177 -18.31 -26.39 3.13
N PRO B 178 -19.17 -27.25 3.71
CA PRO B 178 -18.75 -28.57 4.22
C PRO B 178 -18.17 -29.42 3.11
N ASP B 179 -18.77 -29.36 1.94
CA ASP B 179 -18.27 -30.15 0.82
C ASP B 179 -16.79 -29.90 0.67
N MET B 180 -16.36 -28.68 0.94
CA MET B 180 -14.95 -28.33 0.84
C MET B 180 -14.18 -28.79 2.06
N VAL B 181 -14.73 -28.46 3.22
CA VAL B 181 -14.14 -28.82 4.51
C VAL B 181 -13.78 -30.30 4.60
N TRP B 182 -14.64 -31.14 4.00
CA TRP B 182 -14.48 -32.58 4.01
C TRP B 182 -13.88 -33.21 2.77
N ASP B 183 -13.99 -32.58 1.59
CA ASP B 183 -13.36 -33.20 0.44
C ASP B 183 -11.87 -33.17 0.68
N PHE B 184 -11.42 -32.09 1.31
CA PHE B 184 -10.02 -31.94 1.61
C PHE B 184 -9.58 -32.92 2.69
N TRP B 185 -10.32 -32.94 3.78
CA TRP B 185 -10.03 -33.83 4.90
C TRP B 185 -10.05 -35.28 4.45
N SER B 186 -11.07 -35.62 3.66
CA SER B 186 -11.23 -36.96 3.15
C SER B 186 -10.07 -37.43 2.28
N LEU B 187 -9.66 -36.59 1.33
CA LEU B 187 -8.56 -36.94 0.45
C LEU B 187 -7.21 -36.87 1.16
N ARG B 188 -7.19 -36.27 2.35
CA ARG B 188 -5.96 -36.13 3.10
C ARG B 188 -6.12 -36.68 4.52
N PRO B 189 -6.00 -38.02 4.67
CA PRO B 189 -6.11 -38.69 5.94
C PRO B 189 -5.13 -38.23 7.01
N GLU B 190 -4.03 -37.60 6.60
CA GLU B 190 -3.05 -37.14 7.58
C GLU B 190 -3.72 -36.30 8.66
N SER B 191 -4.82 -35.65 8.29
CA SER B 191 -5.57 -34.81 9.22
C SER B 191 -6.17 -35.61 10.38
N LEU B 192 -6.52 -36.85 10.08
CA LEU B 192 -7.12 -37.76 11.05
C LEU B 192 -6.79 -37.38 12.48
N HIS B 193 -5.52 -37.52 12.85
CA HIS B 193 -5.09 -37.19 14.19
C HIS B 193 -5.65 -35.85 14.68
N GLN B 194 -5.23 -34.75 14.07
CA GLN B 194 -5.73 -33.44 14.48
C GLN B 194 -7.20 -33.21 14.24
N VAL B 195 -7.83 -34.03 13.39
CA VAL B 195 -9.26 -33.85 13.16
C VAL B 195 -9.95 -34.30 14.46
N SER B 196 -9.65 -35.53 14.89
CA SER B 196 -10.20 -36.09 16.10
C SER B 196 -10.00 -35.19 17.31
N PHE B 197 -8.85 -34.54 17.42
CA PHE B 197 -8.58 -33.68 18.55
C PHE B 197 -9.49 -32.49 18.54
N LEU B 198 -9.84 -32.04 17.34
CA LEU B 198 -10.72 -30.88 17.18
C LEU B 198 -12.12 -31.20 17.68
N PHE B 199 -12.75 -32.17 17.05
CA PHE B 199 -14.11 -32.56 17.43
C PHE B 199 -14.18 -33.25 18.78
N SER B 200 -13.15 -33.05 19.59
CA SER B 200 -13.12 -33.64 20.92
C SER B 200 -13.76 -32.56 21.80
N ASP B 201 -13.61 -32.70 23.12
CA ASP B 201 -14.17 -31.72 24.05
C ASP B 201 -13.36 -30.42 24.06
N ARG B 202 -12.08 -30.54 23.76
CA ARG B 202 -11.21 -29.38 23.76
C ARG B 202 -11.59 -28.35 22.67
N GLY B 203 -12.29 -28.83 21.64
CA GLY B 203 -12.71 -27.94 20.55
C GLY B 203 -13.10 -26.52 20.93
N ILE B 204 -13.67 -26.34 22.12
CA ILE B 204 -14.09 -25.00 22.55
C ILE B 204 -13.83 -24.81 24.03
N PRO B 205 -12.66 -24.24 24.38
CA PRO B 205 -12.38 -24.02 25.82
C PRO B 205 -13.26 -22.93 26.41
N ASP B 206 -13.22 -22.78 27.72
CA ASP B 206 -13.99 -21.75 28.41
C ASP B 206 -13.07 -20.54 28.54
N GLY B 207 -13.11 -19.68 27.54
CA GLY B 207 -12.26 -18.51 27.55
C GLY B 207 -10.94 -18.91 26.90
N HIS B 208 -9.89 -18.12 27.10
CA HIS B 208 -8.61 -18.43 26.51
C HIS B 208 -7.68 -18.99 27.59
N ARG B 209 -8.13 -18.89 28.85
CA ARG B 209 -7.37 -19.34 30.01
C ARG B 209 -7.39 -20.83 30.32
N HIS B 210 -8.57 -21.46 30.33
CA HIS B 210 -8.63 -22.88 30.61
C HIS B 210 -8.25 -23.78 29.46
N MET B 211 -7.22 -23.37 28.70
CA MET B 211 -6.72 -24.13 27.57
C MET B 211 -5.21 -24.34 27.64
N ASP B 212 -4.69 -25.27 26.86
CA ASP B 212 -3.25 -25.57 26.85
C ASP B 212 -2.53 -24.93 25.65
N GLY B 213 -1.23 -24.71 25.81
CA GLY B 213 -0.43 -24.13 24.75
C GLY B 213 0.71 -25.05 24.35
N TYR B 214 1.10 -24.99 23.08
CA TYR B 214 2.18 -25.84 22.59
C TYR B 214 2.92 -25.18 21.43
N GLY B 215 4.16 -25.60 21.20
CA GLY B 215 4.90 -25.05 20.06
C GLY B 215 4.61 -25.96 18.89
N SER B 216 3.79 -26.98 19.17
CA SER B 216 3.38 -27.99 18.19
C SER B 216 4.55 -28.67 17.47
N HIS B 217 5.31 -27.88 16.72
CA HIS B 217 6.47 -28.38 15.95
C HIS B 217 7.60 -28.97 16.81
N THR B 218 8.65 -29.43 16.12
CA THR B 218 9.83 -29.97 16.76
C THR B 218 10.91 -28.90 16.55
N PHE B 219 11.60 -28.52 17.61
CA PHE B 219 12.64 -27.50 17.46
C PHE B 219 14.01 -28.00 17.79
N LYS B 220 14.96 -27.09 17.92
CA LYS B 220 16.33 -27.46 18.21
C LYS B 220 16.96 -26.54 19.23
N LEU B 221 17.38 -27.13 20.36
CA LEU B 221 18.03 -26.37 21.40
C LEU B 221 19.53 -26.54 21.21
N VAL B 222 20.27 -25.53 21.63
CA VAL B 222 21.73 -25.57 21.53
C VAL B 222 22.30 -24.95 22.79
N ASN B 223 23.33 -25.58 23.33
CA ASN B 223 23.96 -25.10 24.57
C ASN B 223 25.21 -24.32 24.22
N ALA B 224 25.68 -23.55 25.19
CA ALA B 224 26.89 -22.73 25.01
C ALA B 224 28.06 -23.64 24.62
N ASP B 225 27.88 -24.94 24.74
CA ASP B 225 28.92 -25.90 24.39
C ASP B 225 28.76 -26.41 22.97
N GLY B 226 27.89 -25.76 22.19
CA GLY B 226 27.71 -26.17 20.81
C GLY B 226 26.97 -27.47 20.58
N GLU B 227 26.57 -28.14 21.68
CA GLU B 227 25.82 -29.39 21.50
C GLU B 227 24.37 -28.97 21.26
N ALA B 228 23.64 -29.82 20.56
CA ALA B 228 22.24 -29.52 20.26
C ALA B 228 21.37 -30.74 20.45
N VAL B 229 20.07 -30.51 20.50
CA VAL B 229 19.13 -31.60 20.68
C VAL B 229 17.74 -31.08 20.32
N TYR B 230 16.93 -31.94 19.71
CA TYR B 230 15.58 -31.53 19.33
C TYR B 230 14.68 -31.43 20.56
N CYS B 231 13.72 -30.51 20.52
CA CYS B 231 12.80 -30.35 21.63
C CYS B 231 11.36 -30.01 21.21
N LYS B 232 10.45 -30.03 22.19
CA LYS B 232 9.03 -29.74 21.97
C LYS B 232 8.62 -28.93 23.19
N PHE B 233 7.95 -27.82 22.97
CA PHE B 233 7.52 -26.97 24.08
C PHE B 233 6.05 -27.19 24.45
N HIS B 234 5.79 -27.32 25.74
CA HIS B 234 4.43 -27.51 26.25
C HIS B 234 4.23 -26.61 27.47
N TYR B 235 3.40 -25.58 27.34
CA TYR B 235 3.09 -24.70 28.47
C TYR B 235 1.64 -24.90 28.89
N LYS B 236 1.44 -25.79 29.87
CA LYS B 236 0.11 -26.12 30.37
C LYS B 236 -0.52 -25.00 31.18
N THR B 237 -1.84 -25.07 31.33
CA THR B 237 -2.60 -24.08 32.07
C THR B 237 -2.67 -24.39 33.56
N ASP B 238 -2.44 -23.35 34.35
CA ASP B 238 -2.49 -23.48 35.78
C ASP B 238 -3.89 -23.10 36.28
N GLN B 239 -4.76 -22.74 35.34
CA GLN B 239 -6.14 -22.37 35.67
C GLN B 239 -6.98 -23.63 35.52
N GLY B 240 -6.40 -24.67 34.93
CA GLY B 240 -7.09 -25.93 34.72
C GLY B 240 -7.78 -25.99 33.36
N ILE B 241 -7.91 -27.17 32.79
CA ILE B 241 -8.58 -27.36 31.52
C ILE B 241 -10.10 -27.28 31.68
N LYS B 242 -10.77 -26.54 30.80
CA LYS B 242 -12.23 -26.40 30.85
C LYS B 242 -12.78 -26.13 29.44
N ASN B 243 -13.78 -26.91 29.06
CA ASN B 243 -14.39 -26.75 27.73
C ASN B 243 -15.87 -26.36 27.82
N LEU B 244 -16.46 -26.02 26.69
CA LEU B 244 -17.86 -25.63 26.64
C LEU B 244 -18.69 -26.53 25.73
N SER B 245 -19.79 -27.03 26.27
CA SER B 245 -20.69 -27.92 25.53
C SER B 245 -21.12 -27.28 24.22
N VAL B 246 -21.29 -28.10 23.20
CA VAL B 246 -21.74 -27.60 21.89
C VAL B 246 -22.91 -26.66 22.14
N GLU B 247 -23.62 -26.95 23.23
CA GLU B 247 -24.77 -26.18 23.66
C GLU B 247 -24.44 -24.72 23.94
N ASP B 248 -23.60 -24.49 24.93
CA ASP B 248 -23.19 -23.13 25.29
C ASP B 248 -22.48 -22.45 24.13
N ALA B 249 -21.50 -23.15 23.57
CA ALA B 249 -20.73 -22.64 22.46
C ALA B 249 -21.64 -21.95 21.45
N ALA B 250 -22.90 -22.40 21.39
CA ALA B 250 -23.87 -21.84 20.47
C ALA B 250 -24.63 -20.68 21.09
N ARG B 251 -25.03 -20.84 22.35
CA ARG B 251 -25.75 -19.78 23.04
C ARG B 251 -24.82 -18.60 23.19
N LEU B 252 -23.58 -18.90 23.61
CA LEU B 252 -22.56 -17.87 23.77
C LEU B 252 -22.25 -17.29 22.41
N ALA B 253 -22.30 -18.13 21.40
CA ALA B 253 -22.04 -17.72 20.03
C ALA B 253 -22.83 -16.46 19.68
N HIS B 254 -23.95 -16.22 20.38
CA HIS B 254 -24.77 -15.05 20.10
C HIS B 254 -25.05 -14.13 21.31
N GLU B 255 -25.03 -14.70 22.52
CA GLU B 255 -25.25 -13.92 23.72
C GLU B 255 -24.10 -12.95 23.95
N ASP B 256 -22.88 -13.44 23.72
CA ASP B 256 -21.67 -12.64 23.86
C ASP B 256 -20.62 -13.22 22.94
N PRO B 257 -20.68 -12.84 21.64
CA PRO B 257 -19.74 -13.32 20.63
C PRO B 257 -18.27 -13.12 21.04
N ASP B 258 -18.04 -12.14 21.92
CA ASP B 258 -16.73 -11.82 22.40
C ASP B 258 -16.48 -12.43 23.80
N TYR B 259 -17.15 -13.52 24.10
CA TYR B 259 -17.01 -14.20 25.38
C TYR B 259 -15.55 -14.31 25.81
N GLY B 260 -14.84 -15.22 25.18
CA GLY B 260 -13.44 -15.41 25.50
C GLY B 260 -12.67 -14.11 25.60
N LEU B 261 -13.08 -13.13 24.82
CA LEU B 261 -12.42 -11.86 24.80
C LEU B 261 -12.47 -11.11 26.13
N ARG B 262 -13.67 -10.86 26.64
CA ARG B 262 -13.81 -10.13 27.91
C ARG B 262 -13.55 -10.99 29.13
N ASP B 263 -13.42 -12.32 28.97
CA ASP B 263 -13.13 -13.18 30.12
C ASP B 263 -11.67 -13.02 30.49
N LEU B 264 -10.89 -12.71 29.47
CA LEU B 264 -9.47 -12.50 29.64
C LEU B 264 -9.21 -11.12 30.19
N PHE B 265 -9.98 -10.15 29.74
CA PHE B 265 -9.79 -8.78 30.23
C PHE B 265 -10.17 -8.62 31.69
N ASN B 266 -11.29 -9.22 32.07
CA ASN B 266 -11.75 -9.12 33.44
C ASN B 266 -10.86 -9.95 34.37
N ALA B 267 -10.44 -11.11 33.91
CA ALA B 267 -9.59 -11.97 34.71
C ALA B 267 -8.40 -11.14 35.22
N ILE B 268 -7.76 -10.41 34.32
CA ILE B 268 -6.62 -9.56 34.64
C ILE B 268 -7.02 -8.24 35.30
N ALA B 269 -8.20 -7.74 34.98
CA ALA B 269 -8.68 -6.49 35.56
C ALA B 269 -8.98 -6.70 37.04
N THR B 270 -9.62 -7.81 37.35
CA THR B 270 -9.98 -8.13 38.73
C THR B 270 -8.73 -8.59 39.48
N GLY B 271 -7.68 -8.87 38.74
CA GLY B 271 -6.41 -9.31 39.32
C GLY B 271 -6.09 -10.80 39.27
N ASN B 272 -6.97 -11.61 38.71
CA ASN B 272 -6.76 -13.05 38.65
C ASN B 272 -5.94 -13.46 37.41
N TYR B 273 -4.66 -13.10 37.41
CA TYR B 273 -3.74 -13.37 36.29
C TYR B 273 -3.59 -14.82 35.85
N PRO B 274 -3.82 -15.11 34.57
CA PRO B 274 -3.71 -16.45 33.99
C PRO B 274 -2.25 -16.91 33.81
N SER B 275 -1.92 -18.10 34.31
CA SER B 275 -0.58 -18.59 34.21
C SER B 275 -0.47 -19.92 33.47
N TRP B 276 0.75 -20.26 33.08
CA TRP B 276 1.00 -21.52 32.36
C TRP B 276 2.40 -22.00 32.72
N THR B 277 2.53 -23.29 32.94
CA THR B 277 3.82 -23.88 33.29
C THR B 277 4.51 -24.50 32.07
N LEU B 278 5.59 -23.86 31.62
CA LEU B 278 6.33 -24.32 30.46
C LEU B 278 7.21 -25.55 30.67
N TYR B 279 7.06 -26.51 29.77
CA TYR B 279 7.83 -27.76 29.80
C TYR B 279 8.53 -27.89 28.48
N ILE B 280 9.24 -29.00 28.32
CA ILE B 280 9.92 -29.27 27.08
C ILE B 280 10.36 -30.71 27.10
N GLN B 281 10.11 -31.40 25.99
CA GLN B 281 10.52 -32.78 25.89
C GLN B 281 11.92 -32.70 25.32
N VAL B 282 12.60 -33.82 25.21
CA VAL B 282 13.96 -33.76 24.67
C VAL B 282 14.30 -35.02 23.92
N MET B 283 14.73 -34.85 22.68
CA MET B 283 15.08 -35.96 21.83
C MET B 283 16.45 -35.69 21.18
N THR B 284 17.40 -36.59 21.44
CA THR B 284 18.73 -36.47 20.90
C THR B 284 18.67 -36.88 19.43
N PHE B 285 19.69 -36.51 18.68
CA PHE B 285 19.73 -36.86 17.26
C PHE B 285 19.73 -38.36 17.16
N SER B 286 20.43 -39.01 18.09
CA SER B 286 20.52 -40.44 18.10
C SER B 286 19.09 -40.97 18.22
N GLU B 287 18.39 -40.48 19.23
CA GLU B 287 17.00 -40.88 19.47
C GLU B 287 16.08 -40.48 18.33
N ALA B 288 16.50 -39.50 17.54
CA ALA B 288 15.69 -39.02 16.42
C ALA B 288 15.72 -40.00 15.26
N GLU B 289 16.88 -40.57 15.01
CA GLU B 289 17.05 -41.54 13.94
C GLU B 289 16.29 -42.81 14.28
N ILE B 290 16.07 -43.03 15.57
CA ILE B 290 15.38 -44.23 16.04
C ILE B 290 13.86 -44.17 16.03
N PHE B 291 13.29 -43.04 16.44
CA PHE B 291 11.83 -42.85 16.51
C PHE B 291 11.11 -43.65 15.43
N PRO B 292 10.13 -44.47 15.81
CA PRO B 292 9.34 -45.31 14.89
C PRO B 292 8.59 -44.47 13.89
N PHE B 293 8.67 -43.15 14.08
CA PHE B 293 8.01 -42.19 13.20
C PHE B 293 8.95 -41.03 12.88
N ASN B 294 8.48 -40.17 12.00
CA ASN B 294 9.20 -38.98 11.60
C ASN B 294 9.17 -38.06 12.82
N PRO B 295 10.34 -37.86 13.45
CA PRO B 295 10.36 -36.98 14.64
C PRO B 295 10.02 -35.55 14.29
N PHE B 296 9.89 -35.28 13.00
CA PHE B 296 9.60 -33.93 12.51
C PHE B 296 8.22 -33.82 11.86
N ASP B 297 7.43 -34.89 11.94
CA ASP B 297 6.07 -34.92 11.40
C ASP B 297 5.17 -34.10 12.34
N LEU B 298 4.49 -33.09 11.80
CA LEU B 298 3.63 -32.23 12.60
C LEU B 298 2.36 -32.95 13.07
N THR B 299 2.00 -34.03 12.40
CA THR B 299 0.83 -34.81 12.71
C THR B 299 1.14 -35.96 13.66
N LYS B 300 2.18 -35.79 14.50
CA LYS B 300 2.60 -36.82 15.44
C LYS B 300 3.07 -36.20 16.75
N VAL B 301 3.05 -36.99 17.82
CA VAL B 301 3.51 -36.53 19.13
C VAL B 301 4.52 -37.52 19.71
N TRP B 302 5.28 -37.07 20.69
CA TRP B 302 6.24 -37.93 21.36
C TRP B 302 5.56 -38.40 22.63
N PRO B 303 5.20 -39.69 22.70
CA PRO B 303 4.54 -40.15 23.93
C PRO B 303 5.31 -39.70 25.17
N HIS B 304 4.58 -39.17 26.15
CA HIS B 304 5.18 -38.69 27.40
C HIS B 304 6.02 -39.77 28.10
N GLY B 305 5.53 -41.02 28.07
CA GLY B 305 6.24 -42.11 28.71
C GLY B 305 7.65 -42.29 28.19
N ASP B 306 7.82 -42.17 26.88
CA ASP B 306 9.13 -42.34 26.27
C ASP B 306 9.93 -41.02 26.32
N TYR B 307 9.23 -39.89 26.46
CA TYR B 307 9.89 -38.58 26.51
C TYR B 307 9.14 -37.67 27.47
N PRO B 308 9.48 -37.75 28.76
CA PRO B 308 8.88 -36.96 29.85
C PRO B 308 9.10 -35.47 29.79
N LEU B 309 8.19 -34.73 30.42
CA LEU B 309 8.23 -33.28 30.46
C LEU B 309 9.14 -32.72 31.55
N ILE B 310 9.87 -31.67 31.21
CA ILE B 310 10.77 -31.01 32.13
C ILE B 310 10.24 -29.62 32.36
N PRO B 311 9.94 -29.28 33.61
CA PRO B 311 9.43 -27.93 33.82
C PRO B 311 10.56 -26.95 33.61
N VAL B 312 10.24 -25.81 33.02
CA VAL B 312 11.24 -24.78 32.76
C VAL B 312 10.80 -23.42 33.30
N GLY B 313 9.57 -23.02 33.00
CA GLY B 313 9.14 -21.72 33.50
C GLY B 313 7.66 -21.48 33.73
N LYS B 314 7.35 -20.26 34.11
CA LYS B 314 6.00 -19.82 34.42
C LYS B 314 5.58 -18.63 33.58
N LEU B 315 4.55 -18.82 32.75
CA LEU B 315 4.03 -17.75 31.90
C LEU B 315 2.91 -17.05 32.65
N VAL B 316 3.09 -15.77 32.92
CA VAL B 316 2.13 -14.98 33.67
C VAL B 316 1.70 -13.68 32.96
N LEU B 317 0.48 -13.66 32.46
CA LEU B 317 -0.11 -12.49 31.79
C LEU B 317 -0.79 -11.66 32.90
N ASN B 318 -0.36 -10.43 33.12
CA ASN B 318 -0.93 -9.61 34.20
C ASN B 318 -1.33 -8.18 33.89
N ARG B 319 -1.01 -7.70 32.68
CA ARG B 319 -1.35 -6.36 32.24
C ARG B 319 -2.32 -6.48 31.08
N ASN B 320 -3.38 -5.71 31.11
CA ASN B 320 -4.36 -5.72 30.05
C ASN B 320 -4.01 -4.67 29.02
N PRO B 321 -4.11 -5.01 27.72
CA PRO B 321 -3.80 -4.06 26.66
C PRO B 321 -4.60 -2.75 26.80
N VAL B 322 -3.95 -1.63 26.52
CA VAL B 322 -4.63 -0.33 26.62
C VAL B 322 -5.44 -0.07 25.34
N ASN B 323 -4.74 0.17 24.26
CA ASN B 323 -5.32 0.39 22.93
C ASN B 323 -5.19 -0.94 22.19
N TYR B 324 -6.33 -1.58 21.90
CA TYR B 324 -6.32 -2.89 21.22
C TYR B 324 -5.67 -2.92 19.84
N PHE B 325 -6.07 -2.00 18.97
CA PHE B 325 -5.54 -1.93 17.62
C PHE B 325 -4.03 -1.96 17.62
N ALA B 326 -3.45 -0.89 18.17
CA ALA B 326 -2.01 -0.71 18.23
C ALA B 326 -1.24 -1.87 18.83
N GLU B 327 -1.72 -2.39 19.95
CA GLU B 327 -1.01 -3.46 20.66
C GLU B 327 -1.42 -4.91 20.38
N VAL B 328 -2.64 -5.15 19.92
CA VAL B 328 -3.06 -6.53 19.67
C VAL B 328 -3.24 -6.87 18.19
N GLU B 329 -4.11 -6.14 17.51
CA GLU B 329 -4.34 -6.37 16.08
C GLU B 329 -3.05 -6.08 15.29
N GLN B 330 -2.33 -5.04 15.70
CA GLN B 330 -1.09 -4.62 15.06
C GLN B 330 0.13 -5.44 15.38
N LEU B 331 0.02 -6.38 16.32
CA LEU B 331 1.16 -7.21 16.70
C LEU B 331 1.88 -7.83 15.49
N ALA B 332 2.72 -8.82 15.73
CA ALA B 332 3.43 -9.53 14.69
C ALA B 332 4.29 -10.65 15.30
N PHE B 333 3.80 -11.88 15.29
CA PHE B 333 4.54 -13.04 15.83
C PHE B 333 5.22 -13.80 14.69
N ASP B 334 6.53 -13.71 14.59
CA ASP B 334 7.24 -14.38 13.52
C ASP B 334 8.15 -15.51 13.98
N PRO B 335 7.74 -16.75 13.75
CA PRO B 335 8.50 -17.94 14.13
C PRO B 335 10.00 -17.79 13.79
N SER B 336 10.27 -17.06 12.71
CA SER B 336 11.63 -16.83 12.26
C SER B 336 12.49 -16.19 13.35
N ASN B 337 11.88 -15.33 14.15
CA ASN B 337 12.56 -14.67 15.26
C ASN B 337 12.94 -15.64 16.37
N MET B 338 14.17 -16.14 16.32
CA MET B 338 14.66 -17.08 17.32
C MET B 338 16.06 -16.66 17.70
N PRO B 339 16.31 -16.48 19.00
CA PRO B 339 17.64 -16.08 19.46
C PRO B 339 18.58 -17.28 19.61
N PRO B 340 19.89 -17.01 19.80
CA PRO B 340 20.91 -18.08 19.95
C PRO B 340 20.51 -19.12 21.02
N GLY B 341 20.63 -20.41 20.66
CA GLY B 341 20.28 -21.49 21.57
C GLY B 341 18.97 -22.14 21.15
N ILE B 342 18.34 -21.54 20.15
CA ILE B 342 17.07 -22.03 19.62
C ILE B 342 17.09 -21.99 18.09
N GLU B 343 16.65 -23.09 17.46
CA GLU B 343 16.66 -23.19 16.01
C GLU B 343 15.51 -24.10 15.53
N PRO B 344 15.13 -23.96 14.25
CA PRO B 344 14.05 -24.79 13.71
C PRO B 344 14.56 -26.16 13.28
N SER B 345 13.65 -27.11 13.30
CA SER B 345 13.97 -28.46 12.88
C SER B 345 13.54 -28.55 11.41
N PRO B 346 13.99 -29.61 10.71
CA PRO B 346 13.59 -29.73 9.29
C PRO B 346 12.13 -30.09 9.13
N ASP B 347 11.31 -29.70 10.12
CA ASP B 347 9.88 -29.98 10.08
C ASP B 347 9.24 -29.14 8.97
N LYS B 348 9.05 -29.76 7.81
CA LYS B 348 8.50 -29.12 6.62
C LYS B 348 7.45 -28.04 6.83
N MET B 349 6.65 -28.18 7.86
CA MET B 349 5.58 -27.20 8.16
C MET B 349 6.24 -26.02 8.85
N LEU B 350 7.18 -26.32 9.74
CA LEU B 350 7.90 -25.29 10.44
C LEU B 350 8.71 -24.51 9.40
N GLN B 351 9.33 -25.24 8.49
CA GLN B 351 10.13 -24.62 7.44
C GLN B 351 9.30 -23.63 6.65
N GLY B 352 7.99 -23.88 6.61
CA GLY B 352 7.10 -22.98 5.90
C GLY B 352 6.85 -21.70 6.66
N ARG B 353 6.73 -21.77 7.99
CA ARG B 353 6.49 -20.57 8.79
C ARG B 353 7.72 -19.68 8.81
N LEU B 354 8.89 -20.26 8.50
CA LEU B 354 10.09 -19.48 8.48
C LEU B 354 9.94 -18.38 7.45
N PHE B 355 9.13 -18.63 6.43
CA PHE B 355 8.90 -17.68 5.32
C PHE B 355 7.64 -16.82 5.36
N ALA B 356 6.50 -17.48 5.45
CA ALA B 356 5.19 -16.86 5.43
C ALA B 356 4.93 -15.70 6.39
N TYR B 357 5.30 -15.86 7.64
CA TYR B 357 5.05 -14.78 8.57
C TYR B 357 5.67 -13.45 8.19
N PRO B 358 7.01 -13.38 8.07
CA PRO B 358 7.53 -12.07 7.70
C PRO B 358 6.96 -11.64 6.32
N ASP B 359 6.67 -12.61 5.46
CA ASP B 359 6.11 -12.34 4.14
C ASP B 359 4.83 -11.50 4.29
N THR B 360 3.83 -12.06 4.95
CA THR B 360 2.55 -11.39 5.17
C THR B 360 2.66 -10.15 6.04
N HIS B 361 3.37 -10.25 7.14
CA HIS B 361 3.54 -9.12 8.04
C HIS B 361 3.89 -7.88 7.27
N ARG B 362 4.89 -8.00 6.42
CA ARG B 362 5.31 -6.85 5.60
C ARG B 362 4.13 -6.30 4.86
N HIS B 363 3.20 -7.18 4.49
CA HIS B 363 2.02 -6.76 3.77
C HIS B 363 0.90 -6.22 4.66
N ARG B 364 0.50 -7.01 5.65
CA ARG B 364 -0.58 -6.58 6.55
C ARG B 364 -0.28 -5.24 7.19
N LEU B 365 0.84 -5.15 7.88
CA LEU B 365 1.22 -3.92 8.56
C LEU B 365 2.08 -2.99 7.73
N GLY B 366 2.91 -3.56 6.87
CA GLY B 366 3.78 -2.74 6.04
C GLY B 366 5.22 -3.20 6.19
N PRO B 367 6.12 -2.71 5.34
CA PRO B 367 7.54 -3.08 5.39
C PRO B 367 8.19 -2.99 6.79
N ASN B 368 8.01 -1.85 7.46
CA ASN B 368 8.58 -1.62 8.78
C ASN B 368 7.71 -2.15 9.92
N TYR B 369 7.02 -3.24 9.68
CA TYR B 369 6.13 -3.82 10.69
C TYR B 369 6.82 -4.17 12.02
N LEU B 370 8.15 -4.19 12.04
CA LEU B 370 8.86 -4.47 13.29
C LEU B 370 9.12 -3.13 13.99
N GLN B 371 9.00 -2.04 13.23
CA GLN B 371 9.21 -0.71 13.77
C GLN B 371 8.01 -0.29 14.62
N ILE B 372 6.99 -1.12 14.66
CA ILE B 372 5.82 -0.80 15.47
C ILE B 372 6.16 -1.15 16.91
N PRO B 373 5.97 -0.21 17.85
CA PRO B 373 6.27 -0.41 19.26
C PRO B 373 6.06 -1.84 19.74
N VAL B 374 4.85 -2.33 19.59
CA VAL B 374 4.51 -3.68 20.03
C VAL B 374 5.41 -4.74 19.45
N ASN B 375 5.82 -4.56 18.20
CA ASN B 375 6.67 -5.54 17.54
C ASN B 375 8.17 -5.27 17.67
N CYS B 376 8.54 -4.06 18.03
CA CYS B 376 9.96 -3.69 18.16
C CYS B 376 10.63 -4.41 19.34
N PRO B 377 11.75 -5.10 19.10
CA PRO B 377 12.47 -5.82 20.18
C PRO B 377 13.33 -4.84 21.00
N TYR B 378 12.69 -4.21 21.99
CA TYR B 378 13.33 -3.19 22.83
C TYR B 378 14.34 -3.64 23.87
N ARG B 379 14.29 -4.91 24.27
CA ARG B 379 15.23 -5.41 25.25
C ARG B 379 16.53 -5.76 24.57
N ALA B 380 16.64 -5.39 23.30
CA ALA B 380 17.80 -5.62 22.48
C ALA B 380 18.25 -4.28 21.93
N ARG B 381 19.16 -4.31 20.96
CA ARG B 381 19.66 -3.08 20.34
C ARG B 381 19.82 -3.33 18.86
N VAL B 382 18.69 -3.37 18.14
CA VAL B 382 18.75 -3.61 16.71
C VAL B 382 19.79 -2.73 16.04
N ALA B 383 20.61 -3.33 15.19
CA ALA B 383 21.67 -2.63 14.49
C ALA B 383 22.15 -3.46 13.32
N ASN B 384 22.20 -2.85 12.16
CA ASN B 384 22.63 -3.56 10.99
C ASN B 384 22.73 -2.68 9.75
N TYR B 385 22.60 -3.32 8.60
CA TYR B 385 22.74 -2.64 7.32
C TYR B 385 21.44 -2.60 6.52
N GLN B 386 20.35 -2.22 7.16
CA GLN B 386 19.07 -2.13 6.48
C GLN B 386 18.62 -0.68 6.57
N ARG B 387 18.00 -0.17 5.52
CA ARG B 387 17.56 1.23 5.54
C ARG B 387 16.30 1.53 4.76
N ASP B 388 15.70 2.67 5.08
CA ASP B 388 14.53 3.14 4.35
C ASP B 388 13.21 2.40 4.54
N GLY B 389 12.49 2.21 3.43
CA GLY B 389 11.18 1.54 3.51
C GLY B 389 10.09 2.54 3.84
N PRO B 390 8.87 2.33 3.36
CA PRO B 390 7.74 3.24 3.63
C PRO B 390 7.43 3.37 5.10
N MET B 391 7.04 4.59 5.49
CA MET B 391 6.69 4.86 6.88
C MET B 391 7.84 4.52 7.83
N CYS B 392 9.05 4.90 7.44
CA CYS B 392 10.21 4.65 8.27
C CYS B 392 10.25 5.55 9.51
N MET B 393 9.84 5.02 10.64
CA MET B 393 9.87 5.80 11.88
C MET B 393 11.31 5.97 12.34
N MET B 394 11.54 5.79 13.63
CA MET B 394 12.88 5.93 14.22
C MET B 394 13.72 6.99 13.51
N ASP B 395 15.05 6.86 13.59
CA ASP B 395 15.93 6.47 12.81
C ASP B 395 16.48 7.14 11.69
N ASN B 396 16.00 5.93 11.42
CA ASN B 396 16.42 5.15 10.27
C ASN B 396 17.91 4.79 10.42
N GLN B 397 18.29 4.35 11.63
CA GLN B 397 19.65 3.95 11.93
C GLN B 397 20.69 5.04 11.72
N GLY B 398 20.29 6.28 11.89
CA GLY B 398 21.18 7.42 11.73
C GLY B 398 22.01 7.54 10.48
N GLY B 399 23.07 8.35 10.55
CA GLY B 399 23.93 8.56 9.40
C GLY B 399 25.09 7.58 9.34
N ALA B 400 24.94 6.45 10.02
CA ALA B 400 25.98 5.43 10.07
C ALA B 400 26.23 4.75 8.73
N PRO B 401 27.46 4.25 8.49
CA PRO B 401 27.82 3.59 7.23
C PRO B 401 26.73 2.57 6.89
N ASN B 402 26.58 2.24 5.60
CA ASN B 402 25.50 1.32 5.24
C ASN B 402 25.86 0.04 4.48
N TYR B 403 27.14 -0.22 4.25
CA TYR B 403 27.56 -1.42 3.55
C TYR B 403 28.42 -2.27 4.48
N TYR B 404 28.38 -3.57 4.24
CA TYR B 404 29.15 -4.51 5.05
C TYR B 404 29.98 -5.32 4.05
N PRO B 405 31.30 -5.43 4.27
CA PRO B 405 32.00 -4.81 5.40
C PRO B 405 32.34 -3.34 5.23
N ASN B 406 32.74 -2.68 6.32
CA ASN B 406 33.13 -1.28 6.21
C ASN B 406 34.29 -1.00 7.14
N SER B 407 34.99 0.11 6.90
CA SER B 407 36.11 0.48 7.71
C SER B 407 35.73 1.64 8.59
N PHE B 408 34.44 1.82 8.86
CA PHE B 408 33.99 2.92 9.70
C PHE B 408 33.24 2.56 10.97
N SER B 409 33.72 1.56 11.66
CA SER B 409 33.17 1.14 12.94
C SER B 409 31.67 0.97 12.99
N ALA B 410 31.08 0.51 11.89
CA ALA B 410 29.64 0.26 11.86
C ALA B 410 29.47 -1.16 12.43
N PRO B 411 28.24 -1.57 12.74
CA PRO B 411 27.95 -2.91 13.32
C PRO B 411 28.67 -4.13 12.72
N GLU B 412 29.26 -4.92 13.61
CA GLU B 412 30.01 -6.13 13.23
C GLU B 412 29.23 -7.36 13.70
N HIS B 413 29.44 -8.50 13.03
CA HIS B 413 28.76 -9.71 13.43
C HIS B 413 29.30 -10.32 14.72
N GLN B 414 28.56 -11.30 15.26
CA GLN B 414 28.95 -11.98 16.49
C GLN B 414 28.94 -13.49 16.27
N PRO B 415 30.12 -14.06 16.03
CA PRO B 415 30.27 -15.51 15.79
C PRO B 415 29.69 -16.40 16.86
N SER B 416 29.46 -15.83 18.04
CA SER B 416 28.92 -16.58 19.15
C SER B 416 27.45 -16.95 18.94
N ALA B 417 26.87 -16.45 17.86
CA ALA B 417 25.46 -16.72 17.54
C ALA B 417 25.29 -17.46 16.22
N LEU B 418 26.35 -18.11 15.76
CA LEU B 418 26.28 -18.85 14.50
C LEU B 418 25.35 -20.03 14.59
N GLU B 419 24.49 -20.18 13.58
CA GLU B 419 23.52 -21.28 13.53
C GLU B 419 24.20 -22.64 13.64
N HIS B 420 23.72 -23.49 14.54
CA HIS B 420 24.30 -24.82 14.73
C HIS B 420 24.34 -25.64 13.45
N ARG B 421 25.55 -26.09 13.13
CA ARG B 421 25.84 -26.88 11.93
C ARG B 421 25.47 -28.37 12.02
N THR B 422 24.63 -28.83 11.09
CA THR B 422 24.23 -30.24 11.03
C THR B 422 24.49 -30.77 9.63
N HIS B 423 24.80 -32.07 9.53
CA HIS B 423 25.07 -32.65 8.22
C HIS B 423 23.85 -33.33 7.61
N PHE B 424 23.57 -33.03 6.34
CA PHE B 424 22.47 -33.61 5.64
C PHE B 424 22.94 -34.19 4.32
N SER B 425 22.54 -35.43 4.05
CA SER B 425 22.92 -36.08 2.83
C SER B 425 21.68 -36.51 2.11
N GLY B 426 21.74 -36.55 0.78
CA GLY B 426 20.58 -36.93 0.02
C GLY B 426 20.37 -35.99 -1.16
N ASP B 427 19.59 -36.45 -2.12
CA ASP B 427 19.27 -35.67 -3.31
C ASP B 427 18.30 -34.54 -3.01
N VAL B 428 18.13 -33.64 -3.98
CA VAL B 428 17.19 -32.55 -3.87
C VAL B 428 15.98 -32.98 -4.69
N GLN B 429 14.88 -33.25 -4.01
CA GLN B 429 13.67 -33.69 -4.70
C GLN B 429 12.43 -33.48 -3.87
N ARG B 430 11.28 -33.48 -4.54
CA ARG B 430 10.02 -33.31 -3.86
C ARG B 430 9.67 -34.66 -3.22
N PHE B 431 10.19 -34.88 -2.01
CA PHE B 431 9.97 -36.11 -1.24
C PHE B 431 8.58 -36.22 -0.62
N ASN B 432 7.83 -37.22 -1.06
CA ASN B 432 6.46 -37.47 -0.62
C ASN B 432 6.25 -37.86 0.85
N SER B 433 5.54 -37.02 1.59
CA SER B 433 5.28 -37.30 3.01
C SER B 433 3.84 -37.71 3.24
N ALA B 434 3.04 -37.71 2.19
CA ALA B 434 1.61 -38.04 2.30
C ALA B 434 1.33 -39.33 3.07
N ASN B 435 1.94 -40.43 2.65
CA ASN B 435 1.69 -41.72 3.29
C ASN B 435 2.56 -41.98 4.50
N ASP B 436 2.85 -40.95 5.28
CA ASP B 436 3.68 -41.13 6.43
C ASP B 436 2.91 -41.62 7.65
N ASP B 437 2.09 -42.65 7.45
CA ASP B 437 1.30 -43.25 8.53
C ASP B 437 0.39 -42.23 9.21
N ASN B 438 -0.88 -42.19 8.79
CA ASN B 438 -1.80 -41.24 9.38
C ASN B 438 -2.88 -41.93 10.19
N VAL B 439 -2.53 -43.01 10.88
CA VAL B 439 -3.54 -43.74 11.66
C VAL B 439 -3.13 -44.16 13.07
N THR B 440 -2.07 -44.99 13.15
CA THR B 440 -1.57 -45.48 14.41
C THR B 440 -1.81 -44.57 15.61
N GLN B 441 -0.93 -43.59 15.76
CA GLN B 441 -1.06 -42.66 16.88
C GLN B 441 -2.48 -42.16 17.03
N VAL B 442 -3.25 -42.24 15.95
CA VAL B 442 -4.62 -41.78 15.94
C VAL B 442 -5.49 -42.79 16.68
N ARG B 443 -5.30 -44.07 16.37
CA ARG B 443 -6.03 -45.15 16.99
C ARG B 443 -5.82 -45.13 18.49
N THR B 444 -4.58 -44.99 18.92
CA THR B 444 -4.27 -44.98 20.34
C THR B 444 -4.74 -43.65 20.97
N PHE B 445 -5.57 -42.92 20.28
CA PHE B 445 -6.08 -41.67 20.84
C PHE B 445 -7.61 -41.78 20.95
N TYR B 446 -8.18 -42.62 20.07
CA TYR B 446 -9.61 -42.87 20.03
C TYR B 446 -9.97 -43.85 21.14
N LEU B 447 -9.11 -44.86 21.33
CA LEU B 447 -9.33 -45.85 22.36
C LEU B 447 -8.11 -45.96 23.26
N LYS B 448 -7.75 -44.85 23.88
CA LYS B 448 -6.61 -44.81 24.81
C LYS B 448 -6.49 -43.46 25.49
N VAL B 449 -6.80 -42.40 24.79
CA VAL B 449 -6.72 -41.08 25.39
C VAL B 449 -8.07 -40.59 25.88
N LEU B 450 -9.12 -41.01 25.18
CA LEU B 450 -10.48 -40.62 25.52
C LEU B 450 -11.28 -41.76 26.17
N ASN B 451 -12.26 -41.43 27.01
CA ASN B 451 -13.06 -42.49 27.61
C ASN B 451 -14.25 -42.75 26.69
N GLU B 452 -15.23 -43.51 27.18
CA GLU B 452 -16.45 -43.86 26.42
C GLU B 452 -17.34 -42.64 26.24
N GLU B 453 -17.38 -41.80 27.26
CA GLU B 453 -18.20 -40.60 27.23
C GLU B 453 -17.77 -39.70 26.07
N GLN B 454 -16.54 -39.22 26.13
CA GLN B 454 -16.02 -38.34 25.09
C GLN B 454 -15.82 -39.08 23.77
N ARG B 455 -15.53 -40.38 23.85
CA ARG B 455 -15.35 -41.19 22.65
C ARG B 455 -16.59 -41.01 21.78
N LYS B 456 -17.76 -41.02 22.45
CA LYS B 456 -19.03 -40.86 21.76
C LYS B 456 -19.23 -39.41 21.34
N ARG B 457 -19.07 -38.49 22.29
CA ARG B 457 -19.22 -37.06 22.01
C ARG B 457 -18.50 -36.72 20.72
N LEU B 458 -17.44 -37.47 20.43
CA LEU B 458 -16.68 -37.26 19.22
C LEU B 458 -17.49 -37.73 18.02
N CYS B 459 -17.74 -39.03 17.95
CA CYS B 459 -18.51 -39.61 16.85
C CYS B 459 -19.82 -38.86 16.59
N GLU B 460 -20.26 -38.07 17.56
CA GLU B 460 -21.49 -37.30 17.43
C GLU B 460 -21.17 -35.97 16.78
N ASN B 461 -20.18 -35.30 17.35
CA ASN B 461 -19.76 -34.01 16.84
C ASN B 461 -19.42 -34.11 15.37
N ILE B 462 -18.51 -35.03 15.04
CA ILE B 462 -18.11 -35.23 13.64
C ILE B 462 -19.26 -35.46 12.69
N ALA B 463 -20.11 -36.46 12.99
CA ALA B 463 -21.24 -36.78 12.13
C ALA B 463 -22.20 -35.61 11.93
N GLY B 464 -22.37 -34.81 12.97
CA GLY B 464 -23.27 -33.67 12.89
C GLY B 464 -22.85 -32.65 11.83
N HIS B 465 -21.60 -32.72 11.42
CA HIS B 465 -21.11 -31.80 10.41
C HIS B 465 -21.00 -32.54 9.09
N LEU B 466 -20.40 -33.73 9.13
CA LEU B 466 -20.21 -34.55 7.94
C LEU B 466 -21.55 -34.74 7.19
N LYS B 467 -22.63 -34.92 7.95
CA LYS B 467 -23.95 -35.14 7.38
C LYS B 467 -24.25 -34.19 6.22
N ASP B 468 -23.83 -32.94 6.37
CA ASP B 468 -24.05 -31.92 5.35
C ASP B 468 -23.28 -32.10 4.05
N ALA B 469 -22.19 -32.87 4.10
CA ALA B 469 -21.38 -33.08 2.90
C ALA B 469 -22.03 -34.08 1.96
N GLN B 470 -21.68 -34.00 0.67
CA GLN B 470 -22.23 -34.91 -0.33
C GLN B 470 -22.01 -36.35 0.16
N LEU B 471 -22.92 -37.25 -0.18
CA LEU B 471 -22.77 -38.61 0.26
C LEU B 471 -21.44 -39.25 -0.12
N PHE B 472 -21.15 -39.26 -1.42
CA PHE B 472 -19.90 -39.82 -1.90
C PHE B 472 -18.75 -39.40 -1.01
N ILE B 473 -18.88 -38.23 -0.43
CA ILE B 473 -17.87 -37.70 0.48
C ILE B 473 -17.88 -38.49 1.77
N GLN B 474 -19.04 -38.57 2.44
CA GLN B 474 -19.19 -39.29 3.68
C GLN B 474 -18.44 -40.62 3.75
N LYS B 475 -18.61 -41.47 2.74
CA LYS B 475 -17.93 -42.77 2.71
C LYS B 475 -16.41 -42.59 2.67
N LYS B 476 -15.93 -41.78 1.73
CA LYS B 476 -14.52 -41.52 1.58
C LYS B 476 -13.93 -41.13 2.93
N ALA B 477 -14.79 -40.63 3.81
CA ALA B 477 -14.39 -40.23 5.14
C ALA B 477 -14.51 -41.41 6.11
N VAL B 478 -15.70 -41.97 6.19
CA VAL B 478 -15.94 -43.11 7.07
C VAL B 478 -14.82 -44.10 6.85
N LYS B 479 -14.43 -44.30 5.59
CA LYS B 479 -13.35 -45.22 5.28
C LYS B 479 -12.13 -44.92 6.12
N ASN B 480 -11.55 -43.74 5.95
CA ASN B 480 -10.35 -43.33 6.70
C ASN B 480 -10.54 -43.58 8.19
N PHE B 481 -11.53 -42.92 8.79
CA PHE B 481 -11.81 -43.08 10.19
C PHE B 481 -11.72 -44.57 10.51
N SER B 482 -12.51 -45.36 9.78
CA SER B 482 -12.50 -46.79 9.96
C SER B 482 -11.05 -47.28 10.14
N ASP B 483 -10.19 -46.88 9.21
CA ASP B 483 -8.80 -47.28 9.26
C ASP B 483 -8.12 -46.97 10.59
N VAL B 484 -8.67 -46.02 11.34
CA VAL B 484 -8.10 -45.71 12.64
C VAL B 484 -8.63 -46.77 13.59
N HIS B 485 -9.88 -47.19 13.31
CA HIS B 485 -10.58 -48.21 14.10
C HIS B 485 -11.97 -48.39 13.53
N PRO B 486 -12.36 -49.65 13.25
CA PRO B 486 -13.69 -49.93 12.68
C PRO B 486 -14.83 -49.24 13.44
N GLU B 487 -14.93 -49.52 14.75
CA GLU B 487 -15.98 -48.91 15.55
C GLU B 487 -16.04 -47.41 15.29
N TYR B 488 -14.90 -46.77 15.28
CA TYR B 488 -14.82 -45.34 15.05
C TYR B 488 -15.71 -44.98 13.86
N GLY B 489 -15.43 -45.61 12.72
CA GLY B 489 -16.21 -45.36 11.53
C GLY B 489 -17.62 -45.92 11.62
N SER B 490 -17.78 -46.94 12.46
CA SER B 490 -19.09 -47.56 12.64
C SER B 490 -20.02 -46.59 13.35
N ARG B 491 -19.54 -46.05 14.47
CA ARG B 491 -20.36 -45.11 15.23
C ARG B 491 -20.75 -43.97 14.30
N ILE B 492 -19.75 -43.22 13.87
CA ILE B 492 -19.98 -42.11 12.97
C ILE B 492 -20.98 -42.45 11.87
N GLN B 493 -20.55 -43.30 10.94
CA GLN B 493 -21.41 -43.72 9.82
C GLN B 493 -22.84 -43.90 10.31
N ALA B 494 -22.99 -44.68 11.38
CA ALA B 494 -24.32 -44.92 11.95
C ALA B 494 -25.01 -43.58 12.10
N LEU B 495 -24.49 -42.77 13.01
CA LEU B 495 -25.04 -41.45 13.31
C LEU B 495 -25.45 -40.72 12.04
N LEU B 496 -24.52 -40.68 11.09
CA LEU B 496 -24.74 -39.99 9.82
C LEU B 496 -26.07 -40.37 9.18
N ASP B 497 -26.25 -41.68 9.00
CA ASP B 497 -27.48 -42.22 8.41
C ASP B 497 -28.72 -41.73 9.11
N LYS B 498 -28.63 -41.54 10.43
CA LYS B 498 -29.76 -41.06 11.23
C LYS B 498 -29.98 -39.58 10.93
N TYR B 499 -28.89 -38.88 10.62
CA TYR B 499 -28.95 -37.46 10.28
C TYR B 499 -29.34 -37.37 8.80
N ASN B 500 -28.94 -38.41 8.08
CA ASN B 500 -29.20 -38.54 6.65
C ASN B 500 -30.67 -38.84 6.29
N GLU B 501 -31.52 -38.99 7.31
CA GLU B 501 -32.93 -39.31 7.11
C GLU B 501 -33.07 -40.65 6.36
N ASN C 3 -30.93 -34.25 -2.93
CA ASN C 3 -30.25 -32.98 -3.29
C ASN C 3 -30.67 -31.86 -2.33
N ARG C 4 -29.77 -30.85 -2.17
CA ARG C 4 -30.03 -29.71 -1.30
C ARG C 4 -30.11 -28.42 -2.07
N ASP C 5 -30.05 -27.29 -1.36
CA ASP C 5 -30.14 -25.97 -1.99
C ASP C 5 -28.99 -25.62 -2.92
N PRO C 6 -29.16 -24.59 -3.76
CA PRO C 6 -28.16 -24.14 -4.72
C PRO C 6 -26.84 -23.76 -4.05
N ALA C 7 -26.89 -22.94 -3.03
CA ALA C 7 -25.67 -22.51 -2.34
C ALA C 7 -24.85 -23.72 -1.90
N SER C 8 -25.53 -24.76 -1.41
CA SER C 8 -24.85 -25.96 -0.96
C SER C 8 -24.27 -26.77 -2.10
N ASP C 9 -24.95 -26.75 -3.26
CA ASP C 9 -24.49 -27.54 -4.39
C ASP C 9 -23.58 -26.75 -5.37
N GLN C 10 -22.95 -25.71 -4.85
CA GLN C 10 -22.06 -24.85 -5.66
C GLN C 10 -21.00 -25.61 -6.45
N MET C 11 -20.09 -26.28 -5.76
CA MET C 11 -19.06 -27.04 -6.43
C MET C 11 -19.69 -28.18 -7.24
N LYS C 12 -20.64 -28.86 -6.62
CA LYS C 12 -21.33 -29.95 -7.26
C LYS C 12 -21.73 -29.58 -8.68
N HIS C 13 -22.20 -28.36 -8.87
CA HIS C 13 -22.62 -27.89 -10.20
C HIS C 13 -21.44 -27.53 -11.09
N TRP C 14 -20.45 -26.88 -10.51
CA TRP C 14 -19.27 -26.47 -11.26
C TRP C 14 -18.71 -27.69 -12.01
N LYS C 15 -18.48 -28.79 -11.28
CA LYS C 15 -17.97 -29.99 -11.88
C LYS C 15 -18.93 -30.50 -12.93
N GLU C 16 -20.20 -30.51 -12.59
CA GLU C 16 -21.25 -30.98 -13.48
C GLU C 16 -21.21 -30.29 -14.83
N GLN C 17 -21.38 -28.96 -14.82
CA GLN C 17 -21.37 -28.19 -16.07
C GLN C 17 -19.98 -28.18 -16.69
N ARG C 18 -18.95 -28.03 -15.86
CA ARG C 18 -17.58 -27.98 -16.33
C ARG C 18 -17.08 -29.36 -16.77
N ALA C 19 -18.03 -30.27 -17.04
CA ALA C 19 -17.70 -31.64 -17.46
C ALA C 19 -17.39 -31.72 -18.93
N ALA C 20 -17.11 -32.94 -19.39
CA ALA C 20 -16.76 -33.21 -20.79
C ALA C 20 -15.62 -32.26 -21.17
N GLN C 21 -14.68 -32.10 -20.25
CA GLN C 21 -13.53 -31.23 -20.45
C GLN C 21 -12.39 -31.63 -19.54
N LYS C 22 -11.20 -31.87 -20.12
CA LYS C 22 -10.04 -32.23 -19.34
C LYS C 22 -9.74 -31.01 -18.46
N PRO C 23 -9.46 -31.24 -17.15
CA PRO C 23 -9.15 -30.11 -16.28
C PRO C 23 -7.92 -29.34 -16.74
N ASP C 24 -7.88 -28.05 -16.39
CA ASP C 24 -6.75 -27.21 -16.75
C ASP C 24 -5.48 -27.66 -16.06
N VAL C 25 -4.35 -27.21 -16.59
CA VAL C 25 -3.05 -27.53 -16.02
C VAL C 25 -2.77 -26.53 -14.92
N LEU C 26 -2.60 -27.02 -13.72
CA LEU C 26 -2.28 -26.19 -12.57
C LEU C 26 -0.90 -25.58 -12.83
N THR C 27 -0.82 -24.25 -12.84
CA THR C 27 0.45 -23.58 -13.07
C THR C 27 0.82 -22.66 -11.91
N THR C 28 1.78 -21.77 -12.18
CA THR C 28 2.22 -20.82 -11.17
C THR C 28 1.63 -19.49 -11.53
N GLY C 29 2.09 -18.43 -10.87
CA GLY C 29 1.60 -17.11 -11.21
C GLY C 29 2.00 -16.77 -12.64
N GLY C 30 3.17 -17.26 -13.03
CA GLY C 30 3.67 -16.99 -14.39
C GLY C 30 3.24 -17.99 -15.44
N GLY C 31 2.32 -18.88 -15.06
CA GLY C 31 1.84 -19.88 -15.99
C GLY C 31 2.73 -21.08 -16.23
N ASN C 32 3.71 -21.35 -15.36
CA ASN C 32 4.55 -22.51 -15.54
C ASN C 32 3.85 -23.72 -14.93
N PRO C 33 3.77 -24.82 -15.67
CA PRO C 33 3.13 -26.03 -15.12
C PRO C 33 3.89 -26.57 -13.93
N VAL C 34 3.19 -26.90 -12.84
CA VAL C 34 3.92 -27.44 -11.69
C VAL C 34 3.91 -28.99 -11.75
N GLY C 35 4.99 -29.58 -11.32
CA GLY C 35 5.11 -31.04 -11.34
C GLY C 35 4.39 -31.74 -10.22
N ASP C 36 4.49 -31.22 -9.03
CA ASP C 36 3.84 -31.80 -7.87
C ASP C 36 3.67 -30.67 -6.85
N LYS C 37 2.43 -30.30 -6.58
CA LYS C 37 2.17 -29.20 -5.65
C LYS C 37 1.69 -29.71 -4.28
N LEU C 38 2.29 -30.79 -3.81
CA LEU C 38 1.90 -31.35 -2.53
C LEU C 38 3.08 -31.69 -1.61
N ASN C 39 4.29 -31.64 -2.15
CA ASN C 39 5.48 -31.94 -1.37
C ASN C 39 6.56 -30.94 -1.69
N SER C 40 6.83 -30.06 -0.75
CA SER C 40 7.86 -29.04 -0.93
C SER C 40 9.23 -29.65 -1.27
N LEU C 41 10.09 -28.84 -1.89
CA LEU C 41 11.42 -29.29 -2.29
C LEU C 41 12.37 -29.21 -1.10
N THR C 42 13.05 -30.33 -0.83
CA THR C 42 13.98 -30.39 0.28
C THR C 42 15.23 -31.16 -0.13
N VAL C 43 16.23 -31.19 0.77
CA VAL C 43 17.45 -31.92 0.51
C VAL C 43 17.33 -33.26 1.23
N GLY C 44 16.69 -34.22 0.58
CA GLY C 44 16.51 -35.53 1.24
C GLY C 44 15.14 -35.56 1.93
N PRO C 45 14.59 -36.74 2.21
CA PRO C 45 13.30 -36.96 2.85
C PRO C 45 13.06 -36.23 4.19
N ARG C 46 14.11 -36.10 5.00
CA ARG C 46 13.97 -35.42 6.29
C ARG C 46 14.88 -34.19 6.32
N GLY C 47 14.82 -33.39 5.25
CA GLY C 47 15.66 -32.20 5.14
C GLY C 47 14.96 -30.85 5.03
N PRO C 48 15.72 -29.76 5.16
CA PRO C 48 15.17 -28.40 5.08
C PRO C 48 14.66 -28.02 3.70
N LEU C 49 13.70 -27.10 3.70
CA LEU C 49 13.06 -26.60 2.47
C LEU C 49 14.01 -25.67 1.73
N LEU C 50 14.18 -25.90 0.44
CA LEU C 50 15.08 -25.11 -0.40
C LEU C 50 14.42 -23.86 -1.01
N VAL C 51 15.20 -22.79 -1.18
CA VAL C 51 14.70 -21.55 -1.78
C VAL C 51 14.28 -21.93 -3.19
N GLN C 52 14.98 -22.93 -3.74
CA GLN C 52 14.70 -23.45 -5.07
C GLN C 52 13.19 -23.61 -5.26
N ASP C 53 12.49 -24.15 -4.26
CA ASP C 53 11.06 -24.36 -4.37
C ASP C 53 10.32 -23.05 -4.61
N VAL C 54 10.01 -22.75 -5.87
CA VAL C 54 9.30 -21.53 -6.24
C VAL C 54 7.81 -21.79 -6.30
N VAL C 55 7.45 -23.04 -6.60
CA VAL C 55 6.04 -23.42 -6.63
C VAL C 55 5.54 -22.96 -5.28
N PHE C 56 6.27 -23.35 -4.23
CA PHE C 56 5.90 -22.98 -2.89
C PHE C 56 5.78 -21.48 -2.71
N THR C 57 6.90 -20.75 -2.74
CA THR C 57 6.88 -19.32 -2.55
C THR C 57 5.74 -18.64 -3.30
N ASP C 58 5.75 -18.74 -4.63
CA ASP C 58 4.68 -18.11 -5.43
C ASP C 58 3.35 -18.31 -4.77
N GLU C 59 2.95 -19.56 -4.62
CA GLU C 59 1.66 -19.89 -4.00
C GLU C 59 1.51 -19.30 -2.60
N MET C 60 2.53 -19.47 -1.76
CA MET C 60 2.48 -18.97 -0.39
C MET C 60 2.36 -17.45 -0.30
N ALA C 61 3.31 -16.74 -0.89
CA ALA C 61 3.30 -15.30 -0.85
C ALA C 61 1.93 -14.79 -1.28
N HIS C 62 1.45 -15.26 -2.41
CA HIS C 62 0.15 -14.84 -2.93
C HIS C 62 -0.95 -15.06 -1.93
N PHE C 63 -0.84 -16.13 -1.15
CA PHE C 63 -1.82 -16.44 -0.11
C PHE C 63 -1.59 -15.49 1.06
N ASP C 64 -0.32 -15.29 1.41
CA ASP C 64 0.03 -14.41 2.51
C ASP C 64 -0.59 -13.03 2.35
N ARG C 65 -1.17 -12.74 1.18
CA ARG C 65 -1.77 -11.42 0.93
C ARG C 65 -3.24 -11.39 0.54
N GLU C 66 -3.86 -12.54 0.36
CA GLU C 66 -5.27 -12.62 -0.03
C GLU C 66 -6.16 -11.50 0.53
N ARG C 67 -5.86 -11.07 1.74
CA ARG C 67 -6.68 -10.05 2.41
C ARG C 67 -6.38 -8.59 2.16
N ILE C 68 -7.45 -7.81 2.11
CA ILE C 68 -7.37 -6.38 1.91
C ILE C 68 -8.26 -5.83 3.00
N PRO C 69 -8.11 -4.54 3.36
CA PRO C 69 -8.98 -4.03 4.42
C PRO C 69 -10.45 -4.09 4.06
N GLU C 70 -11.30 -4.27 5.07
CA GLU C 70 -12.75 -4.33 4.89
C GLU C 70 -13.26 -2.90 4.90
N ARG C 71 -14.54 -2.70 4.55
CA ARG C 71 -15.14 -1.37 4.54
C ARG C 71 -15.18 -0.88 5.99
N VAL C 72 -14.80 0.37 6.22
CA VAL C 72 -14.80 0.91 7.56
C VAL C 72 -16.17 0.70 8.21
N VAL C 73 -17.20 0.65 7.39
CA VAL C 73 -18.59 0.41 7.82
C VAL C 73 -19.24 -0.46 6.75
N HIS C 74 -20.34 -1.12 7.10
CA HIS C 74 -21.04 -2.00 6.17
C HIS C 74 -20.14 -3.11 5.65
N ALA C 75 -19.32 -3.70 6.52
CA ALA C 75 -18.43 -4.77 6.08
C ALA C 75 -19.22 -6.01 5.62
N LYS C 76 -20.04 -6.57 6.49
CA LYS C 76 -20.83 -7.77 6.20
C LYS C 76 -21.97 -7.50 5.22
N GLY C 77 -21.96 -8.17 4.07
CA GLY C 77 -22.99 -7.96 3.09
C GLY C 77 -23.10 -9.01 2.00
N ALA C 78 -24.17 -8.95 1.24
CA ALA C 78 -24.42 -9.89 0.16
C ALA C 78 -24.69 -9.05 -1.09
N GLY C 79 -24.22 -9.53 -2.25
CA GLY C 79 -24.43 -8.79 -3.46
C GLY C 79 -24.87 -9.60 -4.66
N ALA C 80 -25.55 -8.95 -5.59
CA ALA C 80 -26.05 -9.58 -6.81
C ALA C 80 -26.16 -8.55 -7.93
N PHE C 81 -26.47 -9.03 -9.14
CA PHE C 81 -26.59 -8.19 -10.30
C PHE C 81 -27.99 -8.26 -10.92
N GLY C 82 -28.36 -7.18 -11.61
CA GLY C 82 -29.65 -7.13 -12.25
C GLY C 82 -29.68 -5.99 -13.23
N TYR C 83 -30.90 -5.46 -13.49
CA TYR C 83 -31.07 -4.35 -14.42
C TYR C 83 -32.18 -3.45 -13.93
N PHE C 84 -32.17 -2.24 -14.43
CA PHE C 84 -33.18 -1.26 -14.10
C PHE C 84 -34.01 -1.08 -15.36
N GLU C 85 -35.33 -1.12 -15.21
CA GLU C 85 -36.23 -0.97 -16.34
C GLU C 85 -37.08 0.25 -16.14
N VAL C 86 -37.13 1.11 -17.16
CA VAL C 86 -37.99 2.29 -17.07
C VAL C 86 -39.41 1.81 -17.28
N THR C 87 -40.31 2.41 -16.53
CA THR C 87 -41.72 2.07 -16.60
C THR C 87 -42.53 3.32 -16.81
N HIS C 88 -41.98 4.44 -16.35
CA HIS C 88 -42.67 5.74 -16.47
C HIS C 88 -41.76 6.84 -16.95
N ASP C 89 -42.37 7.82 -17.58
CA ASP C 89 -41.63 8.97 -18.12
C ASP C 89 -41.57 10.15 -17.17
N ILE C 90 -40.37 10.42 -16.65
CA ILE C 90 -40.19 11.57 -15.79
C ILE C 90 -39.13 12.39 -16.52
N THR C 91 -39.23 12.35 -17.85
CA THR C 91 -38.32 13.08 -18.72
C THR C 91 -38.30 14.56 -18.38
N ARG C 92 -39.38 15.03 -17.78
CA ARG C 92 -39.50 16.42 -17.43
C ARG C 92 -38.70 16.76 -16.19
N TYR C 93 -38.58 15.81 -15.29
CA TYR C 93 -37.83 16.03 -14.04
C TYR C 93 -36.33 15.80 -14.24
N SER C 94 -36.01 14.75 -14.97
CA SER C 94 -34.63 14.40 -15.26
C SER C 94 -34.44 14.21 -16.75
N LYS C 95 -33.29 14.65 -17.24
CA LYS C 95 -32.97 14.48 -18.64
C LYS C 95 -32.01 13.29 -18.75
N ALA C 96 -31.72 12.70 -17.60
CA ALA C 96 -30.83 11.55 -17.47
C ALA C 96 -31.14 10.37 -18.40
N LYS C 97 -30.14 9.99 -19.20
CA LYS C 97 -30.26 8.90 -20.15
C LYS C 97 -30.83 7.60 -19.56
N VAL C 98 -30.50 7.33 -18.31
CA VAL C 98 -30.98 6.12 -17.65
C VAL C 98 -32.51 6.11 -17.70
N PHE C 99 -33.09 7.26 -18.03
CA PHE C 99 -34.55 7.39 -18.11
C PHE C 99 -35.01 7.74 -19.51
N GLU C 100 -34.09 7.92 -20.42
CA GLU C 100 -34.42 8.31 -21.79
C GLU C 100 -35.83 7.94 -22.27
N HIS C 101 -36.16 6.65 -22.24
CA HIS C 101 -37.45 6.17 -22.70
C HIS C 101 -38.15 5.16 -21.80
N ILE C 102 -39.28 4.64 -22.26
CA ILE C 102 -40.05 3.66 -21.51
C ILE C 102 -39.64 2.25 -21.94
N GLY C 103 -39.09 1.51 -21.02
CA GLY C 103 -38.65 0.15 -21.31
C GLY C 103 -37.14 0.10 -21.52
N LYS C 104 -36.45 1.12 -21.02
CA LYS C 104 -35.01 1.22 -21.13
C LYS C 104 -34.29 0.42 -20.05
N ARG C 105 -33.50 -0.58 -20.47
CA ARG C 105 -32.76 -1.42 -19.53
C ARG C 105 -31.37 -0.86 -19.27
N THR C 106 -30.90 -1.01 -18.05
CA THR C 106 -29.59 -0.54 -17.66
C THR C 106 -28.99 -1.52 -16.66
N PRO C 107 -27.79 -2.05 -16.96
CA PRO C 107 -27.16 -3.00 -16.05
C PRO C 107 -26.86 -2.41 -14.69
N ILE C 108 -27.29 -3.11 -13.64
CA ILE C 108 -27.04 -2.66 -12.29
C ILE C 108 -26.40 -3.75 -11.45
N ALA C 109 -25.75 -3.31 -10.38
CA ALA C 109 -25.08 -4.17 -9.44
C ALA C 109 -25.54 -3.71 -8.07
N VAL C 110 -25.68 -4.64 -7.14
CA VAL C 110 -26.14 -4.25 -5.82
C VAL C 110 -25.50 -5.02 -4.69
N ARG C 111 -25.31 -4.34 -3.56
CA ARG C 111 -24.79 -5.02 -2.40
C ARG C 111 -25.59 -4.55 -1.20
N PHE C 112 -26.05 -5.51 -0.43
CA PHE C 112 -26.83 -5.27 0.80
C PHE C 112 -25.85 -5.49 1.93
N SER C 113 -25.93 -4.69 2.96
CA SER C 113 -24.99 -4.84 4.05
C SER C 113 -25.50 -4.30 5.36
N THR C 114 -25.07 -4.91 6.48
CA THR C 114 -25.41 -4.44 7.81
C THR C 114 -24.48 -3.24 7.99
N VAL C 115 -24.44 -2.66 9.18
CA VAL C 115 -23.59 -1.51 9.33
C VAL C 115 -22.36 -1.62 10.24
N ALA C 116 -22.55 -1.44 11.54
CA ALA C 116 -21.44 -1.50 12.48
C ALA C 116 -20.76 -2.86 12.64
N GLY C 117 -21.20 -3.86 11.89
CA GLY C 117 -20.62 -5.19 12.00
C GLY C 117 -19.46 -5.54 11.08
N GLU C 118 -18.43 -6.14 11.65
CA GLU C 118 -17.23 -6.54 10.91
C GLU C 118 -17.54 -7.61 9.88
N SER C 119 -16.57 -7.86 9.01
CA SER C 119 -16.72 -8.85 7.94
C SER C 119 -17.27 -10.21 8.36
N GLY C 120 -16.85 -10.70 9.50
CA GLY C 120 -17.32 -12.00 9.96
C GLY C 120 -18.65 -12.01 10.69
N SER C 121 -19.12 -10.85 11.09
CA SER C 121 -20.39 -10.73 11.83
C SER C 121 -21.54 -11.50 11.13
N ALA C 122 -22.69 -11.56 11.82
CA ALA C 122 -23.88 -12.25 11.33
C ALA C 122 -24.91 -11.29 10.76
N ASP C 123 -25.61 -11.72 9.69
CA ASP C 123 -26.60 -10.87 9.03
C ASP C 123 -27.74 -10.28 9.84
N THR C 124 -28.46 -11.13 10.56
CA THR C 124 -29.65 -10.73 11.31
C THR C 124 -29.45 -10.06 12.66
N VAL C 125 -29.34 -8.74 12.67
CA VAL C 125 -29.17 -7.98 13.92
C VAL C 125 -29.69 -6.56 13.78
N ARG C 126 -30.34 -6.08 14.83
CA ARG C 126 -30.86 -4.69 14.79
C ARG C 126 -29.67 -3.87 14.32
N ASP C 127 -29.79 -3.35 13.10
CA ASP C 127 -28.75 -2.56 12.46
C ASP C 127 -29.39 -2.13 11.13
N PRO C 128 -29.18 -0.87 10.69
CA PRO C 128 -29.80 -0.52 9.41
C PRO C 128 -29.19 -1.37 8.29
N ARG C 129 -29.91 -1.51 7.18
CA ARG C 129 -29.42 -2.32 6.07
C ARG C 129 -28.89 -1.44 4.96
N GLY C 130 -27.69 -1.78 4.46
CA GLY C 130 -27.11 -1.03 3.37
C GLY C 130 -27.65 -1.47 2.02
N PHE C 131 -28.13 -0.50 1.23
CA PHE C 131 -28.70 -0.79 -0.08
C PHE C 131 -28.07 0.16 -1.10
N ALA C 132 -27.20 -0.38 -1.95
CA ALA C 132 -26.53 0.41 -2.94
C ALA C 132 -26.62 -0.19 -4.34
N VAL C 133 -27.14 0.61 -5.27
CA VAL C 133 -27.31 0.19 -6.65
C VAL C 133 -26.37 0.95 -7.56
N LYS C 134 -25.68 0.21 -8.42
CA LYS C 134 -24.74 0.79 -9.35
C LYS C 134 -25.35 0.68 -10.74
N PHE C 135 -25.83 1.80 -11.26
CA PHE C 135 -26.43 1.88 -12.57
C PHE C 135 -25.31 2.13 -13.59
N TYR C 136 -25.03 1.18 -14.47
CA TYR C 136 -24.00 1.38 -15.49
C TYR C 136 -24.67 1.98 -16.71
N THR C 137 -24.73 3.31 -16.77
CA THR C 137 -25.39 3.98 -17.90
C THR C 137 -24.41 4.49 -18.94
N GLU C 138 -24.97 5.01 -20.04
CA GLU C 138 -24.18 5.54 -21.14
C GLU C 138 -23.46 6.82 -20.77
N ASP C 139 -23.77 7.36 -19.60
CA ASP C 139 -23.12 8.58 -19.12
C ASP C 139 -22.23 8.19 -17.96
N GLY C 140 -21.91 6.93 -17.92
CA GLY C 140 -21.06 6.40 -16.87
C GLY C 140 -21.92 5.77 -15.81
N ASN C 141 -21.32 5.49 -14.67
CA ASN C 141 -22.06 4.88 -13.58
C ASN C 141 -22.60 5.92 -12.62
N TRP C 142 -23.81 5.70 -12.17
CA TRP C 142 -24.47 6.57 -11.22
C TRP C 142 -24.72 5.66 -10.04
N ASP C 143 -23.98 5.84 -8.97
CA ASP C 143 -24.18 5.00 -7.80
C ASP C 143 -25.24 5.61 -6.90
N LEU C 144 -26.32 4.87 -6.69
CA LEU C 144 -27.40 5.34 -5.84
C LEU C 144 -27.16 4.68 -4.49
N VAL C 145 -26.26 5.28 -3.70
CA VAL C 145 -25.93 4.72 -2.40
C VAL C 145 -27.01 4.90 -1.37
N GLY C 146 -27.97 3.99 -1.37
CA GLY C 146 -29.07 4.08 -0.42
C GLY C 146 -28.99 3.28 0.87
N ASN C 147 -30.16 3.05 1.45
CA ASN C 147 -30.33 2.33 2.67
C ASN C 147 -31.76 1.81 2.72
N ASN C 148 -32.07 0.96 3.71
CA ASN C 148 -33.41 0.42 3.84
C ASN C 148 -34.31 1.38 4.66
N THR C 149 -33.76 2.53 4.99
CA THR C 149 -34.47 3.58 5.76
C THR C 149 -34.23 4.92 5.05
N PRO C 150 -35.21 5.84 5.11
CA PRO C 150 -35.05 7.14 4.46
C PRO C 150 -34.43 8.25 5.31
N ILE C 151 -33.91 7.92 6.47
CA ILE C 151 -33.32 8.91 7.36
C ILE C 151 -32.10 8.38 8.08
N PHE C 152 -31.35 9.27 8.73
CA PHE C 152 -30.16 8.82 9.49
C PHE C 152 -30.13 9.39 10.92
N PHE C 153 -29.09 8.98 11.64
CA PHE C 153 -28.89 9.40 13.03
C PHE C 153 -28.28 10.80 13.26
N ILE C 154 -27.74 11.43 12.21
CA ILE C 154 -27.09 12.74 12.31
C ILE C 154 -27.12 13.57 11.04
N ARG C 155 -27.25 14.89 11.19
CA ARG C 155 -27.27 15.80 10.04
C ARG C 155 -26.05 16.69 9.89
N ASP C 156 -24.86 16.10 9.95
CA ASP C 156 -23.62 16.86 9.76
C ASP C 156 -22.47 15.87 9.66
N ALA C 157 -21.84 15.80 8.50
CA ALA C 157 -20.74 14.87 8.28
C ALA C 157 -19.79 14.76 9.48
N LEU C 158 -19.26 15.89 9.93
CA LEU C 158 -18.34 15.91 11.04
C LEU C 158 -18.62 14.90 12.14
N LEU C 159 -19.89 14.74 12.51
CA LEU C 159 -20.28 13.81 13.55
C LEU C 159 -20.08 12.35 13.17
N PHE C 160 -20.35 12.03 11.91
CA PHE C 160 -20.23 10.65 11.44
C PHE C 160 -19.11 9.79 12.01
N PRO C 161 -17.85 10.21 11.82
CA PRO C 161 -16.77 9.38 12.38
C PRO C 161 -17.00 9.11 13.86
N SER C 162 -17.47 10.17 14.53
CA SER C 162 -17.74 10.08 15.95
C SER C 162 -18.92 9.15 16.22
N PHE C 163 -19.91 9.17 15.36
CA PHE C 163 -21.07 8.30 15.51
C PHE C 163 -20.64 6.87 15.27
N ILE C 164 -20.19 6.62 14.06
CA ILE C 164 -19.74 5.29 13.66
C ILE C 164 -18.87 4.63 14.71
N HIS C 165 -17.96 5.38 15.34
CA HIS C 165 -17.11 4.79 16.34
C HIS C 165 -17.93 4.29 17.55
N SER C 166 -18.90 5.10 17.96
CA SER C 166 -19.77 4.75 19.10
C SER C 166 -20.41 3.36 18.94
N GLN C 167 -20.80 3.02 17.71
CA GLN C 167 -21.42 1.74 17.39
C GLN C 167 -20.43 0.57 17.37
N LYS C 168 -19.23 0.80 16.81
CA LYS C 168 -18.23 -0.23 16.70
C LYS C 168 -17.73 -0.71 18.07
N ARG C 169 -16.50 -1.23 18.11
CA ARG C 169 -15.92 -1.74 19.36
C ARG C 169 -15.25 -0.71 20.25
N ASN C 170 -15.06 -1.09 21.51
CA ASN C 170 -14.41 -0.23 22.50
C ASN C 170 -12.91 -0.21 22.22
N PRO C 171 -12.31 0.99 22.19
CA PRO C 171 -10.87 1.18 21.92
C PRO C 171 -9.92 0.31 22.73
N GLN C 172 -10.30 0.03 23.98
CA GLN C 172 -9.45 -0.76 24.85
C GLN C 172 -9.90 -2.20 25.08
N THR C 173 -11.17 -2.41 25.40
CA THR C 173 -11.67 -3.78 25.66
C THR C 173 -12.12 -4.44 24.38
N HIS C 174 -12.14 -3.68 23.29
CA HIS C 174 -12.52 -4.19 21.99
C HIS C 174 -13.91 -4.82 21.87
N LEU C 175 -14.69 -4.81 22.95
CA LEU C 175 -16.02 -5.38 22.91
C LEU C 175 -17.01 -4.28 22.52
N LYS C 176 -18.22 -4.65 22.08
CA LYS C 176 -19.24 -3.67 21.73
C LYS C 176 -19.61 -3.01 23.06
N ASP C 177 -19.79 -1.69 23.05
CA ASP C 177 -20.07 -0.98 24.29
C ASP C 177 -21.27 -0.04 24.27
N PRO C 178 -22.30 -0.32 25.12
CA PRO C 178 -23.52 0.49 25.20
C PRO C 178 -23.30 1.89 25.78
N ASP C 179 -22.45 1.97 26.78
CA ASP C 179 -22.12 3.26 27.42
C ASP C 179 -21.80 4.25 26.29
N MET C 180 -21.07 3.79 25.27
CA MET C 180 -20.71 4.61 24.13
C MET C 180 -21.94 4.84 23.28
N VAL C 181 -22.61 3.73 22.94
CA VAL C 181 -23.82 3.82 22.13
C VAL C 181 -24.69 4.96 22.63
N TRP C 182 -25.47 4.63 23.65
CA TRP C 182 -26.40 5.55 24.25
C TRP C 182 -25.86 6.90 24.62
N ASP C 183 -24.58 6.99 24.97
CA ASP C 183 -23.99 8.29 25.32
C ASP C 183 -24.12 9.18 24.09
N PHE C 184 -23.64 8.67 22.96
CA PHE C 184 -23.69 9.43 21.72
C PHE C 184 -25.10 9.93 21.45
N TRP C 185 -26.02 8.98 21.35
CA TRP C 185 -27.43 9.28 21.09
C TRP C 185 -28.06 10.19 22.15
N SER C 186 -27.72 9.94 23.43
CA SER C 186 -28.25 10.74 24.53
C SER C 186 -27.88 12.20 24.33
N LEU C 187 -26.61 12.43 24.01
CA LEU C 187 -26.09 13.78 23.81
C LEU C 187 -26.49 14.30 22.41
N ARG C 188 -27.03 13.43 21.60
CA ARG C 188 -27.43 13.79 20.25
C ARG C 188 -28.85 13.32 19.97
N PRO C 189 -29.83 14.24 20.13
CA PRO C 189 -31.28 14.01 19.92
C PRO C 189 -31.77 13.85 18.48
N GLU C 190 -31.02 14.37 17.51
CA GLU C 190 -31.42 14.25 16.11
C GLU C 190 -31.61 12.78 15.73
N SER C 191 -30.85 11.91 16.40
CA SER C 191 -30.93 10.48 16.15
C SER C 191 -32.33 9.93 16.41
N LEU C 192 -33.01 10.52 17.40
CA LEU C 192 -34.37 10.11 17.79
C LEU C 192 -35.20 9.49 16.68
N HIS C 193 -35.53 10.26 15.66
CA HIS C 193 -36.33 9.72 14.56
C HIS C 193 -35.82 8.38 14.07
N GLN C 194 -34.61 8.37 13.51
CA GLN C 194 -33.98 7.14 12.99
C GLN C 194 -33.72 6.09 14.05
N VAL C 195 -33.51 6.52 15.28
CA VAL C 195 -33.24 5.57 16.35
C VAL C 195 -34.51 4.78 16.68
N SER C 196 -35.66 5.42 16.46
CA SER C 196 -36.96 4.80 16.72
C SER C 196 -37.23 3.77 15.63
N PHE C 197 -37.08 4.22 14.39
CA PHE C 197 -37.29 3.38 13.22
C PHE C 197 -36.47 2.12 13.41
N LEU C 198 -35.22 2.28 13.84
CA LEU C 198 -34.34 1.13 14.05
C LEU C 198 -34.96 0.07 14.95
N PHE C 199 -35.16 0.43 16.23
CA PHE C 199 -35.74 -0.51 17.18
C PHE C 199 -37.13 -0.99 16.78
N SER C 200 -37.70 -0.33 15.78
CA SER C 200 -39.02 -0.70 15.31
C SER C 200 -38.94 -2.13 14.80
N ASP C 201 -40.03 -2.59 14.21
CA ASP C 201 -40.13 -3.93 13.67
C ASP C 201 -39.14 -4.05 12.50
N ARG C 202 -38.73 -2.93 11.94
CA ARG C 202 -37.84 -2.89 10.79
C ARG C 202 -36.36 -3.10 11.15
N GLY C 203 -36.08 -3.21 12.44
CA GLY C 203 -34.69 -3.40 12.91
C GLY C 203 -34.00 -4.64 12.38
N ILE C 204 -34.76 -5.70 12.13
CA ILE C 204 -34.19 -6.94 11.63
C ILE C 204 -35.06 -7.53 10.52
N PRO C 205 -34.84 -7.07 9.28
CA PRO C 205 -35.59 -7.52 8.09
C PRO C 205 -35.30 -8.98 7.74
N ASP C 206 -36.34 -9.75 7.40
CA ASP C 206 -36.15 -11.14 7.03
C ASP C 206 -35.69 -11.17 5.58
N GLY C 207 -34.46 -11.62 5.38
CA GLY C 207 -33.89 -11.68 4.05
C GLY C 207 -33.65 -10.28 3.54
N HIS C 208 -32.78 -10.16 2.55
CA HIS C 208 -32.49 -8.85 1.98
C HIS C 208 -33.61 -8.47 1.04
N ARG C 209 -34.39 -9.45 0.59
CA ARG C 209 -35.46 -9.20 -0.35
C ARG C 209 -36.75 -8.67 0.25
N HIS C 210 -36.94 -8.82 1.56
CA HIS C 210 -38.15 -8.35 2.20
C HIS C 210 -38.02 -7.04 2.95
N MET C 211 -37.25 -6.13 2.37
CA MET C 211 -37.04 -4.80 2.92
C MET C 211 -37.14 -3.79 1.76
N ASP C 212 -37.02 -2.50 2.05
CA ASP C 212 -37.14 -1.47 1.03
C ASP C 212 -35.82 -0.77 0.75
N GLY C 213 -35.88 0.22 -0.14
CA GLY C 213 -34.69 0.98 -0.46
C GLY C 213 -35.06 2.45 -0.42
N TYR C 214 -34.16 3.30 0.10
CA TYR C 214 -34.41 4.71 0.19
C TYR C 214 -33.18 5.53 -0.17
N GLY C 215 -33.22 6.17 -1.32
CA GLY C 215 -32.12 7.03 -1.73
C GLY C 215 -31.71 7.86 -0.52
N SER C 216 -32.60 7.87 0.48
CA SER C 216 -32.38 8.60 1.73
C SER C 216 -32.13 10.10 1.58
N HIS C 217 -30.96 10.49 1.10
CA HIS C 217 -30.65 11.91 0.94
C HIS C 217 -31.67 12.57 0.02
N THR C 218 -31.48 13.87 -0.18
CA THR C 218 -32.33 14.63 -1.09
C THR C 218 -31.41 14.87 -2.27
N PHE C 219 -31.95 14.91 -3.47
CA PHE C 219 -31.12 15.15 -4.63
C PHE C 219 -31.71 16.24 -5.49
N LYS C 220 -31.12 16.45 -6.66
CA LYS C 220 -31.59 17.48 -7.58
C LYS C 220 -31.80 16.82 -8.92
N LEU C 221 -32.68 17.40 -9.71
CA LEU C 221 -32.96 16.86 -11.02
C LEU C 221 -32.91 18.00 -12.02
N VAL C 222 -32.42 17.72 -13.22
CA VAL C 222 -32.31 18.73 -14.24
C VAL C 222 -32.77 18.19 -15.59
N ASN C 223 -33.67 18.94 -16.24
CA ASN C 223 -34.20 18.54 -17.54
C ASN C 223 -33.46 19.21 -18.68
N ALA C 224 -33.70 18.72 -19.88
CA ALA C 224 -33.04 19.23 -21.08
C ALA C 224 -33.11 20.76 -21.19
N ASP C 225 -34.15 21.35 -20.60
CA ASP C 225 -34.30 22.79 -20.65
C ASP C 225 -33.55 23.50 -19.54
N GLY C 226 -32.95 22.71 -18.66
CA GLY C 226 -32.18 23.25 -17.56
C GLY C 226 -32.86 23.50 -16.22
N GLU C 227 -34.19 23.41 -16.17
CA GLU C 227 -34.88 23.62 -14.91
C GLU C 227 -34.54 22.52 -13.91
N ALA C 228 -34.35 22.92 -12.67
CA ALA C 228 -33.99 21.97 -11.64
C ALA C 228 -35.01 21.90 -10.53
N VAL C 229 -34.96 20.82 -9.76
CA VAL C 229 -35.86 20.59 -8.65
C VAL C 229 -35.22 19.55 -7.75
N TYR C 230 -35.75 19.39 -6.54
CA TYR C 230 -35.22 18.40 -5.59
C TYR C 230 -36.15 17.19 -5.53
N CYS C 231 -35.60 16.06 -5.13
CA CYS C 231 -36.36 14.81 -5.05
C CYS C 231 -35.81 13.81 -4.03
N LYS C 232 -36.70 12.89 -3.70
CA LYS C 232 -36.45 11.78 -2.79
C LYS C 232 -36.60 10.48 -3.57
N PHE C 233 -35.67 9.59 -3.38
CA PHE C 233 -35.68 8.30 -4.08
C PHE C 233 -36.31 7.23 -3.22
N HIS C 234 -37.10 6.36 -3.83
CA HIS C 234 -37.74 5.30 -3.09
C HIS C 234 -37.82 4.09 -3.99
N TYR C 235 -37.33 2.96 -3.51
CA TYR C 235 -37.45 1.75 -4.28
C TYR C 235 -38.05 0.73 -3.33
N LYS C 236 -39.39 0.57 -3.44
CA LYS C 236 -40.13 -0.34 -2.57
C LYS C 236 -40.02 -1.77 -3.04
N THR C 237 -39.87 -2.67 -2.06
CA THR C 237 -39.75 -4.09 -2.34
C THR C 237 -41.01 -4.60 -2.97
N ASP C 238 -40.86 -5.52 -3.94
CA ASP C 238 -42.03 -6.10 -4.58
C ASP C 238 -42.39 -7.37 -3.86
N GLN C 239 -41.38 -8.11 -3.38
CA GLN C 239 -41.62 -9.34 -2.65
C GLN C 239 -42.25 -9.06 -1.29
N GLY C 240 -42.51 -7.79 -1.01
CA GLY C 240 -43.15 -7.41 0.23
C GLY C 240 -42.31 -7.43 1.50
N ILE C 241 -42.61 -6.46 2.37
CA ILE C 241 -41.94 -6.29 3.65
C ILE C 241 -42.20 -7.46 4.61
N LYS C 242 -41.14 -8.08 5.11
CA LYS C 242 -41.26 -9.18 6.05
C LYS C 242 -40.12 -9.08 7.05
N ASN C 243 -40.42 -8.64 8.28
CA ASN C 243 -39.39 -8.51 9.29
C ASN C 243 -39.25 -9.76 10.17
N LEU C 244 -38.09 -9.88 10.82
CA LEU C 244 -37.80 -10.99 11.68
C LEU C 244 -38.02 -10.63 13.14
N SER C 245 -38.53 -11.59 13.92
CA SER C 245 -38.76 -11.34 15.32
C SER C 245 -37.42 -11.08 15.99
N VAL C 246 -37.44 -10.94 17.30
CA VAL C 246 -36.23 -10.68 18.06
C VAL C 246 -35.53 -11.97 18.46
N GLU C 247 -36.31 -12.98 18.85
CA GLU C 247 -35.73 -14.26 19.27
C GLU C 247 -35.28 -15.02 18.03
N ASP C 248 -36.08 -14.97 16.99
CA ASP C 248 -35.76 -15.66 15.73
C ASP C 248 -34.45 -15.12 15.22
N ALA C 249 -34.38 -13.80 15.12
CA ALA C 249 -33.19 -13.12 14.64
C ALA C 249 -31.97 -13.65 15.36
N ALA C 250 -32.01 -13.67 16.69
CA ALA C 250 -30.92 -14.14 17.51
C ALA C 250 -30.68 -15.63 17.41
N ARG C 251 -31.56 -16.34 16.70
CA ARG C 251 -31.41 -17.78 16.56
C ARG C 251 -30.60 -18.07 15.29
N LEU C 252 -31.02 -17.47 14.20
CA LEU C 252 -30.33 -17.63 12.93
C LEU C 252 -28.98 -16.95 13.10
N ALA C 253 -28.92 -16.05 14.08
CA ALA C 253 -27.71 -15.31 14.39
C ALA C 253 -26.52 -16.27 14.57
N HIS C 254 -26.77 -17.45 15.12
CA HIS C 254 -25.71 -18.40 15.31
C HIS C 254 -25.98 -19.69 14.52
N GLU C 255 -27.23 -19.90 14.14
CA GLU C 255 -27.60 -21.07 13.38
C GLU C 255 -27.10 -20.86 11.95
N ASP C 256 -27.30 -19.64 11.45
CA ASP C 256 -26.89 -19.25 10.12
C ASP C 256 -26.59 -17.75 10.08
N PRO C 257 -25.39 -17.37 10.51
CA PRO C 257 -24.93 -15.97 10.52
C PRO C 257 -24.85 -15.37 9.13
N ASP C 258 -24.89 -16.22 8.12
CA ASP C 258 -24.83 -15.76 6.74
C ASP C 258 -26.19 -15.87 6.07
N TYR C 259 -27.24 -15.72 6.88
CA TYR C 259 -28.62 -15.82 6.41
C TYR C 259 -28.89 -14.96 5.18
N GLY C 260 -28.39 -13.71 5.20
CA GLY C 260 -28.60 -12.85 4.07
C GLY C 260 -28.08 -13.50 2.81
N LEU C 261 -26.76 -13.64 2.73
CA LEU C 261 -26.11 -14.26 1.57
C LEU C 261 -26.89 -15.44 1.02
N ARG C 262 -26.93 -16.51 1.80
CA ARG C 262 -27.65 -17.72 1.39
C ARG C 262 -29.01 -17.35 0.82
N ASP C 263 -29.89 -16.89 1.69
CA ASP C 263 -31.25 -16.52 1.30
C ASP C 263 -31.31 -15.84 -0.06
N LEU C 264 -30.66 -14.71 -0.19
CA LEU C 264 -30.66 -13.97 -1.43
C LEU C 264 -30.07 -14.73 -2.60
N PHE C 265 -28.96 -15.42 -2.36
CA PHE C 265 -28.33 -16.18 -3.43
C PHE C 265 -29.26 -17.24 -3.98
N ASN C 266 -29.87 -18.00 -3.10
CA ASN C 266 -30.76 -19.07 -3.50
C ASN C 266 -31.96 -18.63 -4.35
N ALA C 267 -32.54 -17.49 -3.99
CA ALA C 267 -33.67 -16.94 -4.72
C ALA C 267 -33.27 -16.88 -6.19
N ILE C 268 -32.36 -15.98 -6.49
CA ILE C 268 -31.87 -15.78 -7.83
C ILE C 268 -31.42 -17.09 -8.46
N ALA C 269 -30.95 -18.00 -7.62
CA ALA C 269 -30.47 -19.29 -8.08
C ALA C 269 -31.55 -20.19 -8.62
N THR C 270 -32.81 -19.92 -8.28
CA THR C 270 -33.91 -20.75 -8.72
C THR C 270 -34.96 -20.04 -9.59
N GLY C 271 -34.68 -18.82 -10.02
CA GLY C 271 -35.63 -18.11 -10.83
C GLY C 271 -36.47 -17.15 -10.01
N ASN C 272 -36.38 -17.24 -8.71
CA ASN C 272 -37.18 -16.37 -7.84
C ASN C 272 -36.62 -14.96 -7.69
N TYR C 273 -36.14 -14.40 -8.80
CA TYR C 273 -35.56 -13.06 -8.83
C TYR C 273 -36.37 -11.99 -8.09
N PRO C 274 -35.77 -11.32 -7.10
CA PRO C 274 -36.50 -10.29 -6.38
C PRO C 274 -36.51 -9.02 -7.21
N SER C 275 -37.42 -8.10 -6.86
CA SER C 275 -37.51 -6.85 -7.62
C SER C 275 -38.03 -5.72 -6.73
N TRP C 276 -37.68 -4.49 -7.09
CA TRP C 276 -38.10 -3.31 -6.35
C TRP C 276 -38.64 -2.26 -7.29
N THR C 277 -39.57 -1.43 -6.83
CA THR C 277 -40.14 -0.39 -7.66
C THR C 277 -39.53 0.94 -7.25
N LEU C 278 -38.98 1.66 -8.22
CA LEU C 278 -38.34 2.95 -7.98
C LEU C 278 -39.29 4.13 -8.17
N TYR C 279 -39.46 4.90 -7.12
CA TYR C 279 -40.32 6.08 -7.11
C TYR C 279 -39.49 7.30 -6.80
N ILE C 280 -40.09 8.47 -6.98
CA ILE C 280 -39.42 9.71 -6.68
C ILE C 280 -40.43 10.71 -6.12
N GLN C 281 -39.99 11.43 -5.08
CA GLN C 281 -40.82 12.47 -4.52
C GLN C 281 -40.20 13.70 -5.16
N VAL C 282 -41.00 14.69 -5.49
CA VAL C 282 -40.45 15.90 -6.10
C VAL C 282 -40.81 17.13 -5.28
N MET C 283 -39.88 18.06 -5.21
CA MET C 283 -40.09 19.30 -4.48
C MET C 283 -39.37 20.43 -5.22
N THR C 284 -40.12 21.49 -5.55
CA THR C 284 -39.54 22.61 -6.29
C THR C 284 -38.89 23.59 -5.33
N PHE C 285 -37.86 24.29 -5.80
CA PHE C 285 -37.18 25.28 -4.97
C PHE C 285 -38.20 26.11 -4.19
N SER C 286 -39.21 26.62 -4.90
CA SER C 286 -40.26 27.41 -4.23
C SER C 286 -40.66 26.62 -3.01
N GLU C 287 -41.22 25.45 -3.24
CA GLU C 287 -41.66 24.56 -2.16
C GLU C 287 -40.52 24.34 -1.17
N ALA C 288 -39.30 24.24 -1.68
CA ALA C 288 -38.15 24.01 -0.84
C ALA C 288 -38.03 25.18 0.11
N GLU C 289 -38.73 26.27 -0.23
CA GLU C 289 -38.71 27.45 0.60
C GLU C 289 -39.83 27.41 1.63
N ILE C 290 -41.05 27.11 1.17
CA ILE C 290 -42.20 27.05 2.06
C ILE C 290 -42.05 25.99 3.12
N PHE C 291 -41.58 24.81 2.72
CA PHE C 291 -41.39 23.70 3.62
C PHE C 291 -40.93 24.18 5.00
N PRO C 292 -41.44 23.57 6.07
CA PRO C 292 -41.10 23.92 7.46
C PRO C 292 -40.32 23.90 8.56
N PHE C 293 -39.32 22.70 8.54
CA PHE C 293 -37.91 22.44 8.88
C PHE C 293 -37.03 22.31 7.64
N ASN C 294 -35.72 22.25 7.86
CA ASN C 294 -34.81 22.15 6.74
C ASN C 294 -35.24 21.03 5.82
N PRO C 295 -35.47 21.34 4.54
CA PRO C 295 -35.89 20.38 3.52
C PRO C 295 -34.77 19.43 3.14
N PHE C 296 -33.68 19.50 3.87
CA PHE C 296 -32.52 18.66 3.61
C PHE C 296 -32.07 17.91 4.85
N ASP C 297 -32.61 18.32 6.00
CA ASP C 297 -32.30 17.67 7.25
C ASP C 297 -32.40 16.18 6.95
N LEU C 298 -31.29 15.46 7.14
CA LEU C 298 -31.25 14.03 6.87
C LEU C 298 -32.15 13.23 7.82
N THR C 299 -32.56 13.85 8.93
CA THR C 299 -33.43 13.18 9.89
C THR C 299 -34.87 13.65 9.72
N LYS C 300 -35.21 14.07 8.50
CA LYS C 300 -36.56 14.56 8.18
C LYS C 300 -37.00 13.92 6.85
N VAL C 301 -38.21 13.41 6.81
CA VAL C 301 -38.75 12.78 5.59
C VAL C 301 -39.95 13.55 5.03
N TRP C 302 -40.00 13.66 3.73
CA TRP C 302 -41.11 14.33 3.05
C TRP C 302 -42.30 13.40 3.19
N PRO C 303 -43.49 13.93 3.53
CA PRO C 303 -44.70 13.10 3.69
C PRO C 303 -45.43 12.85 2.38
N HIS C 304 -45.81 11.59 2.14
CA HIS C 304 -46.50 11.24 0.91
C HIS C 304 -47.72 12.14 0.75
N GLY C 305 -48.22 12.65 1.87
CA GLY C 305 -49.35 13.53 1.84
C GLY C 305 -49.10 14.73 0.97
N ASP C 306 -48.27 15.64 1.44
CA ASP C 306 -47.95 16.86 0.71
C ASP C 306 -47.10 16.58 -0.53
N TYR C 307 -46.08 15.73 -0.40
CA TYR C 307 -45.23 15.39 -1.55
C TYR C 307 -45.42 13.91 -1.85
N PRO C 308 -46.29 13.61 -2.81
CA PRO C 308 -46.62 12.24 -3.26
C PRO C 308 -45.53 11.48 -3.99
N LEU C 309 -45.67 10.16 -3.95
CA LEU C 309 -44.73 9.23 -4.59
C LEU C 309 -45.00 9.06 -6.07
N ILE C 310 -44.05 9.44 -6.90
CA ILE C 310 -44.19 9.28 -8.36
C ILE C 310 -43.51 8.00 -8.80
N PRO C 311 -44.11 7.28 -9.74
CA PRO C 311 -43.49 6.04 -10.22
C PRO C 311 -42.41 6.25 -11.28
N VAL C 312 -41.41 5.40 -11.28
CA VAL C 312 -40.30 5.48 -12.23
C VAL C 312 -39.94 4.18 -12.94
N GLY C 313 -39.48 3.16 -12.20
CA GLY C 313 -39.12 1.93 -12.86
C GLY C 313 -38.89 0.72 -11.97
N LYS C 314 -38.30 -0.32 -12.55
CA LYS C 314 -38.03 -1.54 -11.82
C LYS C 314 -36.57 -1.94 -11.61
N LEU C 315 -36.32 -2.49 -10.43
CA LEU C 315 -35.00 -2.99 -10.07
C LEU C 315 -35.11 -4.50 -9.95
N VAL C 316 -34.58 -5.21 -10.93
CA VAL C 316 -34.62 -6.67 -10.95
C VAL C 316 -33.22 -7.28 -10.86
N LEU C 317 -32.99 -8.13 -9.86
CA LEU C 317 -31.69 -8.80 -9.70
C LEU C 317 -31.82 -10.27 -10.09
N ASN C 318 -31.31 -10.63 -11.26
CA ASN C 318 -31.43 -11.99 -11.74
C ASN C 318 -30.09 -12.66 -12.02
N ARG C 319 -29.04 -12.23 -11.37
CA ARG C 319 -27.71 -12.82 -11.59
C ARG C 319 -26.84 -12.80 -10.33
N ASN C 320 -26.38 -13.99 -9.94
CA ASN C 320 -25.52 -14.18 -8.79
C ASN C 320 -24.07 -13.92 -9.13
N PRO C 321 -23.24 -13.54 -8.15
CA PRO C 321 -21.83 -13.34 -8.49
C PRO C 321 -21.19 -14.68 -8.77
N VAL C 322 -20.24 -14.72 -9.70
CA VAL C 322 -19.54 -15.96 -10.03
C VAL C 322 -18.44 -16.12 -9.00
N ASN C 323 -17.68 -15.06 -8.80
CA ASN C 323 -16.63 -15.02 -7.82
C ASN C 323 -16.91 -13.84 -6.92
N TYR C 324 -17.18 -14.13 -5.66
CA TYR C 324 -17.52 -13.10 -4.69
C TYR C 324 -16.50 -12.01 -4.43
N PHE C 325 -15.27 -12.39 -4.14
CA PHE C 325 -14.24 -11.38 -3.86
C PHE C 325 -14.10 -10.43 -5.02
N ALA C 326 -14.18 -10.99 -6.22
CA ALA C 326 -14.02 -10.21 -7.43
C ALA C 326 -15.18 -9.24 -7.71
N GLU C 327 -16.39 -9.66 -7.45
CA GLU C 327 -17.56 -8.84 -7.73
C GLU C 327 -18.25 -8.09 -6.59
N VAL C 328 -18.19 -8.60 -5.37
CA VAL C 328 -18.88 -7.92 -4.26
C VAL C 328 -17.90 -7.24 -3.30
N GLU C 329 -16.88 -7.98 -2.92
CA GLU C 329 -15.87 -7.48 -2.01
C GLU C 329 -15.18 -6.25 -2.61
N GLN C 330 -14.87 -6.32 -3.90
CA GLN C 330 -14.20 -5.24 -4.59
C GLN C 330 -15.12 -4.13 -5.07
N LEU C 331 -16.42 -4.38 -5.05
CA LEU C 331 -17.40 -3.40 -5.50
C LEU C 331 -17.18 -2.07 -4.77
N ALA C 332 -17.34 -0.96 -5.49
CA ALA C 332 -17.16 0.34 -4.90
C ALA C 332 -18.25 1.27 -5.41
N PHE C 333 -19.05 1.81 -4.47
CA PHE C 333 -20.14 2.71 -4.81
C PHE C 333 -19.79 4.12 -4.34
N ASP C 334 -19.71 5.07 -5.26
CA ASP C 334 -19.38 6.42 -4.89
C ASP C 334 -20.54 7.35 -5.17
N PRO C 335 -21.15 7.92 -4.13
CA PRO C 335 -22.28 8.83 -4.35
C PRO C 335 -21.86 9.94 -5.32
N SER C 336 -20.58 10.31 -5.26
CA SER C 336 -20.05 11.35 -6.12
C SER C 336 -20.29 11.06 -7.61
N ASN C 337 -20.55 9.81 -7.96
CA ASN C 337 -20.85 9.46 -9.35
C ASN C 337 -22.29 9.81 -9.66
N MET C 338 -22.50 10.76 -10.54
CA MET C 338 -23.86 11.17 -10.91
C MET C 338 -23.91 11.72 -12.32
N PRO C 339 -24.64 11.04 -13.21
CA PRO C 339 -24.76 11.49 -14.61
C PRO C 339 -25.57 12.80 -14.74
N PRO C 340 -25.56 13.42 -15.93
CA PRO C 340 -26.30 14.66 -16.16
C PRO C 340 -27.81 14.46 -15.97
N GLY C 341 -28.40 15.30 -15.13
CA GLY C 341 -29.80 15.21 -14.83
C GLY C 341 -29.95 14.98 -13.34
N ILE C 342 -28.88 14.46 -12.73
CA ILE C 342 -28.85 14.19 -11.31
C ILE C 342 -27.75 14.98 -10.62
N GLU C 343 -28.08 15.65 -9.54
CA GLU C 343 -27.11 16.45 -8.82
C GLU C 343 -27.32 16.48 -7.31
N PRO C 344 -26.23 16.55 -6.56
CA PRO C 344 -26.38 16.59 -5.11
C PRO C 344 -27.20 17.78 -4.66
N SER C 345 -27.47 17.80 -3.36
CA SER C 345 -28.22 18.86 -2.74
C SER C 345 -27.37 19.33 -1.57
N PRO C 346 -27.71 20.49 -1.00
CA PRO C 346 -26.96 21.03 0.13
C PRO C 346 -26.66 20.08 1.31
N ASP C 347 -27.51 19.07 1.56
CA ASP C 347 -27.27 18.14 2.66
C ASP C 347 -25.84 18.22 3.17
N LYS C 348 -25.68 18.70 4.40
CA LYS C 348 -24.37 18.83 5.05
C LYS C 348 -23.84 17.44 5.33
N MET C 349 -24.73 16.47 5.14
CA MET C 349 -24.39 15.07 5.34
C MET C 349 -23.96 14.46 4.01
N LEU C 350 -24.77 14.72 2.97
CA LEU C 350 -24.46 14.21 1.64
C LEU C 350 -23.13 14.76 1.10
N GLN C 351 -23.06 16.08 1.00
CA GLN C 351 -21.84 16.75 0.53
C GLN C 351 -20.60 16.03 1.01
N GLY C 352 -20.51 15.80 2.31
CA GLY C 352 -19.38 15.11 2.87
C GLY C 352 -19.20 13.74 2.25
N ARG C 353 -20.31 13.05 1.99
CA ARG C 353 -20.23 11.73 1.37
C ARG C 353 -19.50 11.80 0.04
N LEU C 354 -19.78 12.85 -0.74
CA LEU C 354 -19.13 13.02 -2.03
C LEU C 354 -17.61 12.89 -1.95
N PHE C 355 -17.05 13.02 -0.75
CA PHE C 355 -15.62 12.89 -0.57
C PHE C 355 -15.18 11.58 0.04
N ALA C 356 -15.89 11.15 1.06
CA ALA C 356 -15.54 9.91 1.76
C ALA C 356 -15.45 8.68 0.87
N TYR C 357 -16.41 8.52 -0.02
CA TYR C 357 -16.44 7.34 -0.86
C TYR C 357 -15.33 7.13 -1.87
N PRO C 358 -15.09 8.10 -2.78
CA PRO C 358 -13.99 7.82 -3.72
C PRO C 358 -12.67 7.80 -2.92
N ASP C 359 -12.59 8.66 -1.93
CA ASP C 359 -11.42 8.76 -1.09
C ASP C 359 -11.09 7.46 -0.40
N THR C 360 -11.94 7.05 0.54
CA THR C 360 -11.72 5.81 1.26
C THR C 360 -11.46 4.64 0.32
N HIS C 361 -11.90 4.73 -0.89
CA HIS C 361 -11.67 3.66 -1.86
C HIS C 361 -10.21 3.60 -2.27
N ARG C 362 -9.63 4.75 -2.59
CA ARG C 362 -8.24 4.84 -3.00
C ARG C 362 -7.36 4.20 -1.93
N HIS C 363 -7.97 3.88 -0.79
CA HIS C 363 -7.29 3.27 0.31
C HIS C 363 -7.58 1.79 0.33
N ARG C 364 -8.82 1.44 0.63
CA ARG C 364 -9.24 0.04 0.71
C ARG C 364 -8.89 -0.79 -0.52
N LEU C 365 -9.19 -0.30 -1.71
CA LEU C 365 -8.91 -1.04 -2.93
C LEU C 365 -7.65 -0.61 -3.67
N GLY C 366 -7.46 0.69 -3.87
CA GLY C 366 -6.30 1.15 -4.58
C GLY C 366 -6.58 2.36 -5.44
N PRO C 367 -5.53 3.10 -5.84
CA PRO C 367 -5.71 4.29 -6.66
C PRO C 367 -6.60 4.13 -7.89
N ASN C 368 -6.35 3.09 -8.69
CA ASN C 368 -7.13 2.87 -9.90
C ASN C 368 -8.31 1.91 -9.72
N TYR C 369 -8.85 1.85 -8.53
CA TYR C 369 -9.96 0.94 -8.27
C TYR C 369 -11.09 0.98 -9.32
N LEU C 370 -11.40 2.16 -9.88
CA LEU C 370 -12.45 2.24 -10.90
C LEU C 370 -12.10 1.40 -12.11
N GLN C 371 -10.95 0.77 -12.06
CA GLN C 371 -10.47 -0.06 -13.16
C GLN C 371 -10.72 -1.54 -12.87
N ILE C 372 -11.27 -1.82 -11.69
CA ILE C 372 -11.61 -3.18 -11.36
C ILE C 372 -12.86 -3.42 -12.17
N PRO C 373 -12.91 -4.54 -12.90
CA PRO C 373 -14.05 -4.87 -13.74
C PRO C 373 -15.43 -4.37 -13.30
N VAL C 374 -15.87 -4.71 -12.09
CA VAL C 374 -17.20 -4.30 -11.63
C VAL C 374 -17.39 -2.82 -11.31
N ASN C 375 -16.31 -2.06 -11.18
CA ASN C 375 -16.40 -0.65 -10.88
C ASN C 375 -16.31 0.17 -12.12
N CYS C 376 -15.70 -0.39 -13.16
CA CYS C 376 -15.51 0.30 -14.43
C CYS C 376 -16.86 0.75 -15.01
N PRO C 377 -16.91 1.95 -15.60
CA PRO C 377 -18.14 2.46 -16.22
C PRO C 377 -18.12 1.95 -17.64
N TYR C 378 -18.37 0.67 -17.78
CA TYR C 378 -18.32 0.01 -19.09
C TYR C 378 -19.42 0.32 -20.12
N ARG C 379 -20.51 0.95 -19.72
CA ARG C 379 -21.54 1.28 -20.69
C ARG C 379 -21.29 2.68 -21.23
N ALA C 380 -20.09 3.18 -20.96
CA ALA C 380 -19.68 4.51 -21.40
C ALA C 380 -18.32 4.33 -22.09
N ARG C 381 -17.40 5.28 -21.90
CA ARG C 381 -16.09 5.20 -22.50
C ARG C 381 -15.14 6.19 -21.85
N VAL C 382 -14.45 5.77 -20.78
CA VAL C 382 -13.52 6.65 -20.10
C VAL C 382 -12.46 7.18 -21.03
N ALA C 383 -12.33 8.50 -21.04
CA ALA C 383 -11.37 9.19 -21.87
C ALA C 383 -11.10 10.49 -21.14
N ASN C 384 -9.85 10.69 -20.76
CA ASN C 384 -9.51 11.91 -20.06
C ASN C 384 -8.01 12.11 -20.01
N TYR C 385 -7.57 12.89 -19.05
CA TYR C 385 -6.16 13.21 -18.89
C TYR C 385 -5.60 12.69 -17.58
N GLN C 386 -6.15 11.57 -17.11
CA GLN C 386 -5.71 10.96 -15.88
C GLN C 386 -4.78 9.84 -16.29
N ARG C 387 -3.64 9.71 -15.60
CA ARG C 387 -2.68 8.70 -15.95
C ARG C 387 -1.95 8.15 -14.76
N ASP C 388 -1.34 7.00 -14.98
CA ASP C 388 -0.50 6.32 -14.03
C ASP C 388 -1.18 5.80 -12.76
N GLY C 389 -0.46 5.82 -11.66
CA GLY C 389 -1.01 5.28 -10.43
C GLY C 389 -0.69 3.80 -10.43
N PRO C 390 -0.54 3.17 -9.27
CA PRO C 390 -0.22 1.73 -9.20
C PRO C 390 -1.26 0.82 -9.80
N MET C 391 -0.83 -0.36 -10.22
CA MET C 391 -1.71 -1.37 -10.83
C MET C 391 -2.56 -0.75 -11.94
N CYS C 392 -1.91 0.06 -12.77
CA CYS C 392 -2.56 0.73 -13.88
C CYS C 392 -2.97 -0.29 -14.95
N MET C 393 -4.19 -0.80 -14.83
CA MET C 393 -4.71 -1.76 -15.81
C MET C 393 -4.92 -1.08 -17.17
N MET C 394 -5.66 -1.72 -18.04
CA MET C 394 -5.93 -1.16 -19.38
C MET C 394 -4.64 -0.88 -20.17
N ASP C 395 -4.50 0.35 -20.62
CA ASP C 395 -3.33 0.76 -21.40
C ASP C 395 -2.93 2.14 -20.97
N ASN C 396 -3.52 2.61 -19.87
CA ASN C 396 -3.24 3.92 -19.34
C ASN C 396 -3.72 5.02 -20.28
N GLN C 397 -4.42 4.60 -21.34
CA GLN C 397 -4.97 5.49 -22.35
C GLN C 397 -3.99 5.63 -23.49
N GLY C 398 -3.03 4.73 -23.55
CA GLY C 398 -2.06 4.78 -24.62
C GLY C 398 -1.19 6.03 -24.75
N GLY C 399 -1.00 6.47 -25.99
CA GLY C 399 -0.18 7.63 -26.30
C GLY C 399 -0.85 8.98 -26.43
N ALA C 400 -2.12 9.03 -26.08
CA ALA C 400 -2.88 10.28 -26.15
C ALA C 400 -2.27 11.45 -25.39
N PRO C 401 -2.50 12.70 -25.87
CA PRO C 401 -1.95 13.91 -25.24
C PRO C 401 -2.46 13.89 -23.79
N ASN C 402 -1.64 14.31 -22.84
CA ASN C 402 -2.04 14.25 -21.45
C ASN C 402 -2.38 15.56 -20.74
N TYR C 403 -2.33 16.68 -21.45
CA TYR C 403 -2.63 17.97 -20.84
C TYR C 403 -3.85 18.56 -21.54
N TYR C 404 -4.60 19.37 -20.82
CA TYR C 404 -5.80 20.02 -21.35
C TYR C 404 -5.72 21.49 -21.02
N PRO C 405 -5.94 22.38 -22.01
CA PRO C 405 -6.25 22.05 -23.41
C PRO C 405 -5.04 21.59 -24.21
N ASN C 406 -5.31 21.10 -25.43
CA ASN C 406 -4.25 20.66 -26.31
C ASN C 406 -4.69 20.86 -27.75
N SER C 407 -3.76 20.69 -28.70
CA SER C 407 -4.07 20.88 -30.10
C SER C 407 -3.86 19.58 -30.84
N PHE C 408 -4.15 18.48 -30.19
CA PHE C 408 -3.93 17.20 -30.83
C PHE C 408 -5.13 16.28 -30.74
N SER C 409 -6.30 16.89 -30.85
CA SER C 409 -7.60 16.20 -30.85
C SER C 409 -7.90 15.25 -29.70
N ALA C 410 -7.19 15.40 -28.58
CA ALA C 410 -7.43 14.56 -27.42
C ALA C 410 -8.84 14.84 -26.88
N PRO C 411 -9.29 14.09 -25.87
CA PRO C 411 -10.64 14.26 -25.27
C PRO C 411 -11.10 15.71 -25.09
N GLU C 412 -12.30 16.00 -25.60
CA GLU C 412 -12.89 17.34 -25.54
C GLU C 412 -13.98 17.33 -24.49
N HIS C 413 -14.51 18.50 -24.15
CA HIS C 413 -15.57 18.53 -23.14
C HIS C 413 -16.94 18.81 -23.74
N GLN C 414 -17.96 18.56 -22.92
CA GLN C 414 -19.35 18.76 -23.31
C GLN C 414 -20.06 19.76 -22.43
N PRO C 415 -20.39 20.94 -22.96
CA PRO C 415 -21.08 21.95 -22.14
C PRO C 415 -22.40 21.40 -21.61
N SER C 416 -22.96 20.46 -22.40
CA SER C 416 -24.25 19.83 -22.05
C SER C 416 -24.22 19.29 -20.62
N ALA C 417 -23.05 18.84 -20.19
CA ALA C 417 -22.89 18.26 -18.86
C ALA C 417 -22.54 19.28 -17.79
N LEU C 418 -22.79 20.57 -18.06
CA LEU C 418 -22.46 21.56 -17.05
C LEU C 418 -23.42 21.45 -15.89
N GLU C 419 -22.95 21.78 -14.72
CA GLU C 419 -23.74 21.73 -13.50
C GLU C 419 -24.68 22.91 -13.34
N HIS C 420 -25.89 22.64 -12.86
CA HIS C 420 -26.91 23.65 -12.66
C HIS C 420 -26.34 24.72 -11.72
N ARG C 421 -26.63 26.01 -12.01
CA ARG C 421 -26.12 27.09 -11.18
C ARG C 421 -27.15 27.62 -10.18
N THR C 422 -26.85 27.43 -8.92
CA THR C 422 -27.71 27.90 -7.83
C THR C 422 -27.03 29.08 -7.12
N HIS C 423 -27.82 30.12 -6.84
CA HIS C 423 -27.28 31.31 -6.17
C HIS C 423 -27.41 31.13 -4.64
N PHE C 424 -26.27 30.98 -3.98
CA PHE C 424 -26.29 30.82 -2.53
C PHE C 424 -25.77 32.08 -1.86
N SER C 425 -26.63 32.67 -1.05
CA SER C 425 -26.29 33.90 -0.35
C SER C 425 -26.16 33.58 1.14
N GLY C 426 -25.46 34.46 1.86
CA GLY C 426 -25.27 34.24 3.28
C GLY C 426 -23.79 34.07 3.61
N ASP C 427 -23.42 34.51 4.82
CA ASP C 427 -22.04 34.39 5.26
C ASP C 427 -21.53 32.95 5.02
N VAL C 428 -20.23 32.76 5.25
CA VAL C 428 -19.60 31.47 5.10
C VAL C 428 -19.05 31.10 6.47
N GLN C 429 -19.74 30.20 7.17
CA GLN C 429 -19.32 29.75 8.49
C GLN C 429 -19.99 28.44 8.88
N ARG C 430 -19.70 28.01 10.13
CA ARG C 430 -20.24 26.77 10.66
C ARG C 430 -21.59 27.03 11.35
N PHE C 431 -22.67 26.76 10.62
CA PHE C 431 -24.02 26.99 11.15
C PHE C 431 -24.48 25.79 11.97
N ASN C 432 -24.78 26.05 13.23
CA ASN C 432 -25.24 25.02 14.14
C ASN C 432 -26.52 24.36 13.64
N SER C 433 -26.54 23.04 13.68
CA SER C 433 -27.70 22.28 13.21
C SER C 433 -28.30 21.42 14.30
N ALA C 434 -27.84 21.59 15.53
CA ALA C 434 -28.35 20.80 16.65
C ALA C 434 -29.80 21.14 16.99
N ASN C 435 -30.24 22.34 16.60
CA ASN C 435 -31.61 22.78 16.84
C ASN C 435 -32.31 22.98 15.53
N ASP C 436 -32.72 21.87 14.94
CA ASP C 436 -33.45 21.89 13.66
C ASP C 436 -34.65 21.00 13.82
N ASP C 437 -35.04 20.80 15.08
CA ASP C 437 -36.16 19.94 15.40
C ASP C 437 -35.75 18.51 15.15
N ASN C 438 -35.75 17.73 16.21
CA ASN C 438 -35.39 16.32 16.10
C ASN C 438 -36.48 15.54 16.83
N VAL C 439 -37.68 16.12 16.91
CA VAL C 439 -38.76 15.45 17.63
C VAL C 439 -40.14 15.49 17.01
N THR C 440 -40.43 16.50 16.19
CA THR C 440 -41.75 16.59 15.61
C THR C 440 -42.10 15.35 14.82
N GLN C 441 -41.38 15.15 13.71
CA GLN C 441 -41.62 14.01 12.84
C GLN C 441 -41.56 12.71 13.64
N VAL C 442 -40.60 12.63 14.55
CA VAL C 442 -40.45 11.44 15.36
C VAL C 442 -41.77 11.06 16.05
N ARG C 443 -42.32 11.98 16.85
CA ARG C 443 -43.59 11.75 17.55
C ARG C 443 -44.68 11.18 16.61
N THR C 444 -44.71 11.68 15.37
CA THR C 444 -45.68 11.24 14.38
C THR C 444 -45.56 9.75 14.06
N PHE C 445 -44.38 9.22 14.25
CA PHE C 445 -44.09 7.82 13.99
C PHE C 445 -44.74 7.05 15.15
N TYR C 446 -44.15 7.18 16.33
CA TYR C 446 -44.63 6.52 17.54
C TYR C 446 -46.15 6.54 17.64
N LEU C 447 -46.75 7.66 17.21
CA LEU C 447 -48.18 7.78 17.29
C LEU C 447 -48.88 7.32 16.01
N LYS C 448 -48.81 8.13 14.96
CA LYS C 448 -49.49 7.78 13.71
C LYS C 448 -49.00 6.51 13.03
N VAL C 449 -47.87 6.60 12.31
CA VAL C 449 -47.33 5.46 11.59
C VAL C 449 -47.26 4.19 12.42
N LEU C 450 -47.11 4.32 13.73
CA LEU C 450 -47.02 3.17 14.61
C LEU C 450 -48.33 2.87 15.37
N ASN C 451 -48.63 1.58 15.48
CA ASN C 451 -49.82 1.14 16.18
C ASN C 451 -49.43 0.69 17.58
N GLU C 452 -50.41 0.54 18.48
CA GLU C 452 -50.14 0.13 19.85
C GLU C 452 -49.21 -1.08 19.92
N GLU C 453 -49.52 -2.12 19.14
CA GLU C 453 -48.73 -3.35 19.14
C GLU C 453 -47.24 -3.12 18.93
N GLN C 454 -46.87 -2.75 17.71
CA GLN C 454 -45.46 -2.50 17.40
C GLN C 454 -44.88 -1.50 18.42
N ARG C 455 -45.69 -0.49 18.76
CA ARG C 455 -45.29 0.52 19.72
C ARG C 455 -44.65 -0.09 20.95
N LYS C 456 -45.19 -1.22 21.37
CA LYS C 456 -44.69 -1.94 22.56
C LYS C 456 -43.33 -2.59 22.29
N ARG C 457 -43.21 -3.27 21.17
CA ARG C 457 -41.97 -3.93 20.79
C ARG C 457 -40.83 -2.96 20.62
N LEU C 458 -41.14 -1.69 20.47
CA LEU C 458 -40.09 -0.66 20.33
C LEU C 458 -39.53 -0.39 21.73
N CYS C 459 -40.41 0.11 22.62
CA CYS C 459 -40.00 0.39 23.98
C CYS C 459 -39.22 -0.80 24.54
N GLU C 460 -39.80 -1.98 24.42
CA GLU C 460 -39.17 -3.18 24.91
C GLU C 460 -37.75 -3.36 24.37
N ASN C 461 -37.60 -3.04 23.09
CA ASN C 461 -36.28 -3.17 22.42
C ASN C 461 -35.33 -2.03 22.76
N ILE C 462 -35.87 -0.81 22.75
CA ILE C 462 -35.08 0.36 23.08
C ILE C 462 -34.59 0.29 24.52
N ALA C 463 -35.30 -0.48 25.33
CA ALA C 463 -34.94 -0.63 26.73
C ALA C 463 -34.03 -1.86 26.92
N GLY C 464 -34.35 -2.95 26.21
CA GLY C 464 -33.56 -4.15 26.31
C GLY C 464 -32.08 -3.92 26.09
N HIS C 465 -31.78 -2.88 25.33
CA HIS C 465 -30.39 -2.51 25.03
C HIS C 465 -29.86 -1.53 26.07
N LEU C 466 -30.49 -0.36 26.14
CA LEU C 466 -30.10 0.68 27.08
C LEU C 466 -29.92 0.19 28.52
N LYS C 467 -30.37 -1.03 28.78
CA LYS C 467 -30.28 -1.62 30.11
C LYS C 467 -28.85 -1.91 30.57
N ASP C 468 -27.89 -1.34 29.89
CA ASP C 468 -26.50 -1.56 30.24
C ASP C 468 -25.69 -0.27 30.37
N ALA C 469 -26.34 0.87 30.19
CA ALA C 469 -25.67 2.18 30.27
C ALA C 469 -25.86 2.91 31.60
N GLN C 470 -24.75 3.25 32.24
CA GLN C 470 -24.76 3.95 33.53
C GLN C 470 -26.05 4.78 33.65
N LEU C 471 -26.77 4.56 34.75
CA LEU C 471 -28.02 5.28 35.00
C LEU C 471 -27.98 6.69 34.44
N PHE C 472 -27.04 7.50 34.94
CA PHE C 472 -26.93 8.88 34.52
C PHE C 472 -27.18 9.02 33.01
N ILE C 473 -26.81 7.98 32.25
CA ILE C 473 -27.02 7.97 30.80
C ILE C 473 -28.46 7.64 30.52
N GLN C 474 -28.90 6.51 31.06
CA GLN C 474 -30.27 6.06 30.90
C GLN C 474 -31.22 7.26 31.05
N LYS C 475 -31.00 8.04 32.12
CA LYS C 475 -31.84 9.22 32.38
C LYS C 475 -31.90 10.13 31.14
N LYS C 476 -30.76 10.74 30.82
CA LYS C 476 -30.66 11.64 29.68
C LYS C 476 -31.52 11.13 28.52
N ALA C 477 -31.36 9.84 28.23
CA ALA C 477 -32.12 9.22 27.13
C ALA C 477 -33.61 9.41 27.34
N VAL C 478 -34.13 8.99 28.51
CA VAL C 478 -35.54 9.15 28.81
C VAL C 478 -35.99 10.59 28.66
N LYS C 479 -35.07 11.52 28.90
CA LYS C 479 -35.36 12.93 28.80
C LYS C 479 -35.76 13.32 27.39
N ASN C 480 -35.21 12.60 26.40
CA ASN C 480 -35.53 12.92 24.99
C ASN C 480 -36.77 12.15 24.55
N PHE C 481 -36.71 10.82 24.65
CA PHE C 481 -37.83 9.99 24.24
C PHE C 481 -39.13 10.57 24.76
N SER C 482 -39.10 11.08 25.98
CA SER C 482 -40.27 11.69 26.56
C SER C 482 -40.51 13.04 25.90
N ASP C 483 -39.42 13.73 25.56
CA ASP C 483 -39.53 15.04 24.89
C ASP C 483 -40.23 14.79 23.57
N VAL C 484 -40.18 13.54 23.12
CA VAL C 484 -40.84 13.14 21.88
C VAL C 484 -42.32 13.04 22.23
N HIS C 485 -42.61 12.11 23.13
CA HIS C 485 -43.96 11.87 23.62
C HIS C 485 -43.91 11.20 25.00
N PRO C 486 -44.55 11.83 26.00
CA PRO C 486 -44.64 11.40 27.41
C PRO C 486 -44.59 9.91 27.66
N GLU C 487 -45.46 9.17 26.98
CA GLU C 487 -45.53 7.71 27.16
C GLU C 487 -44.30 7.00 26.56
N TYR C 488 -43.75 7.55 25.51
CA TYR C 488 -42.58 6.95 24.88
C TYR C 488 -41.53 6.66 25.96
N GLY C 489 -41.06 7.73 26.62
CA GLY C 489 -40.07 7.57 27.67
C GLY C 489 -40.71 6.90 28.88
N SER C 490 -42.00 7.19 29.09
CA SER C 490 -42.72 6.61 30.19
C SER C 490 -42.58 5.08 30.15
N ARG C 491 -43.16 4.46 29.13
CA ARG C 491 -43.09 3.01 29.00
C ARG C 491 -41.65 2.54 29.12
N ILE C 492 -40.76 3.17 28.36
CA ILE C 492 -39.34 2.84 28.40
C ILE C 492 -38.91 2.75 29.86
N GLN C 493 -38.87 3.92 30.50
CA GLN C 493 -38.46 4.06 31.90
C GLN C 493 -39.07 2.98 32.79
N ALA C 494 -40.33 2.60 32.50
CA ALA C 494 -41.01 1.58 33.27
C ALA C 494 -40.26 0.27 33.09
N LEU C 495 -39.95 -0.04 31.83
CA LEU C 495 -39.22 -1.26 31.49
C LEU C 495 -37.85 -1.25 32.13
N LEU C 496 -37.01 -0.29 31.72
CA LEU C 496 -35.65 -0.15 32.23
C LEU C 496 -35.47 -0.53 33.70
N ASP C 497 -36.41 -0.08 34.55
CA ASP C 497 -36.40 -0.34 35.99
C ASP C 497 -36.34 -1.81 36.38
N LYS C 498 -37.12 -2.63 35.67
CA LYS C 498 -37.13 -4.06 35.94
C LYS C 498 -35.76 -4.64 35.59
N TYR C 499 -35.25 -4.29 34.42
CA TYR C 499 -33.94 -4.77 33.97
C TYR C 499 -32.85 -4.36 34.95
N ASN C 500 -33.17 -3.39 35.81
CA ASN C 500 -32.21 -2.93 36.80
C ASN C 500 -32.31 -3.80 38.06
N GLU C 501 -32.93 -4.98 37.90
CA GLU C 501 -33.09 -5.92 38.94
C GLU C 501 -33.38 -5.27 40.33
N ASN D 3 41.83 18.01 4.52
CA ASN D 3 41.75 16.96 3.45
C ASN D 3 40.83 17.47 2.33
N ARG D 4 39.53 17.14 2.42
CA ARG D 4 38.53 17.56 1.45
C ARG D 4 37.38 18.27 2.15
N ASP D 5 36.21 18.30 1.48
CA ASP D 5 35.03 18.97 2.04
C ASP D 5 34.37 18.18 3.16
N PRO D 6 33.55 18.85 3.98
CA PRO D 6 32.85 18.16 5.08
C PRO D 6 31.91 17.09 4.54
N ALA D 7 31.13 17.46 3.53
CA ALA D 7 30.19 16.52 2.94
C ALA D 7 30.89 15.20 2.65
N SER D 8 31.83 15.22 1.71
CA SER D 8 32.55 14.00 1.36
C SER D 8 33.21 13.35 2.56
N ASP D 9 33.36 14.08 3.66
CA ASP D 9 33.99 13.55 4.86
C ASP D 9 32.97 12.99 5.83
N GLN D 10 31.80 12.63 5.31
CA GLN D 10 30.69 12.10 6.14
C GLN D 10 31.03 10.91 6.99
N MET D 11 31.44 9.83 6.34
CA MET D 11 31.80 8.62 7.06
C MET D 11 32.96 8.87 8.03
N LYS D 12 34.03 9.49 7.55
CA LYS D 12 35.16 9.79 8.41
C LYS D 12 34.68 10.27 9.78
N HIS D 13 34.28 11.53 9.85
CA HIS D 13 33.79 12.12 11.09
C HIS D 13 32.92 11.18 11.92
N TRP D 14 31.93 10.58 11.30
CA TRP D 14 31.02 9.68 12.00
C TRP D 14 31.77 8.65 12.82
N LYS D 15 32.83 8.10 12.24
CA LYS D 15 33.65 7.08 12.88
C LYS D 15 34.50 7.66 14.00
N GLU D 16 35.00 8.88 13.80
CA GLU D 16 35.82 9.53 14.79
C GLU D 16 35.00 9.85 16.03
N GLN D 17 33.71 10.09 15.83
CA GLN D 17 32.80 10.37 16.93
C GLN D 17 32.44 9.05 17.57
N ARG D 18 32.28 8.05 16.73
CA ARG D 18 31.97 6.69 17.18
C ARG D 18 32.96 6.42 18.33
N ALA D 19 34.25 6.71 18.04
CA ALA D 19 35.30 6.57 19.02
C ALA D 19 35.78 5.11 19.22
N ALA D 20 36.33 4.85 20.40
CA ALA D 20 36.82 3.54 20.69
C ALA D 20 35.68 2.58 21.03
N GLN D 21 34.46 3.12 21.13
CA GLN D 21 33.29 2.28 21.43
C GLN D 21 33.21 1.16 20.42
N LYS D 22 33.39 -0.07 20.89
CA LYS D 22 33.32 -1.21 20.01
C LYS D 22 32.02 -1.19 19.23
N PRO D 23 32.03 -1.74 18.00
CA PRO D 23 30.83 -1.75 17.17
C PRO D 23 29.63 -2.43 17.83
N ASP D 24 28.44 -2.22 17.29
CA ASP D 24 27.23 -2.86 17.82
C ASP D 24 27.10 -4.22 17.19
N VAL D 25 26.57 -5.19 17.92
CA VAL D 25 26.41 -6.53 17.35
C VAL D 25 25.40 -6.44 16.21
N LEU D 26 25.82 -6.88 15.03
CA LEU D 26 24.97 -6.89 13.84
C LEU D 26 23.81 -7.86 14.04
N THR D 27 22.62 -7.32 14.15
CA THR D 27 21.41 -8.09 14.37
C THR D 27 20.52 -8.18 13.12
N THR D 28 19.40 -8.88 13.28
CA THR D 28 18.40 -9.02 12.22
C THR D 28 17.36 -8.00 12.56
N GLY D 29 16.36 -7.84 11.71
CA GLY D 29 15.30 -6.88 12.01
C GLY D 29 14.83 -7.17 13.43
N GLY D 30 14.67 -8.46 13.73
CA GLY D 30 14.23 -8.89 15.04
C GLY D 30 15.21 -8.73 16.17
N GLY D 31 16.34 -8.07 15.92
CA GLY D 31 17.35 -7.85 16.96
C GLY D 31 18.21 -9.05 17.25
N ASN D 32 17.88 -10.21 16.68
CA ASN D 32 18.67 -11.42 16.86
C ASN D 32 20.08 -11.20 16.30
N PRO D 33 21.14 -11.57 17.05
CA PRO D 33 22.50 -11.39 16.52
C PRO D 33 22.76 -12.28 15.31
N VAL D 34 23.57 -11.79 14.41
CA VAL D 34 23.91 -12.57 13.21
C VAL D 34 25.33 -13.11 13.41
N GLY D 35 25.49 -14.42 13.27
CA GLY D 35 26.80 -15.02 13.49
C GLY D 35 27.74 -14.89 12.31
N ASP D 36 27.16 -14.55 11.15
CA ASP D 36 27.91 -14.40 9.93
C ASP D 36 26.97 -13.94 8.84
N LYS D 37 26.95 -12.64 8.56
CA LYS D 37 26.08 -12.08 7.53
C LYS D 37 26.82 -11.91 6.19
N LEU D 38 27.80 -12.77 5.93
CA LEU D 38 28.53 -12.68 4.68
C LEU D 38 28.46 -13.93 3.83
N ASN D 39 28.03 -15.03 4.42
CA ASN D 39 27.92 -16.29 3.70
C ASN D 39 26.57 -16.91 3.96
N SER D 40 25.94 -17.39 2.90
CA SER D 40 24.61 -18.00 3.02
C SER D 40 24.63 -19.43 3.52
N LEU D 41 23.46 -19.88 3.95
CA LEU D 41 23.25 -21.23 4.45
C LEU D 41 22.99 -22.10 3.23
N THR D 42 24.04 -22.79 2.76
CA THR D 42 23.91 -23.64 1.60
C THR D 42 24.26 -25.09 1.94
N VAL D 43 23.46 -26.03 1.44
CA VAL D 43 23.75 -27.44 1.68
C VAL D 43 24.96 -27.76 0.79
N GLY D 44 26.11 -27.92 1.43
CA GLY D 44 27.32 -28.18 0.68
C GLY D 44 27.94 -26.84 0.29
N PRO D 45 29.26 -26.81 -0.02
CA PRO D 45 29.89 -25.55 -0.40
C PRO D 45 29.49 -25.06 -1.79
N ARG D 46 28.81 -25.90 -2.53
CA ARG D 46 28.36 -25.55 -3.89
C ARG D 46 26.95 -26.05 -4.08
N GLY D 47 26.25 -26.20 -2.96
CA GLY D 47 24.89 -26.71 -3.01
C GLY D 47 23.85 -25.60 -2.94
N PRO D 48 22.57 -25.96 -2.93
CA PRO D 48 21.43 -25.02 -2.89
C PRO D 48 21.38 -24.12 -1.67
N LEU D 49 20.65 -23.03 -1.81
CA LEU D 49 20.44 -22.06 -0.75
C LEU D 49 19.22 -22.56 0.02
N LEU D 50 19.16 -22.28 1.30
CA LEU D 50 18.08 -22.76 2.12
C LEU D 50 17.16 -21.66 2.61
N VAL D 51 15.87 -21.97 2.58
CA VAL D 51 14.82 -21.08 3.04
C VAL D 51 15.17 -20.70 4.48
N GLN D 52 15.65 -21.71 5.21
CA GLN D 52 16.07 -21.56 6.60
C GLN D 52 17.04 -20.41 6.86
N ASP D 53 17.50 -19.72 5.82
CA ASP D 53 18.43 -18.64 6.06
C ASP D 53 17.67 -17.32 6.27
N VAL D 54 16.96 -17.26 7.39
CA VAL D 54 16.16 -16.07 7.72
C VAL D 54 16.98 -14.81 7.85
N VAL D 55 18.30 -14.94 7.76
CA VAL D 55 19.18 -13.76 7.83
C VAL D 55 19.04 -13.12 6.46
N PHE D 56 19.45 -13.86 5.44
CA PHE D 56 19.35 -13.39 4.07
C PHE D 56 17.97 -12.82 3.81
N THR D 57 16.97 -13.67 3.94
CA THR D 57 15.59 -13.24 3.70
C THR D 57 15.23 -12.00 4.49
N ASP D 58 15.50 -11.98 5.79
CA ASP D 58 15.17 -10.79 6.53
C ASP D 58 15.73 -9.59 5.78
N GLU D 59 17.04 -9.48 5.73
CA GLU D 59 17.73 -8.36 5.05
C GLU D 59 17.16 -8.12 3.67
N MET D 60 17.56 -8.96 2.72
CA MET D 60 17.11 -8.86 1.34
C MET D 60 15.73 -8.24 1.24
N ALA D 61 14.81 -8.77 2.04
CA ALA D 61 13.43 -8.30 2.03
C ALA D 61 13.30 -6.81 2.29
N HIS D 62 13.91 -6.32 3.37
CA HIS D 62 13.79 -4.88 3.63
C HIS D 62 14.38 -4.08 2.49
N PHE D 63 15.39 -4.64 1.86
CA PHE D 63 16.03 -4.00 0.72
C PHE D 63 15.04 -3.88 -0.42
N ASP D 64 14.20 -4.91 -0.60
CA ASP D 64 13.18 -4.95 -1.66
C ASP D 64 12.08 -3.91 -1.46
N ARG D 65 12.04 -3.30 -0.31
CA ARG D 65 11.02 -2.33 -0.02
C ARG D 65 11.56 -0.97 0.36
N GLU D 66 12.82 -0.74 0.03
CA GLU D 66 13.48 0.53 0.36
C GLU D 66 12.90 1.76 -0.33
N ARG D 67 12.28 1.59 -1.48
CA ARG D 67 11.73 2.73 -2.25
C ARG D 67 10.26 3.05 -2.15
N ILE D 68 9.98 4.30 -1.92
CA ILE D 68 8.62 4.81 -1.85
C ILE D 68 8.47 5.70 -3.08
N PRO D 69 7.26 5.94 -3.55
CA PRO D 69 7.16 6.81 -4.74
C PRO D 69 7.71 8.21 -4.47
N GLU D 70 8.55 8.72 -5.38
CA GLU D 70 9.11 10.05 -5.23
C GLU D 70 7.95 11.01 -5.28
N ARG D 71 8.14 12.23 -4.75
CA ARG D 71 7.06 13.21 -4.78
C ARG D 71 6.63 13.40 -6.23
N VAL D 72 5.31 13.58 -6.44
CA VAL D 72 4.79 13.75 -7.78
C VAL D 72 5.51 14.87 -8.56
N VAL D 73 5.79 16.00 -7.89
CA VAL D 73 6.51 17.11 -8.48
C VAL D 73 7.48 17.57 -7.41
N HIS D 74 8.61 18.16 -7.85
CA HIS D 74 9.64 18.63 -6.92
C HIS D 74 10.22 17.40 -6.21
N ALA D 75 10.53 16.36 -6.97
CA ALA D 75 11.08 15.13 -6.42
C ALA D 75 12.51 15.25 -5.93
N LYS D 76 13.31 16.10 -6.58
CA LYS D 76 14.70 16.29 -6.19
C LYS D 76 14.88 17.49 -5.27
N GLY D 77 15.75 17.36 -4.28
CA GLY D 77 15.96 18.47 -3.37
C GLY D 77 16.92 18.21 -2.24
N ALA D 78 16.95 19.14 -1.29
CA ALA D 78 17.80 19.07 -0.12
C ALA D 78 17.05 19.63 1.08
N GLY D 79 17.43 19.20 2.28
CA GLY D 79 16.77 19.67 3.46
C GLY D 79 17.65 20.00 4.65
N ALA D 80 17.16 20.94 5.45
CA ALA D 80 17.90 21.37 6.63
C ALA D 80 16.94 21.90 7.65
N PHE D 81 17.36 21.81 8.91
CA PHE D 81 16.52 22.28 9.99
C PHE D 81 17.18 23.49 10.64
N GLY D 82 16.41 24.19 11.47
CA GLY D 82 16.93 25.37 12.14
C GLY D 82 15.85 26.01 12.95
N TYR D 83 15.78 27.33 12.89
CA TYR D 83 14.79 28.05 13.66
C TYR D 83 14.30 29.30 12.98
N PHE D 84 13.38 29.97 13.67
CA PHE D 84 12.82 31.20 13.20
C PHE D 84 12.78 32.15 14.39
N GLU D 85 13.12 33.41 14.17
CA GLU D 85 13.13 34.40 15.24
C GLU D 85 12.17 35.54 15.02
N VAL D 86 11.74 36.16 16.11
CA VAL D 86 10.80 37.27 16.00
C VAL D 86 11.50 38.61 16.25
N THR D 87 12.07 39.18 15.17
CA THR D 87 12.76 40.45 15.24
C THR D 87 11.80 41.64 15.26
N HIS D 88 10.51 41.34 15.18
CA HIS D 88 9.50 42.41 15.19
C HIS D 88 8.19 41.96 15.79
N ASP D 89 7.36 42.96 16.10
CA ASP D 89 6.04 42.71 16.65
C ASP D 89 5.07 42.99 15.52
N ILE D 90 4.59 41.93 14.88
CA ILE D 90 3.61 42.09 13.80
C ILE D 90 2.29 41.56 14.32
N THR D 91 2.19 41.51 15.64
CA THR D 91 1.01 41.01 16.34
C THR D 91 -0.24 41.88 16.19
N ARG D 92 -0.14 42.96 15.44
CA ARG D 92 -1.27 43.84 15.25
C ARG D 92 -2.21 43.29 14.19
N TYR D 93 -1.65 42.49 13.30
CA TYR D 93 -2.43 41.89 12.20
C TYR D 93 -2.77 40.41 12.49
N SER D 94 -1.73 39.60 12.62
CA SER D 94 -1.85 38.18 12.89
C SER D 94 -1.55 37.83 14.36
N LYS D 95 -2.47 37.09 14.98
CA LYS D 95 -2.31 36.71 16.38
C LYS D 95 -1.71 35.34 16.57
N ALA D 96 -1.11 34.78 15.51
CA ALA D 96 -0.51 33.44 15.61
C ALA D 96 0.57 33.43 16.69
N LYS D 97 0.60 32.37 17.48
CA LYS D 97 1.58 32.24 18.54
C LYS D 97 3.02 32.20 18.02
N VAL D 98 3.17 31.99 16.72
CA VAL D 98 4.52 31.95 16.12
C VAL D 98 5.03 33.37 15.92
N PHE D 99 4.22 34.35 16.35
CA PHE D 99 4.58 35.75 16.26
C PHE D 99 4.39 36.40 17.62
N GLU D 100 3.85 35.62 18.56
CA GLU D 100 3.55 36.08 19.91
C GLU D 100 4.34 37.33 20.34
N HIS D 101 5.58 37.17 20.73
CA HIS D 101 6.37 38.32 21.13
C HIS D 101 7.77 38.33 20.56
N ILE D 102 8.24 39.53 20.24
CA ILE D 102 9.60 39.70 19.71
C ILE D 102 10.58 38.94 20.56
N GLY D 103 11.46 38.19 19.91
CA GLY D 103 12.45 37.40 20.65
C GLY D 103 12.15 35.92 20.59
N LYS D 104 10.86 35.57 20.64
CA LYS D 104 10.43 34.18 20.60
C LYS D 104 10.93 33.51 19.32
N ARG D 105 11.27 32.24 19.45
CA ARG D 105 11.77 31.45 18.33
C ARG D 105 10.94 30.18 18.12
N THR D 106 10.78 29.78 16.86
CA THR D 106 10.03 28.57 16.53
C THR D 106 10.86 27.68 15.62
N PRO D 107 11.17 26.46 16.08
CA PRO D 107 11.96 25.50 15.29
C PRO D 107 11.35 25.31 13.93
N ILE D 108 12.19 25.40 12.90
CA ILE D 108 11.72 25.24 11.53
C ILE D 108 12.35 24.05 10.82
N ALA D 109 11.82 23.74 9.63
CA ALA D 109 12.33 22.67 8.79
C ALA D 109 12.09 23.12 7.36
N VAL D 110 13.10 23.03 6.52
CA VAL D 110 12.95 23.48 5.16
C VAL D 110 13.50 22.51 4.15
N ARG D 111 12.83 22.43 2.98
CA ARG D 111 13.28 21.57 1.90
C ARG D 111 13.21 22.33 0.57
N PHE D 112 14.38 22.49 -0.06
CA PHE D 112 14.52 23.16 -1.33
C PHE D 112 14.38 22.07 -2.38
N SER D 113 13.81 22.40 -3.53
CA SER D 113 13.65 21.39 -4.55
C SER D 113 13.46 22.02 -5.92
N THR D 114 13.62 21.20 -6.95
CA THR D 114 13.40 21.64 -8.30
C THR D 114 11.90 21.43 -8.52
N VAL D 115 11.46 21.38 -9.77
CA VAL D 115 10.04 21.23 -9.99
C VAL D 115 9.60 20.02 -10.80
N ALA D 116 10.22 19.83 -11.95
CA ALA D 116 9.88 18.74 -12.85
C ALA D 116 10.68 17.44 -12.67
N GLY D 117 11.98 17.51 -12.97
CA GLY D 117 12.85 16.35 -12.86
C GLY D 117 12.71 15.44 -11.65
N GLU D 118 12.77 14.15 -11.91
CA GLU D 118 12.66 13.15 -10.87
C GLU D 118 13.89 13.15 -10.00
N SER D 119 13.89 12.25 -9.02
CA SER D 119 14.96 12.12 -8.08
C SER D 119 16.37 12.11 -8.65
N GLY D 120 16.55 11.77 -9.92
CA GLY D 120 17.90 11.72 -10.45
C GLY D 120 18.41 12.89 -11.24
N SER D 121 17.54 13.86 -11.53
CA SER D 121 17.94 15.01 -12.33
C SER D 121 19.07 15.85 -11.69
N ALA D 122 19.31 17.03 -12.25
CA ALA D 122 20.34 17.93 -11.77
C ALA D 122 19.80 19.26 -11.28
N ASP D 123 20.25 19.67 -10.10
CA ASP D 123 19.85 20.94 -9.49
C ASP D 123 20.04 22.11 -10.46
N THR D 124 21.24 22.23 -11.00
CA THR D 124 21.58 23.32 -11.91
C THR D 124 20.93 23.31 -13.28
N VAL D 125 19.62 23.42 -13.29
CA VAL D 125 18.87 23.44 -14.54
C VAL D 125 17.78 24.48 -14.39
N ARG D 126 17.38 25.09 -15.50
CA ARG D 126 16.32 26.09 -15.45
C ARG D 126 15.06 25.45 -14.95
N ASP D 127 14.46 26.07 -13.94
CA ASP D 127 13.26 25.52 -13.36
C ASP D 127 12.95 26.36 -12.15
N PRO D 128 11.67 26.40 -11.76
CA PRO D 128 11.37 27.20 -10.58
C PRO D 128 12.12 26.50 -9.44
N ARG D 129 11.81 26.84 -8.20
CA ARG D 129 12.47 26.19 -7.09
C ARG D 129 11.57 26.09 -5.85
N GLY D 130 11.58 24.93 -5.20
CA GLY D 130 10.78 24.72 -4.01
C GLY D 130 11.45 25.25 -2.75
N PHE D 131 10.67 26.00 -1.97
CA PHE D 131 11.18 26.57 -0.74
C PHE D 131 10.11 26.39 0.35
N ALA D 132 10.08 25.20 0.94
CA ALA D 132 9.11 24.88 1.99
C ALA D 132 9.62 25.18 3.38
N VAL D 133 8.83 25.92 4.13
CA VAL D 133 9.20 26.28 5.49
C VAL D 133 8.21 25.76 6.54
N LYS D 134 8.58 24.69 7.20
CA LYS D 134 7.71 24.08 8.22
C LYS D 134 8.02 24.58 9.63
N PHE D 135 7.08 25.29 10.24
CA PHE D 135 7.24 25.80 11.60
C PHE D 135 6.63 24.84 12.62
N TYR D 136 7.40 24.48 13.64
CA TYR D 136 6.87 23.60 14.66
C TYR D 136 6.43 24.47 15.83
N THR D 137 5.20 25.00 15.76
CA THR D 137 4.71 25.84 16.81
C THR D 137 4.06 25.07 17.95
N GLU D 138 3.55 25.83 18.93
CA GLU D 138 2.92 25.25 20.12
C GLU D 138 1.43 25.11 19.89
N ASP D 139 0.96 25.59 18.73
CA ASP D 139 -0.45 25.49 18.35
C ASP D 139 -0.49 24.66 17.06
N GLY D 140 0.16 23.49 17.10
CA GLY D 140 0.22 22.64 15.94
C GLY D 140 1.37 23.09 15.05
N ASN D 141 1.25 22.88 13.74
CA ASN D 141 2.30 23.27 12.81
C ASN D 141 1.89 24.41 11.89
N TRP D 142 2.74 24.66 10.88
CA TRP D 142 2.46 25.69 9.89
C TRP D 142 3.36 25.37 8.73
N ASP D 143 2.79 24.85 7.66
CA ASP D 143 3.55 24.53 6.48
C ASP D 143 3.39 25.63 5.45
N LEU D 144 4.41 26.50 5.34
CA LEU D 144 4.38 27.57 4.36
C LEU D 144 5.18 27.05 3.16
N VAL D 145 4.44 26.50 2.21
CA VAL D 145 5.01 25.91 1.01
C VAL D 145 5.41 26.97 0.01
N GLY D 146 6.55 27.59 0.26
CA GLY D 146 7.01 28.65 -0.64
C GLY D 146 7.86 28.21 -1.81
N ASN D 147 8.07 29.14 -2.72
CA ASN D 147 8.87 28.93 -3.90
C ASN D 147 9.59 30.24 -4.20
N ASN D 148 10.62 30.20 -5.06
CA ASN D 148 11.33 31.41 -5.43
C ASN D 148 10.58 32.13 -6.55
N THR D 149 9.54 32.83 -6.17
CA THR D 149 8.73 33.61 -7.09
C THR D 149 7.39 33.80 -6.39
N PRO D 150 6.79 35.00 -6.52
CA PRO D 150 5.50 35.28 -5.90
C PRO D 150 4.34 34.97 -6.83
N ILE D 151 4.68 34.57 -8.05
CA ILE D 151 3.69 34.27 -9.07
C ILE D 151 3.94 32.91 -9.70
N PHE D 152 2.88 32.30 -10.24
CA PHE D 152 3.02 31.00 -10.88
C PHE D 152 2.50 31.08 -12.32
N PHE D 153 2.27 29.91 -12.93
CA PHE D 153 1.79 29.84 -14.31
C PHE D 153 0.29 29.83 -14.50
N ILE D 154 -0.45 29.19 -13.61
CA ILE D 154 -1.91 29.08 -13.77
C ILE D 154 -2.72 29.69 -12.62
N ARG D 155 -3.99 30.01 -12.89
CA ARG D 155 -4.84 30.58 -11.86
C ARG D 155 -5.90 29.66 -11.28
N ASP D 156 -6.07 28.47 -11.87
CA ASP D 156 -7.06 27.53 -11.35
C ASP D 156 -6.46 26.12 -11.31
N ALA D 157 -6.63 25.46 -10.16
CA ALA D 157 -6.12 24.12 -9.93
C ALA D 157 -6.39 23.20 -11.10
N LEU D 158 -7.65 23.15 -11.51
CA LEU D 158 -8.06 22.28 -12.59
C LEU D 158 -7.04 22.16 -13.70
N LEU D 159 -6.34 23.24 -13.99
CA LEU D 159 -5.36 23.20 -15.07
C LEU D 159 -3.96 22.89 -14.56
N PHE D 160 -3.86 22.49 -13.30
CA PHE D 160 -2.54 22.19 -12.74
C PHE D 160 -2.05 20.80 -13.12
N PRO D 161 -2.83 19.73 -12.84
CA PRO D 161 -2.33 18.41 -13.20
C PRO D 161 -1.91 18.39 -14.67
N SER D 162 -2.62 19.16 -15.50
CA SER D 162 -2.33 19.25 -16.92
C SER D 162 -1.00 19.94 -17.19
N PHE D 163 -0.71 21.00 -16.44
CA PHE D 163 0.54 21.72 -16.59
C PHE D 163 1.73 20.81 -16.36
N ILE D 164 1.85 20.32 -15.14
CA ILE D 164 2.94 19.42 -14.77
C ILE D 164 3.12 18.33 -15.82
N HIS D 165 2.04 17.88 -16.43
CA HIS D 165 2.18 16.87 -17.44
C HIS D 165 3.04 17.40 -18.57
N SER D 166 2.52 18.41 -19.26
CA SER D 166 3.25 19.00 -20.37
C SER D 166 4.72 19.18 -20.00
N GLN D 167 5.01 19.43 -18.73
CA GLN D 167 6.37 19.63 -18.22
C GLN D 167 7.13 18.37 -17.84
N LYS D 168 6.72 17.25 -18.39
CA LYS D 168 7.37 15.97 -18.10
C LYS D 168 7.40 15.09 -19.34
N ARG D 169 7.87 13.87 -19.20
CA ARG D 169 7.99 12.95 -20.34
C ARG D 169 6.74 12.54 -21.10
N ASN D 170 6.84 12.69 -22.42
CA ASN D 170 5.76 12.32 -23.34
C ASN D 170 5.31 10.92 -22.91
N PRO D 171 3.99 10.69 -22.85
CA PRO D 171 3.48 9.37 -22.47
C PRO D 171 3.98 8.15 -23.21
N GLN D 172 4.45 8.34 -24.44
CA GLN D 172 4.91 7.20 -25.22
C GLN D 172 6.41 7.01 -25.41
N THR D 173 7.13 8.12 -25.50
CA THR D 173 8.57 8.07 -25.70
C THR D 173 9.29 8.16 -24.38
N HIS D 174 8.69 8.91 -23.46
CA HIS D 174 9.28 9.10 -22.14
C HIS D 174 10.29 10.23 -22.10
N LEU D 175 10.35 11.02 -23.16
CA LEU D 175 11.28 12.13 -23.25
C LEU D 175 10.61 13.47 -22.97
N LYS D 176 11.42 14.49 -22.68
CA LYS D 176 10.91 15.84 -22.45
C LYS D 176 10.40 16.33 -23.79
N ASP D 177 9.11 16.70 -23.85
CA ASP D 177 8.48 17.12 -25.09
C ASP D 177 8.33 18.64 -25.24
N PRO D 178 9.01 19.24 -26.23
CA PRO D 178 8.90 20.68 -26.46
C PRO D 178 7.50 21.07 -26.90
N ASP D 179 6.83 20.18 -27.65
CA ASP D 179 5.47 20.41 -28.11
C ASP D 179 4.51 20.31 -26.94
N MET D 180 4.76 19.35 -26.08
CA MET D 180 3.89 19.20 -24.90
C MET D 180 4.01 20.47 -24.06
N VAL D 181 5.22 20.96 -23.91
CA VAL D 181 5.45 22.16 -23.14
C VAL D 181 4.81 23.42 -23.74
N TRP D 182 5.36 23.83 -24.88
CA TRP D 182 4.92 25.03 -25.56
C TRP D 182 3.48 25.08 -26.07
N ASP D 183 2.90 23.92 -26.38
CA ASP D 183 1.53 23.91 -26.84
C ASP D 183 0.66 24.37 -25.68
N PHE D 184 1.04 23.93 -24.47
CA PHE D 184 0.27 24.29 -23.29
C PHE D 184 0.48 25.73 -22.91
N TRP D 185 1.74 26.13 -22.81
CA TRP D 185 2.09 27.49 -22.47
C TRP D 185 1.48 28.50 -23.42
N SER D 186 1.39 28.11 -24.71
CA SER D 186 0.82 28.97 -25.72
C SER D 186 -0.68 29.07 -25.59
N LEU D 187 -1.34 27.97 -25.21
CA LEU D 187 -2.78 27.97 -25.07
C LEU D 187 -3.25 28.64 -23.79
N ARG D 188 -2.31 28.94 -22.90
CA ARG D 188 -2.68 29.57 -21.63
C ARG D 188 -1.77 30.77 -21.36
N PRO D 189 -2.13 31.94 -21.90
CA PRO D 189 -1.36 33.17 -21.72
C PRO D 189 -1.10 33.52 -20.25
N GLU D 190 -2.07 33.28 -19.39
CA GLU D 190 -1.90 33.60 -17.97
C GLU D 190 -0.52 33.16 -17.50
N SER D 191 0.09 32.23 -18.23
CA SER D 191 1.42 31.73 -17.91
C SER D 191 2.52 32.72 -18.34
N LEU D 192 2.15 33.68 -19.17
CA LEU D 192 3.07 34.71 -19.68
C LEU D 192 3.96 35.40 -18.65
N HIS D 193 3.49 35.51 -17.42
CA HIS D 193 4.27 36.17 -16.38
C HIS D 193 5.45 35.31 -15.91
N GLN D 194 5.16 34.30 -15.10
CA GLN D 194 6.17 33.42 -14.57
C GLN D 194 7.04 32.82 -15.65
N VAL D 195 6.48 32.64 -16.84
CA VAL D 195 7.24 32.07 -17.94
C VAL D 195 8.45 32.98 -18.16
N SER D 196 8.19 34.27 -18.13
CA SER D 196 9.24 35.24 -18.33
C SER D 196 10.22 35.12 -17.21
N PHE D 197 9.71 35.31 -15.98
CA PHE D 197 10.53 35.22 -14.80
C PHE D 197 11.34 33.91 -14.82
N LEU D 198 10.75 32.85 -15.39
CA LEU D 198 11.41 31.54 -15.44
C LEU D 198 12.62 31.46 -16.35
N PHE D 199 12.54 32.02 -17.56
CA PHE D 199 13.67 31.96 -18.44
C PHE D 199 14.71 33.04 -18.18
N SER D 200 14.37 33.97 -17.29
CA SER D 200 15.27 35.05 -16.94
C SER D 200 16.45 34.51 -16.13
N ASP D 201 17.38 35.39 -15.74
CA ASP D 201 18.55 34.99 -14.98
C ASP D 201 18.21 34.24 -13.69
N ARG D 202 17.00 34.42 -13.21
CA ARG D 202 16.57 33.78 -11.98
C ARG D 202 16.15 32.34 -12.23
N GLY D 203 16.13 31.94 -13.49
CA GLY D 203 15.75 30.57 -13.83
C GLY D 203 16.65 29.52 -13.23
N ILE D 204 17.88 29.93 -12.93
CA ILE D 204 18.89 29.04 -12.34
C ILE D 204 19.61 29.73 -11.20
N PRO D 205 19.08 29.61 -9.97
CA PRO D 205 19.81 30.28 -8.88
C PRO D 205 21.01 29.48 -8.42
N ASP D 206 22.15 30.16 -8.35
CA ASP D 206 23.39 29.52 -7.92
C ASP D 206 23.22 29.03 -6.47
N GLY D 207 22.98 27.73 -6.32
CA GLY D 207 22.81 27.17 -5.00
C GLY D 207 21.53 27.66 -4.34
N HIS D 208 21.03 26.92 -3.35
CA HIS D 208 19.81 27.33 -2.67
C HIS D 208 20.01 28.63 -1.87
N ARG D 209 21.06 28.67 -1.07
CA ARG D 209 21.31 29.84 -0.24
C ARG D 209 21.18 31.15 -1.00
N HIS D 210 21.45 31.14 -2.29
CA HIS D 210 21.38 32.37 -3.07
C HIS D 210 20.09 32.60 -3.85
N MET D 211 18.95 32.48 -3.18
CA MET D 211 17.67 32.70 -3.81
C MET D 211 16.61 33.09 -2.79
N ASP D 212 15.58 33.79 -3.24
CA ASP D 212 14.51 34.23 -2.37
C ASP D 212 13.42 33.18 -2.27
N GLY D 213 12.52 33.39 -1.32
CA GLY D 213 11.40 32.48 -1.13
C GLY D 213 10.13 33.29 -1.05
N TYR D 214 9.05 32.74 -1.59
CA TYR D 214 7.76 33.44 -1.55
C TYR D 214 6.62 32.47 -1.26
N GLY D 215 5.52 33.01 -0.73
CA GLY D 215 4.36 32.20 -0.45
C GLY D 215 3.37 32.33 -1.60
N SER D 216 3.59 33.31 -2.47
CA SER D 216 2.74 33.59 -3.62
C SER D 216 1.29 33.85 -3.21
N HIS D 217 0.55 32.79 -2.88
CA HIS D 217 -0.85 32.92 -2.50
C HIS D 217 -1.13 34.01 -1.48
N THR D 218 -2.21 34.75 -1.74
CA THR D 218 -2.65 35.79 -0.85
C THR D 218 -3.13 35.02 0.37
N PHE D 219 -2.86 35.50 1.58
CA PHE D 219 -3.32 34.77 2.73
C PHE D 219 -4.22 35.60 3.64
N LYS D 220 -4.40 35.11 4.87
CA LYS D 220 -5.26 35.79 5.84
C LYS D 220 -4.64 35.84 7.21
N LEU D 221 -4.59 37.05 7.77
CA LEU D 221 -4.03 37.22 9.11
C LEU D 221 -5.13 37.71 10.04
N VAL D 222 -5.34 36.95 11.11
CA VAL D 222 -6.35 37.27 12.08
C VAL D 222 -5.66 37.62 13.37
N ASN D 223 -6.00 38.80 13.91
CA ASN D 223 -5.38 39.26 15.17
C ASN D 223 -6.17 38.88 16.41
N ALA D 224 -5.94 39.63 17.47
CA ALA D 224 -6.62 39.40 18.74
C ALA D 224 -8.11 39.76 18.65
N ASP D 225 -8.44 40.97 18.24
CA ASP D 225 -9.81 41.38 18.15
C ASP D 225 -10.59 40.56 17.12
N GLY D 226 -9.86 39.75 16.36
CA GLY D 226 -10.51 38.94 15.34
C GLY D 226 -10.48 39.62 13.99
N GLU D 227 -9.97 40.86 13.97
CA GLU D 227 -9.88 41.60 12.73
C GLU D 227 -8.94 40.82 11.80
N ALA D 228 -9.26 40.86 10.53
CA ALA D 228 -8.49 40.13 9.51
C ALA D 228 -7.99 40.98 8.35
N VAL D 229 -7.03 40.42 7.65
CA VAL D 229 -6.42 41.07 6.47
C VAL D 229 -5.85 40.02 5.52
N TYR D 230 -5.47 40.47 4.33
CA TYR D 230 -4.87 39.57 3.33
C TYR D 230 -3.41 39.93 3.27
N CYS D 231 -2.55 38.92 3.14
CA CYS D 231 -1.14 39.19 3.09
C CYS D 231 -0.41 38.23 2.21
N LYS D 232 0.85 38.60 1.92
CA LYS D 232 1.77 37.82 1.10
C LYS D 232 2.92 37.49 2.01
N PHE D 233 3.66 36.44 1.65
CA PHE D 233 4.80 36.06 2.45
C PHE D 233 6.05 36.07 1.58
N HIS D 234 7.00 36.91 1.94
CA HIS D 234 8.26 37.04 1.23
C HIS D 234 9.40 36.93 2.21
N TYR D 235 10.38 36.09 1.89
CA TYR D 235 11.55 35.99 2.76
C TYR D 235 12.79 36.19 1.88
N LYS D 236 13.39 37.36 2.03
CA LYS D 236 14.58 37.73 1.26
C LYS D 236 15.82 37.05 1.81
N THR D 237 16.66 36.60 0.90
CA THR D 237 17.89 35.88 1.27
C THR D 237 18.98 36.80 1.75
N ASP D 238 19.51 36.47 2.91
CA ASP D 238 20.58 37.27 3.50
C ASP D 238 21.89 36.93 2.83
N GLN D 239 21.85 35.96 1.93
CA GLN D 239 23.03 35.55 1.18
C GLN D 239 23.08 36.23 -0.18
N GLY D 240 22.20 37.19 -0.36
CA GLY D 240 22.17 37.91 -1.64
C GLY D 240 21.83 37.00 -2.81
N ILE D 241 21.30 37.60 -3.87
CA ILE D 241 20.92 36.90 -5.09
C ILE D 241 22.11 36.51 -5.94
N LYS D 242 22.08 35.31 -6.48
CA LYS D 242 23.16 34.84 -7.33
C LYS D 242 22.64 33.78 -8.26
N ASN D 243 22.69 34.06 -9.55
CA ASN D 243 22.20 33.12 -10.55
C ASN D 243 23.37 32.38 -11.22
N LEU D 244 23.03 31.44 -12.08
CA LEU D 244 24.03 30.63 -12.76
C LEU D 244 23.84 30.65 -14.27
N SER D 245 24.82 31.19 -15.00
CA SER D 245 24.77 31.28 -16.46
C SER D 245 24.50 29.92 -17.09
N VAL D 246 23.82 29.90 -18.21
CA VAL D 246 23.49 28.64 -18.88
C VAL D 246 24.66 27.69 -18.97
N GLU D 247 25.83 28.22 -19.33
CA GLU D 247 27.04 27.40 -19.46
C GLU D 247 27.57 26.96 -18.10
N ASP D 248 27.49 27.86 -17.13
CA ASP D 248 28.00 27.54 -15.80
C ASP D 248 27.08 26.57 -15.09
N ALA D 249 25.81 26.51 -15.53
CA ALA D 249 24.86 25.61 -14.91
C ALA D 249 24.86 24.33 -15.75
N ALA D 250 24.71 24.49 -17.07
CA ALA D 250 24.71 23.37 -17.99
C ALA D 250 25.98 22.54 -17.82
N ARG D 251 27.01 23.12 -17.21
CA ARG D 251 28.27 22.43 -16.95
C ARG D 251 28.14 21.63 -15.68
N LEU D 252 27.60 22.29 -14.66
CA LEU D 252 27.40 21.69 -13.34
C LEU D 252 26.34 20.59 -13.41
N ALA D 253 25.60 20.53 -14.51
CA ALA D 253 24.59 19.52 -14.68
C ALA D 253 25.28 18.17 -14.65
N HIS D 254 26.51 18.11 -15.18
CA HIS D 254 27.22 16.84 -15.16
C HIS D 254 28.32 16.80 -14.09
N GLU D 255 29.25 17.72 -14.13
CA GLU D 255 30.30 17.73 -13.14
C GLU D 255 29.74 17.42 -11.76
N ASP D 256 28.61 18.05 -11.42
CA ASP D 256 27.96 17.81 -10.13
C ASP D 256 26.45 18.06 -10.16
N PRO D 257 25.68 17.04 -10.56
CA PRO D 257 24.22 17.14 -10.63
C PRO D 257 23.56 17.48 -9.31
N ASP D 258 24.21 17.19 -8.19
CA ASP D 258 23.61 17.47 -6.89
C ASP D 258 24.24 18.70 -6.21
N TYR D 259 24.82 19.55 -7.04
CA TYR D 259 25.50 20.76 -6.60
C TYR D 259 24.80 21.54 -5.50
N GLY D 260 23.50 21.74 -5.64
CA GLY D 260 22.72 22.50 -4.67
C GLY D 260 22.69 21.84 -3.32
N LEU D 261 22.45 20.54 -3.34
CA LEU D 261 22.40 19.73 -2.13
C LEU D 261 23.71 19.84 -1.36
N ARG D 262 24.80 19.76 -2.08
CA ARG D 262 26.12 19.83 -1.48
C ARG D 262 26.43 21.23 -0.98
N ASP D 263 26.09 22.25 -1.78
CA ASP D 263 26.36 23.62 -1.36
C ASP D 263 25.82 23.84 0.02
N LEU D 264 24.52 23.57 0.19
CA LEU D 264 23.86 23.76 1.47
C LEU D 264 24.51 22.98 2.61
N PHE D 265 24.50 21.64 2.53
CA PHE D 265 25.10 20.85 3.58
C PHE D 265 26.42 21.45 3.98
N ASN D 266 27.29 21.64 3.00
CA ASN D 266 28.60 22.20 3.25
C ASN D 266 28.61 23.57 3.94
N ALA D 267 27.86 24.52 3.40
CA ALA D 267 27.80 25.86 3.99
C ALA D 267 27.49 25.72 5.48
N ILE D 268 26.52 24.89 5.80
CA ILE D 268 26.14 24.69 7.19
C ILE D 268 27.23 23.98 7.99
N ALA D 269 27.61 22.80 7.56
CA ALA D 269 28.64 22.03 8.26
C ALA D 269 29.87 22.87 8.61
N THR D 270 30.01 24.01 7.94
CA THR D 270 31.16 24.88 8.18
C THR D 270 30.71 26.12 9.00
N GLY D 271 29.63 25.97 9.72
CA GLY D 271 29.10 27.05 10.55
C GLY D 271 28.46 28.18 9.78
N ASN D 272 28.86 28.31 8.51
CA ASN D 272 28.33 29.37 7.67
C ASN D 272 26.86 29.07 7.32
N TYR D 273 25.96 29.51 8.20
CA TYR D 273 24.54 29.31 8.06
C TYR D 273 23.82 30.27 7.13
N PRO D 274 22.96 29.72 6.24
CA PRO D 274 22.23 30.60 5.33
C PRO D 274 21.10 31.25 6.12
N SER D 275 20.75 32.47 5.77
CA SER D 275 19.69 33.17 6.47
C SER D 275 18.73 33.96 5.59
N TRP D 276 17.52 34.14 6.10
CA TRP D 276 16.50 34.86 5.36
C TRP D 276 15.69 35.76 6.28
N THR D 277 15.37 36.96 5.78
CA THR D 277 14.58 37.85 6.60
C THR D 277 13.17 37.62 6.11
N LEU D 278 12.21 37.68 7.04
CA LEU D 278 10.83 37.46 6.66
C LEU D 278 10.09 38.78 6.58
N TYR D 279 9.21 38.88 5.57
CA TYR D 279 8.40 40.07 5.38
C TYR D 279 7.05 39.59 4.92
N ILE D 280 6.11 40.52 4.79
CA ILE D 280 4.76 40.23 4.37
C ILE D 280 4.14 41.52 3.82
N GLN D 281 3.08 41.40 3.05
CA GLN D 281 2.42 42.57 2.53
C GLN D 281 0.99 42.51 3.05
N VAL D 282 0.52 43.61 3.63
CA VAL D 282 -0.82 43.66 4.19
C VAL D 282 -1.79 44.40 3.27
N MET D 283 -3.00 43.84 3.11
CA MET D 283 -4.01 44.45 2.28
C MET D 283 -5.41 44.33 2.89
N THR D 284 -6.14 45.44 2.91
CA THR D 284 -7.47 45.50 3.50
C THR D 284 -8.56 45.03 2.53
N PHE D 285 -9.50 44.25 3.06
CA PHE D 285 -10.62 43.73 2.26
C PHE D 285 -11.14 44.89 1.42
N SER D 286 -11.07 46.09 1.99
CA SER D 286 -11.52 47.28 1.31
C SER D 286 -10.59 47.48 0.12
N GLU D 287 -9.30 47.59 0.39
CA GLU D 287 -8.33 47.79 -0.68
C GLU D 287 -8.43 46.64 -1.65
N ALA D 288 -8.34 45.42 -1.13
CA ALA D 288 -8.45 44.21 -1.95
C ALA D 288 -9.68 44.39 -2.82
N GLU D 289 -10.61 45.21 -2.35
CA GLU D 289 -11.82 45.50 -3.10
C GLU D 289 -11.41 46.38 -4.27
N ILE D 290 -10.77 47.48 -3.94
CA ILE D 290 -10.32 48.46 -4.93
C ILE D 290 -9.23 47.97 -5.88
N PHE D 291 -8.27 47.20 -5.36
CA PHE D 291 -7.19 46.67 -6.19
C PHE D 291 -7.66 46.56 -7.63
N PRO D 292 -6.78 46.93 -8.60
CA PRO D 292 -7.08 46.90 -10.04
C PRO D 292 -7.23 45.50 -10.65
N PHE D 293 -6.77 44.49 -9.94
CA PHE D 293 -6.84 43.12 -10.40
C PHE D 293 -7.49 42.22 -9.36
N ASN D 294 -7.48 40.90 -9.61
CA ASN D 294 -8.01 39.95 -8.67
C ASN D 294 -6.88 39.74 -7.66
N PRO D 295 -7.06 40.17 -6.41
CA PRO D 295 -6.05 40.02 -5.37
C PRO D 295 -5.61 38.59 -5.09
N PHE D 296 -6.39 37.63 -5.59
CA PHE D 296 -6.09 36.24 -5.37
C PHE D 296 -5.74 35.52 -6.69
N ASP D 297 -5.17 36.29 -7.62
CA ASP D 297 -4.73 35.77 -8.91
C ASP D 297 -3.24 35.43 -8.78
N LEU D 298 -2.94 34.15 -8.59
CA LEU D 298 -1.56 33.71 -8.42
C LEU D 298 -0.57 34.29 -9.43
N THR D 299 -1.04 34.64 -10.62
CA THR D 299 -0.17 35.20 -11.66
C THR D 299 0.23 36.65 -11.44
N LYS D 300 -0.42 37.33 -10.50
CA LYS D 300 -0.07 38.73 -10.25
C LYS D 300 0.65 38.98 -8.94
N VAL D 301 1.12 40.21 -8.74
CA VAL D 301 1.84 40.57 -7.53
C VAL D 301 1.32 41.88 -6.92
N TRP D 302 1.56 42.04 -5.62
CA TRP D 302 1.15 43.26 -4.91
C TRP D 302 2.37 44.19 -4.97
N PRO D 303 2.36 45.20 -5.86
CA PRO D 303 3.50 46.11 -5.95
C PRO D 303 4.03 46.59 -4.59
N HIS D 304 5.36 46.70 -4.51
CA HIS D 304 6.04 47.14 -3.31
C HIS D 304 5.54 48.51 -2.86
N GLY D 305 5.55 49.45 -3.81
CA GLY D 305 5.11 50.78 -3.52
C GLY D 305 3.76 50.84 -2.82
N ASP D 306 2.74 50.32 -3.50
CA ASP D 306 1.40 50.30 -2.94
C ASP D 306 1.34 49.39 -1.72
N TYR D 307 2.24 48.43 -1.66
CA TYR D 307 2.26 47.51 -0.53
C TYR D 307 3.67 47.17 -0.12
N PRO D 308 4.21 47.97 0.79
CA PRO D 308 5.57 47.78 1.29
C PRO D 308 5.61 46.48 2.10
N LEU D 309 6.81 45.96 2.32
CA LEU D 309 6.96 44.75 3.09
C LEU D 309 7.31 45.10 4.53
N ILE D 310 6.51 44.63 5.47
CA ILE D 310 6.75 44.89 6.89
C ILE D 310 7.72 43.80 7.36
N PRO D 311 8.72 44.17 8.16
CA PRO D 311 9.69 43.17 8.66
C PRO D 311 9.09 42.31 9.74
N VAL D 312 9.26 40.99 9.60
CA VAL D 312 8.71 40.09 10.58
C VAL D 312 9.77 39.51 11.51
N GLY D 313 10.52 38.52 11.01
CA GLY D 313 11.55 37.92 11.83
C GLY D 313 12.63 37.30 10.98
N LYS D 314 13.45 36.43 11.58
CA LYS D 314 14.53 35.81 10.85
C LYS D 314 14.39 34.29 10.62
N LEU D 315 15.02 33.82 9.56
CA LEU D 315 15.01 32.41 9.18
C LEU D 315 16.42 31.83 9.06
N VAL D 316 16.88 31.20 10.14
CA VAL D 316 18.21 30.63 10.18
C VAL D 316 18.20 29.12 9.88
N LEU D 317 19.16 28.68 9.05
CA LEU D 317 19.30 27.28 8.70
C LEU D 317 20.61 26.83 9.32
N ASN D 318 20.58 26.44 10.59
CA ASN D 318 21.81 26.05 11.25
C ASN D 318 21.87 24.59 11.63
N ARG D 319 21.34 23.72 10.78
CA ARG D 319 21.40 22.30 11.10
C ARG D 319 21.29 21.46 9.85
N ASN D 320 22.01 20.35 9.84
CA ASN D 320 21.98 19.44 8.72
C ASN D 320 21.27 18.16 9.10
N PRO D 321 20.63 17.51 8.14
CA PRO D 321 19.91 16.25 8.41
C PRO D 321 20.89 15.14 8.81
N VAL D 322 20.43 14.19 9.63
CA VAL D 322 21.26 13.07 10.05
C VAL D 322 21.11 11.95 9.03
N ASN D 323 19.86 11.53 8.83
CA ASN D 323 19.52 10.51 7.85
C ASN D 323 18.58 11.18 6.88
N TYR D 324 18.94 11.20 5.61
CA TYR D 324 18.16 11.87 4.59
C TYR D 324 16.83 11.25 4.26
N PHE D 325 16.80 9.93 4.08
CA PHE D 325 15.54 9.28 3.75
C PHE D 325 14.47 9.51 4.81
N ALA D 326 14.87 9.42 6.09
CA ALA D 326 13.93 9.56 7.17
C ALA D 326 13.60 11.01 7.53
N GLU D 327 14.51 11.92 7.23
CA GLU D 327 14.28 13.30 7.60
C GLU D 327 13.86 14.27 6.49
N VAL D 328 14.37 14.06 5.28
CA VAL D 328 14.03 14.95 4.17
C VAL D 328 13.07 14.27 3.20
N GLU D 329 13.50 13.18 2.61
CA GLU D 329 12.67 12.48 1.66
C GLU D 329 11.22 12.40 2.13
N GLN D 330 11.03 12.18 3.42
CA GLN D 330 9.70 12.06 4.01
C GLN D 330 9.10 13.38 4.47
N LEU D 331 9.88 14.43 4.52
CA LEU D 331 9.32 15.70 4.95
C LEU D 331 8.06 15.93 4.13
N ALA D 332 6.94 16.18 4.80
CA ALA D 332 5.67 16.41 4.14
C ALA D 332 5.11 17.78 4.52
N PHE D 333 4.84 18.63 3.52
CA PHE D 333 4.29 19.95 3.81
C PHE D 333 2.88 20.10 3.24
N ASP D 334 1.90 20.39 4.11
CA ASP D 334 0.50 20.54 3.70
C ASP D 334 0.08 21.99 3.98
N PRO D 335 -0.19 22.75 2.91
CA PRO D 335 -0.61 24.15 3.06
C PRO D 335 -1.77 24.31 4.04
N SER D 336 -2.42 23.21 4.37
CA SER D 336 -3.54 23.25 5.31
C SER D 336 -3.13 23.54 6.74
N ASN D 337 -1.94 23.07 7.13
CA ASN D 337 -1.47 23.34 8.49
C ASN D 337 -1.31 24.83 8.75
N MET D 338 -2.36 25.46 9.27
CA MET D 338 -2.32 26.88 9.57
C MET D 338 -2.77 27.04 11.03
N PRO D 339 -1.92 27.65 11.87
CA PRO D 339 -2.34 27.81 13.27
C PRO D 339 -3.44 28.88 13.39
N PRO D 340 -4.22 28.82 14.46
CA PRO D 340 -5.28 29.81 14.63
C PRO D 340 -4.61 31.19 14.57
N GLY D 341 -4.74 31.87 13.44
CA GLY D 341 -4.12 33.17 13.31
C GLY D 341 -3.63 33.38 11.89
N ILE D 342 -3.66 32.29 11.10
CA ILE D 342 -3.25 32.34 9.73
C ILE D 342 -4.21 31.47 8.99
N GLU D 343 -5.00 32.09 8.11
CA GLU D 343 -5.98 31.38 7.34
C GLU D 343 -5.68 31.58 5.86
N PRO D 344 -6.21 30.70 5.01
CA PRO D 344 -5.95 30.85 3.57
C PRO D 344 -6.73 32.03 3.02
N SER D 345 -6.66 32.18 1.69
CA SER D 345 -7.37 33.25 0.99
C SER D 345 -8.12 32.55 -0.13
N PRO D 346 -9.14 33.23 -0.72
CA PRO D 346 -9.93 32.63 -1.82
C PRO D 346 -9.11 32.37 -3.08
N ASP D 347 -7.78 32.34 -2.96
CA ASP D 347 -6.94 32.08 -4.11
C ASP D 347 -7.38 30.77 -4.77
N LYS D 348 -8.09 30.86 -5.89
CA LYS D 348 -8.56 29.64 -6.57
C LYS D 348 -7.45 28.61 -6.66
N MET D 349 -6.23 29.10 -6.82
CA MET D 349 -5.06 28.24 -6.92
C MET D 349 -4.74 27.58 -5.58
N LEU D 350 -4.69 28.40 -4.52
CA LEU D 350 -4.41 27.88 -3.20
C LEU D 350 -5.47 26.86 -2.77
N GLN D 351 -6.73 27.27 -2.90
CA GLN D 351 -7.85 26.41 -2.55
C GLN D 351 -7.56 24.96 -2.91
N GLY D 352 -7.08 24.71 -4.11
CA GLY D 352 -6.77 23.35 -4.52
C GLY D 352 -5.75 22.67 -3.63
N ARG D 353 -4.64 23.34 -3.40
CA ARG D 353 -3.56 22.78 -2.57
C ARG D 353 -4.06 22.32 -1.21
N LEU D 354 -4.99 23.09 -0.65
CA LEU D 354 -5.56 22.74 0.65
C LEU D 354 -5.86 21.24 0.66
N PHE D 355 -6.44 20.74 -0.42
CA PHE D 355 -6.78 19.33 -0.56
C PHE D 355 -5.63 18.40 -0.88
N ALA D 356 -4.92 18.69 -1.96
CA ALA D 356 -3.84 17.87 -2.47
C ALA D 356 -2.73 17.38 -1.58
N TYR D 357 -2.04 18.26 -0.88
CA TYR D 357 -0.94 17.82 -0.04
C TYR D 357 -1.26 16.66 0.91
N PRO D 358 -2.27 16.80 1.77
CA PRO D 358 -2.53 15.68 2.66
C PRO D 358 -2.98 14.42 1.84
N ASP D 359 -3.75 14.66 0.77
CA ASP D 359 -4.24 13.59 -0.09
C ASP D 359 -3.09 12.74 -0.58
N THR D 360 -2.05 13.38 -1.06
CA THR D 360 -0.90 12.67 -1.57
C THR D 360 0.00 12.12 -0.45
N HIS D 361 0.16 12.92 0.59
CA HIS D 361 0.97 12.50 1.73
C HIS D 361 0.38 11.23 2.33
N ARG D 362 -0.93 11.11 2.20
CA ARG D 362 -1.59 9.94 2.71
C ARG D 362 -1.27 8.75 1.83
N HIS D 363 -0.84 8.99 0.60
CA HIS D 363 -0.49 7.92 -0.33
C HIS D 363 1.01 7.69 -0.55
N ARG D 364 1.82 8.73 -0.44
CA ARG D 364 3.25 8.57 -0.62
C ARG D 364 3.91 8.05 0.65
N LEU D 365 3.48 8.59 1.79
CA LEU D 365 4.03 8.20 3.09
C LEU D 365 3.16 7.20 3.85
N GLY D 366 1.85 7.31 3.69
CA GLY D 366 0.93 6.41 4.38
C GLY D 366 -0.18 7.15 5.12
N PRO D 367 -1.29 6.46 5.43
CA PRO D 367 -2.38 7.13 6.15
C PRO D 367 -1.95 7.82 7.43
N ASN D 368 -0.93 7.28 8.11
CA ASN D 368 -0.48 7.85 9.36
C ASN D 368 0.79 8.67 9.26
N TYR D 369 1.13 9.19 8.08
CA TYR D 369 2.34 9.96 7.90
C TYR D 369 2.63 11.05 8.93
N LEU D 370 1.58 11.62 9.51
CA LEU D 370 1.76 12.67 10.52
C LEU D 370 2.41 12.13 11.78
N GLN D 371 2.66 10.82 11.79
CA GLN D 371 3.28 10.20 12.93
C GLN D 371 4.79 10.09 12.71
N ILE D 372 5.26 10.35 11.48
CA ILE D 372 6.71 10.29 11.22
C ILE D 372 7.36 11.36 12.08
N PRO D 373 8.41 10.99 12.82
CA PRO D 373 9.10 11.98 13.68
C PRO D 373 9.25 13.38 13.06
N VAL D 374 9.75 13.44 11.84
CA VAL D 374 9.94 14.74 11.19
C VAL D 374 8.63 15.55 11.00
N ASN D 375 7.58 14.84 10.62
CA ASN D 375 6.28 15.48 10.39
C ASN D 375 5.44 15.77 11.64
N CYS D 376 5.63 14.93 12.68
CA CYS D 376 4.92 15.07 13.94
C CYS D 376 5.04 16.50 14.51
N PRO D 377 3.94 17.06 15.02
CA PRO D 377 4.03 18.42 15.57
C PRO D 377 4.51 18.26 17.00
N TYR D 378 5.79 17.98 17.16
CA TYR D 378 6.35 17.77 18.48
C TYR D 378 6.35 18.97 19.42
N ARG D 379 5.58 20.03 19.12
CA ARG D 379 5.55 21.16 20.00
C ARG D 379 4.11 21.48 20.45
N ALA D 380 3.22 20.50 20.29
CA ALA D 380 1.82 20.64 20.68
C ALA D 380 1.31 19.27 21.10
N ARG D 381 0.15 19.22 21.78
CA ARG D 381 -0.41 17.94 22.20
C ARG D 381 -1.55 17.52 21.30
N VAL D 382 -1.27 16.56 20.42
CA VAL D 382 -2.28 16.09 19.47
C VAL D 382 -3.27 15.13 20.12
N ALA D 383 -4.49 15.62 20.32
CA ALA D 383 -5.56 14.84 20.93
C ALA D 383 -6.83 15.06 20.12
N ASN D 384 -7.37 13.98 19.56
CA ASN D 384 -8.57 14.05 18.76
C ASN D 384 -9.24 12.69 18.67
N TYR D 385 -10.27 12.59 17.84
CA TYR D 385 -11.03 11.35 17.71
C TYR D 385 -10.76 10.55 16.43
N GLN D 386 -9.49 10.46 16.03
CA GLN D 386 -9.13 9.70 14.85
C GLN D 386 -8.24 8.58 15.31
N ARG D 387 -8.53 7.35 14.89
CA ARG D 387 -7.74 6.21 15.33
C ARG D 387 -7.32 5.30 14.20
N ASP D 388 -6.63 4.22 14.56
CA ASP D 388 -6.18 3.21 13.65
C ASP D 388 -5.35 3.72 12.47
N GLY D 389 -5.57 3.13 11.30
CA GLY D 389 -4.82 3.50 10.12
C GLY D 389 -3.56 2.65 10.08
N PRO D 390 -3.13 2.14 8.91
CA PRO D 390 -1.92 1.32 8.84
C PRO D 390 -0.64 1.95 9.39
N MET D 391 0.07 1.19 10.23
CA MET D 391 1.32 1.65 10.85
C MET D 391 1.11 2.72 11.93
N CYS D 392 0.31 2.38 12.93
CA CYS D 392 0.01 3.28 14.03
C CYS D 392 1.11 3.33 15.11
N MET D 393 1.85 4.42 15.12
CA MET D 393 2.92 4.62 16.09
C MET D 393 2.33 5.16 17.38
N MET D 394 3.17 5.25 18.41
CA MET D 394 2.71 5.74 19.71
C MET D 394 1.56 4.86 20.21
N ASP D 395 0.85 5.35 21.22
CA ASP D 395 -0.24 4.57 21.81
C ASP D 395 -1.57 4.59 21.07
N ASN D 396 -1.79 5.55 20.18
CA ASN D 396 -3.05 5.65 19.46
C ASN D 396 -4.10 6.10 20.50
N GLN D 397 -3.74 7.09 21.31
CA GLN D 397 -4.63 7.62 22.33
C GLN D 397 -5.14 6.50 23.23
N GLY D 398 -4.23 5.57 23.54
CA GLY D 398 -4.57 4.45 24.39
C GLY D 398 -6.06 4.19 24.48
N GLY D 399 -6.55 4.09 25.72
CA GLY D 399 -7.96 3.82 25.92
C GLY D 399 -8.88 5.03 25.82
N ALA D 400 -8.33 6.21 25.62
CA ALA D 400 -9.17 7.38 25.51
C ALA D 400 -10.29 7.11 24.50
N PRO D 401 -11.47 7.68 24.76
CA PRO D 401 -12.66 7.52 23.93
C PRO D 401 -12.37 7.82 22.46
N ASN D 402 -13.43 7.86 21.65
CA ASN D 402 -13.31 8.10 20.22
C ASN D 402 -14.51 8.77 19.62
N TYR D 403 -15.51 9.14 20.45
CA TYR D 403 -16.69 9.80 19.90
C TYR D 403 -16.87 11.20 20.45
N TYR D 404 -17.33 12.09 19.59
CA TYR D 404 -17.54 13.50 19.96
C TYR D 404 -18.91 14.01 19.53
N PRO D 405 -19.64 14.63 20.47
CA PRO D 405 -19.22 14.83 21.86
C PRO D 405 -19.28 13.60 22.70
N ASN D 406 -18.80 13.73 23.93
CA ASN D 406 -18.81 12.61 24.89
C ASN D 406 -18.81 13.20 26.29
N SER D 407 -19.23 12.40 27.27
CA SER D 407 -19.26 12.90 28.65
C SER D 407 -18.19 12.21 29.47
N PHE D 408 -17.03 12.00 28.87
CA PHE D 408 -15.95 11.33 29.58
C PHE D 408 -14.62 12.06 29.62
N SER D 409 -14.67 13.40 29.70
CA SER D 409 -13.49 14.22 29.79
C SER D 409 -12.45 14.01 28.70
N ALA D 410 -12.92 13.90 27.45
CA ALA D 410 -12.04 13.72 26.28
C ALA D 410 -11.86 15.09 25.59
N PRO D 411 -10.83 15.26 24.76
CA PRO D 411 -10.50 16.48 24.04
C PRO D 411 -11.67 17.46 23.84
N GLU D 412 -11.41 18.77 24.04
CA GLU D 412 -12.45 19.79 23.92
C GLU D 412 -12.25 20.79 22.79
N HIS D 413 -13.22 21.68 22.61
CA HIS D 413 -13.19 22.71 21.56
C HIS D 413 -12.30 23.89 21.91
N GLN D 414 -12.28 24.87 21.03
CA GLN D 414 -11.47 26.08 21.21
C GLN D 414 -12.12 27.29 20.54
N PRO D 415 -13.23 27.81 21.13
CA PRO D 415 -13.91 28.96 20.54
C PRO D 415 -12.95 30.02 20.00
N SER D 416 -11.72 30.01 20.53
CA SER D 416 -10.68 30.95 20.08
C SER D 416 -10.12 30.57 18.73
N ALA D 417 -10.08 29.28 18.46
CA ALA D 417 -9.56 28.78 17.19
C ALA D 417 -10.64 28.60 16.13
N LEU D 418 -11.59 29.53 16.07
CA LEU D 418 -12.66 29.44 15.09
C LEU D 418 -12.27 30.26 13.89
N GLU D 419 -12.55 29.75 12.70
CA GLU D 419 -12.25 30.44 11.44
C GLU D 419 -12.82 31.84 11.44
N HIS D 420 -12.25 32.74 10.65
CA HIS D 420 -12.79 34.09 10.57
C HIS D 420 -14.00 33.95 9.66
N ARG D 421 -14.97 34.84 9.78
CA ARG D 421 -16.17 34.74 8.96
C ARG D 421 -16.28 35.80 7.87
N THR D 422 -15.97 35.38 6.67
CA THR D 422 -16.05 36.25 5.49
C THR D 422 -17.39 35.94 4.80
N HIS D 423 -17.93 36.95 4.12
CA HIS D 423 -19.21 36.77 3.47
C HIS D 423 -19.10 37.03 1.96
N PHE D 424 -19.36 35.97 1.18
CA PHE D 424 -19.31 36.06 -0.27
C PHE D 424 -20.74 36.11 -0.79
N SER D 425 -20.86 36.21 -2.12
CA SER D 425 -22.17 36.25 -2.72
C SER D 425 -22.03 35.94 -4.21
N GLY D 426 -23.16 35.61 -4.84
CA GLY D 426 -23.13 35.30 -6.25
C GLY D 426 -23.49 33.85 -6.51
N ASP D 427 -24.02 33.62 -7.70
CA ASP D 427 -24.40 32.27 -8.12
C ASP D 427 -23.19 31.34 -7.98
N VAL D 428 -23.43 30.14 -7.48
CA VAL D 428 -22.35 29.18 -7.36
C VAL D 428 -22.21 28.51 -8.70
N GLN D 429 -21.07 28.70 -9.34
CA GLN D 429 -20.85 28.07 -10.63
C GLN D 429 -19.38 27.94 -10.94
N ARG D 430 -19.09 27.92 -12.23
CA ARG D 430 -17.72 27.82 -12.72
C ARG D 430 -17.43 29.08 -13.52
N PHE D 431 -16.79 30.05 -12.85
CA PHE D 431 -16.45 31.32 -13.48
C PHE D 431 -15.14 31.27 -14.23
N ASN D 432 -15.20 31.44 -15.55
CA ASN D 432 -14.02 31.44 -16.41
C ASN D 432 -13.04 32.53 -16.02
N SER D 433 -11.86 32.13 -15.57
CA SER D 433 -10.81 33.07 -15.15
C SER D 433 -9.76 33.23 -16.25
N ALA D 434 -9.97 32.56 -17.36
CA ALA D 434 -9.03 32.60 -18.48
C ALA D 434 -8.53 33.97 -18.94
N ASN D 435 -9.39 35.00 -18.93
CA ASN D 435 -8.94 36.30 -19.43
C ASN D 435 -8.90 37.43 -18.43
N ASP D 436 -8.14 37.25 -17.36
CA ASP D 436 -8.02 38.28 -16.34
C ASP D 436 -6.69 39.03 -16.43
N ASP D 437 -6.45 39.60 -17.60
CA ASP D 437 -5.25 40.38 -17.84
C ASP D 437 -3.99 39.56 -17.68
N ASN D 438 -3.51 39.03 -18.80
CA ASN D 438 -2.31 38.20 -18.81
C ASN D 438 -1.16 38.94 -19.47
N VAL D 439 -1.15 40.26 -19.35
CA VAL D 439 -0.10 41.05 -19.98
C VAL D 439 0.48 42.13 -19.10
N THR D 440 -0.39 43.04 -18.66
CA THR D 440 0.02 44.14 -17.82
C THR D 440 1.36 43.91 -17.09
N GLN D 441 1.31 43.20 -15.97
CA GLN D 441 2.50 42.93 -15.19
C GLN D 441 3.64 42.30 -15.99
N VAL D 442 3.32 41.55 -17.04
CA VAL D 442 4.37 40.94 -17.84
C VAL D 442 5.08 42.04 -18.59
N ARG D 443 4.31 43.02 -19.04
CA ARG D 443 4.81 44.17 -19.78
C ARG D 443 5.65 45.09 -18.88
N THR D 444 5.31 45.08 -17.59
CA THR D 444 6.02 45.90 -16.61
C THR D 444 7.29 45.19 -16.20
N PHE D 445 7.30 43.88 -16.40
CA PHE D 445 8.48 43.09 -16.04
C PHE D 445 9.50 43.24 -17.14
N TYR D 446 9.08 42.94 -18.38
CA TYR D 446 9.92 43.01 -19.56
C TYR D 446 10.53 44.37 -19.90
N LEU D 447 10.10 45.43 -19.21
CA LEU D 447 10.61 46.76 -19.53
C LEU D 447 11.20 47.54 -18.38
N LYS D 448 10.48 47.58 -17.27
CA LYS D 448 10.94 48.33 -16.13
C LYS D 448 11.83 47.55 -15.17
N VAL D 449 11.69 46.24 -15.15
CA VAL D 449 12.48 45.38 -14.27
C VAL D 449 13.78 44.93 -14.93
N LEU D 450 13.70 44.59 -16.22
CA LEU D 450 14.87 44.17 -16.97
C LEU D 450 15.44 45.31 -17.78
N ASN D 451 16.74 45.26 -18.06
CA ASN D 451 17.39 46.26 -18.89
C ASN D 451 17.78 45.52 -20.16
N GLU D 452 18.16 46.23 -21.20
CA GLU D 452 18.49 45.62 -22.48
C GLU D 452 19.28 44.31 -22.49
N GLU D 453 20.36 44.21 -21.72
CA GLU D 453 21.14 42.97 -21.73
C GLU D 453 20.36 41.85 -21.06
N GLN D 454 19.53 42.21 -20.10
CA GLN D 454 18.74 41.20 -19.41
C GLN D 454 17.62 40.69 -20.32
N ARG D 455 17.12 41.58 -21.19
CA ARG D 455 16.07 41.23 -22.12
C ARG D 455 16.67 40.32 -23.18
N LYS D 456 17.80 40.75 -23.73
CA LYS D 456 18.48 39.98 -24.75
C LYS D 456 18.48 38.51 -24.32
N ARG D 457 18.99 38.26 -23.13
CA ARG D 457 19.07 36.90 -22.61
C ARG D 457 17.73 36.22 -22.64
N LEU D 458 16.80 36.72 -21.86
CA LEU D 458 15.46 36.15 -21.81
C LEU D 458 15.09 35.47 -23.14
N CYS D 459 14.95 36.27 -24.22
CA CYS D 459 14.58 35.73 -25.52
C CYS D 459 15.48 34.59 -26.01
N GLU D 460 16.79 34.79 -25.99
CA GLU D 460 17.69 33.72 -26.44
C GLU D 460 17.41 32.48 -25.63
N ASN D 461 17.21 32.66 -24.34
CA ASN D 461 16.89 31.53 -23.46
C ASN D 461 15.59 30.87 -23.92
N ILE D 462 14.58 31.70 -24.19
CA ILE D 462 13.30 31.20 -24.65
C ILE D 462 13.42 30.64 -26.05
N ALA D 463 13.93 31.47 -26.96
CA ALA D 463 14.09 31.09 -28.35
C ALA D 463 14.80 29.75 -28.54
N GLY D 464 15.74 29.45 -27.67
CA GLY D 464 16.51 28.22 -27.79
C GLY D 464 15.76 26.97 -27.38
N HIS D 465 14.67 27.16 -26.64
CA HIS D 465 13.88 26.04 -26.19
C HIS D 465 12.64 25.95 -27.07
N LEU D 466 11.95 27.07 -27.22
CA LEU D 466 10.74 27.12 -28.04
C LEU D 466 10.97 26.61 -29.45
N LYS D 467 12.20 26.77 -29.94
CA LYS D 467 12.56 26.37 -31.28
C LYS D 467 12.29 24.89 -31.61
N ASP D 468 12.28 24.03 -30.60
CA ASP D 468 12.05 22.62 -30.84
C ASP D 468 10.59 22.22 -30.95
N ALA D 469 9.72 23.21 -30.87
CA ALA D 469 8.29 22.99 -30.99
C ALA D 469 7.92 23.16 -32.47
N GLN D 470 6.70 22.76 -32.84
CA GLN D 470 6.26 22.87 -34.21
C GLN D 470 5.97 24.28 -34.66
N LEU D 471 6.38 24.63 -35.87
CA LEU D 471 6.15 25.94 -36.42
C LEU D 471 4.86 26.61 -35.94
N PHE D 472 3.78 25.84 -35.85
CA PHE D 472 2.52 26.40 -35.45
C PHE D 472 2.51 26.85 -33.99
N ILE D 473 3.08 26.05 -33.11
CA ILE D 473 3.12 26.43 -31.69
C ILE D 473 3.98 27.68 -31.58
N GLN D 474 5.07 27.69 -32.32
CA GLN D 474 6.01 28.82 -32.32
C GLN D 474 5.26 30.10 -32.63
N LYS D 475 4.31 30.02 -33.56
CA LYS D 475 3.52 31.21 -33.93
C LYS D 475 2.67 31.60 -32.72
N LYS D 476 1.85 30.65 -32.27
CA LYS D 476 0.99 30.87 -31.12
C LYS D 476 1.80 31.46 -29.98
N ALA D 477 3.00 30.90 -29.77
CA ALA D 477 3.88 31.33 -28.69
C ALA D 477 4.34 32.80 -28.86
N VAL D 478 4.90 33.12 -30.01
CA VAL D 478 5.37 34.46 -30.29
C VAL D 478 4.20 35.44 -30.17
N LYS D 479 3.07 35.03 -30.71
CA LYS D 479 1.86 35.84 -30.70
C LYS D 479 1.60 36.39 -29.28
N ASN D 480 1.55 35.49 -28.31
CA ASN D 480 1.30 35.88 -26.92
C ASN D 480 2.33 36.84 -26.38
N PHE D 481 3.58 36.68 -26.83
CA PHE D 481 4.65 37.54 -26.37
C PHE D 481 4.48 38.97 -26.85
N SER D 482 4.01 39.12 -28.09
CA SER D 482 3.79 40.44 -28.66
C SER D 482 2.73 41.17 -27.86
N ASP D 483 1.69 40.44 -27.49
CA ASP D 483 0.61 41.04 -26.71
C ASP D 483 1.15 41.70 -25.46
N VAL D 484 2.13 41.07 -24.85
CA VAL D 484 2.75 41.65 -23.67
C VAL D 484 3.50 42.86 -24.22
N HIS D 485 4.10 42.68 -25.41
CA HIS D 485 4.80 43.74 -26.12
C HIS D 485 5.27 43.34 -27.50
N PRO D 486 5.02 44.22 -28.49
CA PRO D 486 5.41 44.00 -29.89
C PRO D 486 6.81 43.47 -30.03
N GLU D 487 7.76 44.22 -29.45
CA GLU D 487 9.17 43.87 -29.52
C GLU D 487 9.43 42.47 -28.95
N TYR D 488 9.00 42.25 -27.72
CA TYR D 488 9.18 40.95 -27.06
C TYR D 488 9.01 39.88 -28.13
N GLY D 489 7.83 39.89 -28.77
CA GLY D 489 7.55 38.92 -29.81
C GLY D 489 8.63 38.88 -30.88
N SER D 490 8.61 39.86 -31.80
CA SER D 490 9.58 39.93 -32.88
C SER D 490 11.00 39.58 -32.46
N ARG D 491 11.47 40.23 -31.40
CA ARG D 491 12.84 39.98 -30.92
C ARG D 491 13.11 38.50 -30.80
N ILE D 492 12.14 37.77 -30.25
CA ILE D 492 12.28 36.32 -30.10
C ILE D 492 12.16 35.66 -31.48
N GLN D 493 11.05 35.99 -32.18
CA GLN D 493 10.80 35.45 -33.49
C GLN D 493 12.11 35.39 -34.28
N ALA D 494 12.76 36.55 -34.36
CA ALA D 494 14.02 36.70 -35.07
C ALA D 494 14.92 35.50 -34.81
N LEU D 495 15.21 35.27 -33.53
CA LEU D 495 16.07 34.17 -33.14
C LEU D 495 15.61 32.83 -33.73
N LEU D 496 14.31 32.59 -33.71
CA LEU D 496 13.77 31.36 -34.26
C LEU D 496 14.11 31.14 -35.73
N ASP D 497 13.80 32.12 -36.58
CA ASP D 497 14.10 31.99 -38.01
C ASP D 497 15.58 31.59 -38.19
N LYS D 498 16.44 32.20 -37.38
CA LYS D 498 17.87 31.91 -37.45
C LYS D 498 18.02 30.47 -36.94
N TYR D 499 17.43 30.23 -35.79
CA TYR D 499 17.47 28.91 -35.19
C TYR D 499 17.01 27.84 -36.16
N ASN D 500 16.11 28.22 -37.08
CA ASN D 500 15.63 27.25 -38.07
C ASN D 500 16.66 27.13 -39.18
N GLU D 501 17.86 27.73 -38.94
CA GLU D 501 18.97 27.70 -39.87
C GLU D 501 18.57 27.51 -41.33
#